data_3EJX
#
_entry.id   3EJX
#
_cell.length_a   102.540
_cell.length_b   136.439
_cell.length_c   102.570
_cell.angle_alpha   90.00
_cell.angle_beta   119.54
_cell.angle_gamma   90.00
#
_symmetry.space_group_name_H-M   'P 1 21 1'
#
loop_
_entity.id
_entity.type
_entity.pdbx_description
1 polymer 'Diaminopimelate epimerase, chloroplastic'
2 non-polymer '(2S,6S)-2,6-DIAMINO-2-METHYLHEPTANEDIOIC ACID'
3 water water
#
_entity_poly.entity_id   1
_entity_poly.type   'polypeptide(L)'
_entity_poly.pdbx_seq_one_letter_code
;AAASMDAVTAEKFSPASFLDKKETGVLHFVKYHGLGNDFILVDNRDSSEPKITQEQAAKLCDRNFGVGADGVIFAMPGVN
GTDYAMRIFNSDGSEPEMCGNGVRCFARFIAELENLQGKHSFTIHTGAGLIVPEIQDDGQVKVDMGTPILKAQDVPTKLS
GNKGEAVVEAELVVDGVSWNVTCVSMGNPHCITFGKKGGPNLKVDDLNLPEIGPKFEHHEMFPARTNTEFVEVLSRSHLK
MRVWERGAGATLACGTGACALVVAAVLEGRADRKCTVDLPGGPLEIEWKQEDNHIYMTGPAEAVFYGSALLHHHHHH
;
_entity_poly.pdbx_strand_id   A,B,C,D,E,F
#
loop_
_chem_comp.id
_chem_comp.type
_chem_comp.name
_chem_comp.formula
ZDP non-polymer '(2S,6S)-2,6-DIAMINO-2-METHYLHEPTANEDIOIC ACID' 'C8 H16 N2 O4'
#
# COMPACT_ATOMS: atom_id res chain seq x y z
N GLY A 25 10.21 9.35 -26.32
CA GLY A 25 10.29 8.98 -24.88
C GLY A 25 9.01 8.32 -24.37
N VAL A 26 8.77 8.41 -23.07
CA VAL A 26 7.56 7.84 -22.48
C VAL A 26 7.06 8.76 -21.37
N LEU A 27 5.73 8.87 -21.23
CA LEU A 27 5.11 9.70 -20.17
C LEU A 27 4.32 8.76 -19.26
N HIS A 28 4.67 8.74 -17.98
CA HIS A 28 3.93 7.90 -17.02
C HIS A 28 2.87 8.81 -16.44
N PHE A 29 1.65 8.29 -16.30
CA PHE A 29 0.55 9.12 -15.81
C PHE A 29 -0.52 8.26 -15.15
N VAL A 30 -1.49 8.93 -14.53
CA VAL A 30 -2.62 8.25 -13.92
C VAL A 30 -3.87 8.94 -14.49
N LYS A 31 -4.84 8.16 -14.96
CA LYS A 31 -6.08 8.75 -15.52
C LYS A 31 -7.11 8.89 -14.39
N TYR A 32 -7.70 10.08 -14.30
CA TYR A 32 -8.74 10.39 -13.29
C TYR A 32 -9.90 11.08 -14.02
N HIS A 33 -11.05 11.18 -13.35
CA HIS A 33 -12.18 11.93 -13.91
C HIS A 33 -12.96 12.53 -12.73
N GLY A 34 -13.49 13.72 -12.96
CA GLY A 34 -14.30 14.38 -11.96
C GLY A 34 -15.62 14.56 -12.67
N LEU A 35 -16.61 13.75 -12.31
CA LEU A 35 -17.96 13.76 -12.94
C LEU A 35 -17.84 13.55 -14.46
N GLY A 36 -16.87 12.75 -14.89
CA GLY A 36 -16.74 12.51 -16.33
C GLY A 36 -15.86 13.47 -17.11
N ASN A 37 -15.43 14.55 -16.46
CA ASN A 37 -14.50 15.52 -17.05
C ASN A 37 -13.19 14.77 -16.74
N ASP A 38 -12.60 14.12 -17.74
CA ASP A 38 -11.45 13.22 -17.50
C ASP A 38 -10.09 13.83 -17.85
N PHE A 39 -9.08 13.45 -17.07
CA PHE A 39 -7.74 14.03 -17.23
C PHE A 39 -6.61 13.04 -17.06
N ILE A 40 -5.49 13.41 -17.67
CA ILE A 40 -4.24 12.68 -17.59
C ILE A 40 -3.46 13.45 -16.51
N LEU A 41 -3.18 12.80 -15.37
CA LEU A 41 -2.46 13.46 -14.28
C LEU A 41 -1.00 13.03 -14.29
N VAL A 42 -0.08 13.99 -14.20
CA VAL A 42 1.32 13.62 -14.23
C VAL A 42 2.05 14.21 -13.03
N ASP A 43 2.94 13.40 -12.47
CA ASP A 43 3.76 13.80 -11.33
C ASP A 43 4.92 14.64 -11.87
N ASN A 44 4.82 15.95 -11.73
CA ASN A 44 5.85 16.87 -12.26
C ASN A 44 6.45 17.62 -11.07
N ARG A 45 6.48 16.98 -9.90
CA ARG A 45 6.97 17.63 -8.67
C ARG A 45 8.47 17.88 -8.68
N ASP A 46 9.20 17.34 -9.65
CA ASP A 46 10.66 17.53 -9.66
C ASP A 46 11.07 18.80 -10.43
N SER A 47 10.15 19.49 -11.08
CA SER A 47 10.56 20.66 -11.89
C SER A 47 9.42 21.61 -12.17
N SER A 48 9.74 22.89 -12.31
CA SER A 48 8.74 23.91 -12.63
C SER A 48 8.45 23.88 -14.15
N GLU A 49 9.12 23.00 -14.88
CA GLU A 49 8.94 22.90 -16.34
C GLU A 49 8.05 21.68 -16.67
N PRO A 50 6.88 21.91 -17.29
CA PRO A 50 6.03 20.75 -17.60
C PRO A 50 6.84 19.73 -18.41
N LYS A 51 6.63 18.44 -18.12
CA LYS A 51 7.34 17.36 -18.77
C LYS A 51 7.07 17.25 -20.27
N ILE A 52 5.91 17.71 -20.74
CA ILE A 52 5.62 17.63 -22.18
C ILE A 52 5.20 19.00 -22.69
N THR A 53 5.19 19.16 -24.00
CA THR A 53 4.82 20.43 -24.62
C THR A 53 3.30 20.45 -24.79
N GLN A 54 2.78 21.63 -25.11
CA GLN A 54 1.36 21.80 -25.34
C GLN A 54 0.97 20.97 -26.56
N GLU A 55 1.85 20.94 -27.55
CA GLU A 55 1.60 20.17 -28.77
C GLU A 55 1.51 18.69 -28.43
N GLN A 56 2.40 18.21 -27.56
CA GLN A 56 2.35 16.78 -27.18
C GLN A 56 1.08 16.50 -26.38
N ALA A 57 0.68 17.42 -25.54
CA ALA A 57 -0.54 17.22 -24.73
C ALA A 57 -1.77 17.09 -25.66
N ALA A 58 -1.86 17.96 -26.67
CA ALA A 58 -3.00 17.91 -27.62
C ALA A 58 -3.04 16.52 -28.26
N LYS A 59 -1.88 15.99 -28.66
CA LYS A 59 -1.81 14.65 -29.28
C LYS A 59 -2.24 13.57 -28.29
N LEU A 60 -1.77 13.64 -27.06
CA LEU A 60 -2.13 12.62 -26.07
C LEU A 60 -3.62 12.65 -25.75
N CYS A 61 -4.25 13.81 -25.85
CA CYS A 61 -5.67 13.95 -25.52
C CYS A 61 -6.58 13.42 -26.62
N ASP A 62 -6.04 13.13 -27.80
CA ASP A 62 -6.89 12.59 -28.89
C ASP A 62 -7.42 11.26 -28.40
N ARG A 63 -8.73 11.06 -28.47
CA ARG A 63 -9.31 9.85 -27.94
C ARG A 63 -9.08 8.59 -28.76
N ASN A 64 -8.85 8.72 -30.06
CA ASN A 64 -8.63 7.51 -30.87
C ASN A 64 -7.14 7.27 -31.15
N PHE A 65 -6.38 8.34 -31.32
CA PHE A 65 -4.95 8.23 -31.65
C PHE A 65 -4.06 8.41 -30.42
N GLY A 66 -4.60 8.91 -29.32
CA GLY A 66 -3.80 9.10 -28.13
C GLY A 66 -4.38 8.37 -26.94
N VAL A 67 -4.11 8.90 -25.74
CA VAL A 67 -4.64 8.32 -24.50
C VAL A 67 -6.12 8.67 -24.40
N GLY A 68 -6.44 9.92 -24.71
CA GLY A 68 -7.83 10.37 -24.66
C GLY A 68 -8.15 11.05 -23.34
N ALA A 69 -8.46 12.35 -23.39
CA ALA A 69 -8.78 13.11 -22.16
C ALA A 69 -9.23 14.52 -22.54
N ASP A 70 -9.79 15.24 -21.55
CA ASP A 70 -10.21 16.63 -21.77
C ASP A 70 -9.02 17.54 -21.47
N GLY A 71 -7.98 16.97 -20.87
CA GLY A 71 -6.79 17.77 -20.56
C GLY A 71 -5.70 17.00 -19.85
N VAL A 72 -4.52 17.62 -19.74
CA VAL A 72 -3.37 17.03 -19.02
C VAL A 72 -3.12 17.97 -17.85
N ILE A 73 -2.99 17.43 -16.64
CA ILE A 73 -2.78 18.23 -15.45
C ILE A 73 -1.45 17.83 -14.80
N PHE A 74 -0.63 18.83 -14.48
CA PHE A 74 0.69 18.59 -13.89
C PHE A 74 0.72 19.01 -12.43
N ALA A 75 1.23 18.15 -11.57
CA ALA A 75 1.40 18.45 -10.14
C ALA A 75 2.85 18.95 -10.05
N MET A 76 3.02 20.24 -9.76
CA MET A 76 4.35 20.84 -9.77
C MET A 76 4.76 21.37 -8.39
N PRO A 77 6.02 21.79 -8.28
CA PRO A 77 6.49 22.32 -7.00
C PRO A 77 5.74 23.57 -6.58
N GLY A 78 5.61 23.76 -5.27
CA GLY A 78 4.91 24.91 -4.74
C GLY A 78 5.52 26.21 -5.20
N VAL A 79 4.74 27.27 -5.08
CA VAL A 79 5.19 28.60 -5.49
C VAL A 79 4.86 29.60 -4.40
N ASN A 80 5.85 30.42 -4.09
CA ASN A 80 5.73 31.45 -3.07
C ASN A 80 5.08 30.87 -1.82
N GLY A 81 5.51 29.68 -1.42
CA GLY A 81 4.95 29.11 -0.21
C GLY A 81 3.85 28.07 -0.26
N THR A 82 3.20 27.87 -1.41
CA THR A 82 2.11 26.88 -1.48
C THR A 82 2.70 25.49 -1.43
N ASP A 83 1.88 24.49 -1.09
CA ASP A 83 2.33 23.09 -1.03
C ASP A 83 2.71 22.62 -2.44
N TYR A 84 1.90 23.03 -3.42
CA TYR A 84 2.15 22.62 -4.82
C TYR A 84 1.64 23.71 -5.77
N ALA A 85 1.87 23.47 -7.06
CA ALA A 85 1.38 24.35 -8.09
C ALA A 85 0.71 23.42 -9.09
N MET A 86 -0.27 23.93 -9.81
CA MET A 86 -0.94 23.09 -10.82
C MET A 86 -0.97 23.85 -12.14
N ARG A 87 -0.63 23.15 -13.21
CA ARG A 87 -0.72 23.72 -14.55
C ARG A 87 -1.50 22.71 -15.34
N ILE A 88 -2.29 23.19 -16.30
CA ILE A 88 -3.11 22.29 -17.09
C ILE A 88 -3.10 22.71 -18.55
N PHE A 89 -3.15 21.72 -19.43
CA PHE A 89 -3.26 22.00 -20.87
C PHE A 89 -4.60 21.40 -21.30
N ASN A 90 -5.41 22.18 -22.00
CA ASN A 90 -6.71 21.70 -22.53
C ASN A 90 -6.39 20.67 -23.62
N SER A 91 -7.39 19.89 -24.03
CA SER A 91 -7.19 18.88 -25.08
C SER A 91 -6.80 19.53 -26.42
N ASP A 92 -7.05 20.83 -26.60
CA ASP A 92 -6.65 21.50 -27.84
C ASP A 92 -5.22 22.06 -27.66
N GLY A 93 -4.63 21.84 -26.48
CA GLY A 93 -3.27 22.31 -26.25
C GLY A 93 -3.11 23.68 -25.60
N SER A 94 -4.19 24.46 -25.53
CA SER A 94 -4.13 25.79 -24.91
C SER A 94 -3.97 25.62 -23.39
N GLU A 95 -3.45 26.65 -22.72
CA GLU A 95 -3.28 26.55 -21.26
C GLU A 95 -4.23 27.48 -20.52
N PRO A 96 -5.29 26.91 -19.88
CA PRO A 96 -6.27 27.69 -19.12
C PRO A 96 -5.70 28.00 -17.73
N GLU A 97 -6.32 28.91 -17.00
CA GLU A 97 -5.73 29.27 -15.71
C GLU A 97 -6.22 28.47 -14.49
N MET A 98 -7.27 27.64 -14.65
CA MET A 98 -7.74 26.80 -13.53
C MET A 98 -8.67 25.73 -14.05
N CYS A 99 -8.99 24.79 -13.17
CA CYS A 99 -9.89 23.70 -13.53
C CYS A 99 -10.34 23.07 -12.21
N GLY A 100 -11.63 23.22 -11.94
CA GLY A 100 -12.24 22.71 -10.71
C GLY A 100 -12.32 21.19 -10.63
N ASN A 101 -12.83 20.52 -11.65
CA ASN A 101 -12.89 19.07 -11.59
C ASN A 101 -11.45 18.54 -11.51
N GLY A 102 -10.54 19.20 -12.22
CA GLY A 102 -9.16 18.75 -12.22
C GLY A 102 -8.46 18.88 -10.88
N VAL A 103 -8.74 19.97 -10.14
CA VAL A 103 -8.06 20.16 -8.85
C VAL A 103 -8.59 19.11 -7.84
N ARG A 104 -9.84 18.67 -7.99
CA ARG A 104 -10.31 17.61 -7.07
C ARG A 104 -9.52 16.34 -7.40
N CYS A 105 -9.29 16.05 -8.69
CA CYS A 105 -8.50 14.86 -9.08
C CYS A 105 -7.06 15.04 -8.55
N PHE A 106 -6.55 16.27 -8.67
CA PHE A 106 -5.18 16.63 -8.22
C PHE A 106 -5.01 16.27 -6.72
N ALA A 107 -5.99 16.65 -5.90
CA ALA A 107 -5.94 16.36 -4.45
C ALA A 107 -5.89 14.85 -4.22
N ARG A 108 -6.72 14.08 -4.93
CA ARG A 108 -6.68 12.62 -4.71
C ARG A 108 -5.36 12.03 -5.22
N PHE A 109 -4.80 12.62 -6.26
CA PHE A 109 -3.52 12.15 -6.87
C PHE A 109 -2.39 12.33 -5.84
N ILE A 110 -2.35 13.50 -5.20
CA ILE A 110 -1.32 13.77 -4.19
C ILE A 110 -1.49 12.74 -3.04
N ALA A 111 -2.71 12.60 -2.55
CA ALA A 111 -3.00 11.65 -1.46
C ALA A 111 -2.52 10.26 -1.83
N GLU A 112 -2.71 9.87 -3.10
CA GLU A 112 -2.28 8.54 -3.54
C GLU A 112 -0.76 8.46 -3.61
N LEU A 113 -0.13 9.46 -4.21
CA LEU A 113 1.32 9.48 -4.35
C LEU A 113 2.02 9.48 -2.99
N GLU A 114 1.41 10.16 -2.01
CA GLU A 114 2.01 10.27 -0.68
C GLU A 114 1.38 9.30 0.31
N ASN A 115 0.47 8.45 -0.15
CA ASN A 115 -0.21 7.49 0.73
C ASN A 115 -0.73 8.21 1.98
N LEU A 116 -1.45 9.31 1.78
CA LEU A 116 -2.02 10.08 2.89
C LEU A 116 -3.38 9.47 3.21
N GLN A 117 -3.69 9.34 4.50
CA GLN A 117 -4.96 8.73 4.89
C GLN A 117 -5.80 9.77 5.62
N GLY A 118 -7.11 9.72 5.40
CA GLY A 118 -7.98 10.65 6.07
C GLY A 118 -8.06 12.03 5.43
N LYS A 119 -8.51 13.00 6.22
CA LYS A 119 -8.68 14.36 5.76
C LYS A 119 -7.36 15.10 5.64
N HIS A 120 -7.13 15.66 4.46
CA HIS A 120 -5.91 16.44 4.17
C HIS A 120 -6.29 17.58 3.22
N SER A 121 -5.63 18.73 3.38
CA SER A 121 -5.89 19.87 2.49
C SER A 121 -4.52 20.34 1.98
N PHE A 122 -4.51 20.98 0.82
CA PHE A 122 -3.25 21.42 0.21
C PHE A 122 -3.42 22.80 -0.36
N THR A 123 -2.36 23.61 -0.28
CA THR A 123 -2.42 24.94 -0.89
C THR A 123 -1.82 24.76 -2.28
N ILE A 124 -2.54 25.21 -3.30
CA ILE A 124 -2.07 25.06 -4.68
C ILE A 124 -2.04 26.41 -5.39
N HIS A 125 -0.89 26.73 -5.97
CA HIS A 125 -0.73 27.95 -6.77
C HIS A 125 -1.20 27.60 -8.19
N THR A 126 -2.05 28.44 -8.78
CA THR A 126 -2.58 28.22 -10.14
C THR A 126 -2.59 29.56 -10.86
N GLY A 127 -2.93 29.55 -12.15
CA GLY A 127 -3.01 30.79 -12.90
C GLY A 127 -4.15 31.66 -12.38
N ALA A 128 -5.01 31.10 -11.54
CA ALA A 128 -6.14 31.87 -10.97
C ALA A 128 -5.78 32.34 -9.55
N GLY A 129 -4.59 32.00 -9.07
CA GLY A 129 -4.21 32.37 -7.72
C GLY A 129 -4.28 31.15 -6.80
N LEU A 130 -4.47 31.38 -5.52
CA LEU A 130 -4.51 30.29 -4.54
C LEU A 130 -5.83 29.52 -4.59
N ILE A 131 -5.71 28.19 -4.58
CA ILE A 131 -6.87 27.26 -4.59
C ILE A 131 -6.56 26.24 -3.51
N VAL A 132 -7.53 25.91 -2.66
CA VAL A 132 -7.26 25.01 -1.55
C VAL A 132 -8.24 23.84 -1.47
N PRO A 133 -7.86 22.69 -2.03
CA PRO A 133 -8.74 21.54 -1.97
C PRO A 133 -8.57 20.81 -0.63
N GLU A 134 -9.65 20.21 -0.13
CA GLU A 134 -9.60 19.47 1.11
C GLU A 134 -10.39 18.17 0.93
N ILE A 135 -9.70 17.05 1.14
CA ILE A 135 -10.32 15.74 1.02
C ILE A 135 -11.21 15.54 2.24
N GLN A 136 -12.49 15.24 1.99
CA GLN A 136 -13.49 15.05 3.06
C GLN A 136 -13.54 13.59 3.53
N ASP A 137 -14.24 13.40 4.65
CA ASP A 137 -14.42 12.07 5.26
C ASP A 137 -14.96 11.07 4.25
N ASP A 138 -15.94 11.51 3.45
CA ASP A 138 -16.56 10.60 2.47
C ASP A 138 -15.72 10.43 1.21
N GLY A 139 -14.52 11.02 1.19
CA GLY A 139 -13.68 10.88 0.01
C GLY A 139 -13.91 11.94 -1.06
N GLN A 140 -14.97 12.74 -0.91
CA GLN A 140 -15.22 13.83 -1.87
C GLN A 140 -14.20 14.91 -1.59
N VAL A 141 -14.12 15.92 -2.46
CA VAL A 141 -13.13 16.96 -2.25
C VAL A 141 -13.88 18.27 -2.25
N LYS A 142 -13.69 19.05 -1.19
CA LYS A 142 -14.33 20.36 -1.08
C LYS A 142 -13.22 21.36 -1.38
N VAL A 143 -13.45 22.24 -2.33
CA VAL A 143 -12.40 23.15 -2.75
C VAL A 143 -12.75 24.62 -2.58
N ASP A 144 -11.80 25.36 -2.03
CA ASP A 144 -11.92 26.81 -1.90
C ASP A 144 -11.40 27.26 -3.28
N MET A 145 -12.32 27.64 -4.16
CA MET A 145 -12.00 28.01 -5.54
C MET A 145 -11.64 29.50 -5.69
N GLY A 146 -11.40 30.19 -4.57
CA GLY A 146 -11.03 31.59 -4.65
C GLY A 146 -12.23 32.51 -4.79
N THR A 147 -12.01 33.73 -5.29
CA THR A 147 -13.11 34.69 -5.42
C THR A 147 -13.37 34.99 -6.90
N PRO A 148 -14.64 35.25 -7.26
CA PRO A 148 -14.97 35.54 -8.67
C PRO A 148 -14.52 36.93 -9.09
N ILE A 149 -14.10 37.06 -10.35
CA ILE A 149 -13.66 38.34 -10.90
C ILE A 149 -14.79 38.79 -11.83
N LEU A 150 -15.31 39.99 -11.59
CA LEU A 150 -16.47 40.45 -12.38
C LEU A 150 -16.16 41.66 -13.26
N LYS A 151 -15.09 42.39 -12.98
CA LYS A 151 -14.77 43.56 -13.82
C LYS A 151 -14.60 43.07 -15.26
N ALA A 152 -15.42 43.61 -16.18
CA ALA A 152 -15.45 43.19 -17.59
C ALA A 152 -14.09 43.04 -18.26
N GLN A 153 -13.24 44.07 -18.19
CA GLN A 153 -11.96 43.97 -18.88
C GLN A 153 -11.03 42.92 -18.27
N ASP A 154 -11.29 42.45 -17.05
CA ASP A 154 -10.40 41.43 -16.44
C ASP A 154 -10.94 40.01 -16.69
N VAL A 155 -12.15 39.88 -17.21
CA VAL A 155 -12.73 38.54 -17.44
C VAL A 155 -11.84 37.68 -18.36
N PRO A 156 -11.47 38.16 -19.56
CA PRO A 156 -11.78 39.46 -20.15
C PRO A 156 -12.89 39.34 -21.19
N THR A 157 -13.64 40.43 -21.35
CA THR A 157 -14.67 40.52 -22.38
C THR A 157 -14.70 41.97 -22.83
N LYS A 158 -15.09 42.19 -24.08
CA LYS A 158 -15.16 43.53 -24.61
C LYS A 158 -16.59 44.06 -24.43
N LEU A 159 -17.50 43.26 -23.86
CA LEU A 159 -18.87 43.76 -23.60
C LEU A 159 -18.75 44.85 -22.53
N SER A 160 -19.59 45.87 -22.60
CA SER A 160 -19.52 46.97 -21.62
C SER A 160 -20.21 46.54 -20.33
N GLY A 161 -19.63 46.90 -19.19
CA GLY A 161 -20.26 46.54 -17.93
C GLY A 161 -21.58 47.30 -17.86
N ASN A 162 -22.63 46.66 -17.33
CA ASN A 162 -23.93 47.33 -17.21
C ASN A 162 -24.43 47.27 -15.76
N LYS A 163 -23.65 46.65 -14.89
CA LYS A 163 -23.95 46.60 -13.46
C LYS A 163 -22.63 46.95 -12.81
N GLY A 164 -22.37 48.24 -12.65
CA GLY A 164 -21.09 48.64 -12.11
C GLY A 164 -20.19 48.31 -13.29
N GLU A 165 -19.07 47.61 -13.04
CA GLU A 165 -18.17 47.24 -14.13
C GLU A 165 -18.46 45.81 -14.60
N ALA A 166 -19.45 45.16 -13.99
CA ALA A 166 -19.78 43.76 -14.32
C ALA A 166 -20.78 43.71 -15.48
N VAL A 167 -20.73 42.63 -16.23
CA VAL A 167 -21.65 42.39 -17.35
C VAL A 167 -22.66 41.40 -16.81
N VAL A 168 -23.89 41.86 -16.62
CA VAL A 168 -24.92 41.02 -16.03
C VAL A 168 -26.17 41.06 -16.88
N GLU A 169 -26.56 39.90 -17.40
CA GLU A 169 -27.74 39.76 -18.26
C GLU A 169 -27.68 40.85 -19.33
N ALA A 170 -26.55 40.91 -20.05
CA ALA A 170 -26.33 41.93 -21.09
C ALA A 170 -26.46 41.28 -22.46
N GLU A 171 -26.77 42.09 -23.46
CA GLU A 171 -26.99 41.59 -24.83
C GLU A 171 -25.68 41.20 -25.51
N LEU A 172 -25.67 40.00 -26.08
CA LEU A 172 -24.53 39.49 -26.84
C LEU A 172 -25.14 39.01 -28.14
N VAL A 173 -24.73 39.56 -29.27
CA VAL A 173 -25.31 39.12 -30.56
C VAL A 173 -24.45 37.97 -31.09
N VAL A 174 -25.02 36.78 -31.11
CA VAL A 174 -24.32 35.58 -31.56
C VAL A 174 -24.88 35.16 -32.92
N ASP A 175 -24.05 35.26 -33.95
CA ASP A 175 -24.44 34.93 -35.32
C ASP A 175 -25.77 35.60 -35.68
N GLY A 176 -25.87 36.89 -35.38
CA GLY A 176 -27.07 37.65 -35.67
C GLY A 176 -28.25 37.50 -34.71
N VAL A 177 -28.12 36.65 -33.69
CA VAL A 177 -29.24 36.39 -32.72
C VAL A 177 -28.89 36.98 -31.34
N SER A 178 -29.83 37.69 -30.74
CA SER A 178 -29.56 38.34 -29.44
C SER A 178 -29.77 37.41 -28.25
N TRP A 179 -28.68 37.16 -27.52
CA TRP A 179 -28.72 36.37 -26.30
C TRP A 179 -28.40 37.32 -25.14
N ASN A 180 -28.84 36.99 -23.93
CA ASN A 180 -28.47 37.80 -22.77
C ASN A 180 -27.45 36.94 -22.02
N VAL A 181 -26.35 37.54 -21.60
CA VAL A 181 -25.32 36.77 -20.91
C VAL A 181 -24.77 37.55 -19.71
N THR A 182 -24.13 36.80 -18.80
CA THR A 182 -23.46 37.37 -17.63
C THR A 182 -22.04 36.83 -17.68
N CYS A 183 -21.05 37.69 -17.46
CA CYS A 183 -19.65 37.24 -17.57
C CYS A 183 -18.97 37.23 -16.21
N VAL A 184 -18.29 36.12 -15.93
CA VAL A 184 -17.52 36.03 -14.69
C VAL A 184 -16.27 35.19 -14.95
N SER A 185 -15.21 35.56 -14.26
CA SER A 185 -13.94 34.84 -14.37
C SER A 185 -13.63 34.15 -13.04
N MET A 186 -13.14 32.92 -13.16
CA MET A 186 -12.69 32.13 -12.01
C MET A 186 -11.22 31.92 -12.32
N GLY A 187 -10.63 32.95 -12.91
CA GLY A 187 -9.26 32.86 -13.36
C GLY A 187 -9.44 32.68 -14.86
N ASN A 188 -10.30 31.74 -15.24
CA ASN A 188 -10.61 31.52 -16.65
C ASN A 188 -11.94 32.22 -16.93
N PRO A 189 -12.21 32.58 -18.20
CA PRO A 189 -13.45 33.28 -18.56
C PRO A 189 -14.68 32.42 -18.76
N HIS A 190 -15.82 32.93 -18.29
CA HIS A 190 -17.08 32.21 -18.42
C HIS A 190 -18.16 33.18 -18.88
N CYS A 191 -18.97 32.70 -19.81
CA CYS A 191 -20.09 33.43 -20.38
C CYS A 191 -21.31 32.57 -20.01
N ILE A 192 -22.14 33.06 -19.10
CA ILE A 192 -23.30 32.26 -18.63
C ILE A 192 -24.60 32.82 -19.22
N THR A 193 -25.46 31.95 -19.75
CA THR A 193 -26.73 32.43 -20.28
C THR A 193 -27.88 31.58 -19.79
N PHE A 194 -28.99 32.25 -19.47
CA PHE A 194 -30.20 31.56 -19.05
C PHE A 194 -31.22 31.64 -20.20
N GLY A 195 -30.77 32.08 -21.37
CA GLY A 195 -31.65 32.18 -22.52
C GLY A 195 -31.40 33.38 -23.43
N LYS A 196 -32.13 33.41 -24.53
CA LYS A 196 -32.01 34.51 -25.49
C LYS A 196 -32.68 35.76 -24.94
N LYS A 197 -32.26 36.93 -25.44
CA LYS A 197 -32.86 38.19 -24.99
C LYS A 197 -34.32 38.12 -25.39
N GLY A 198 -35.19 38.41 -24.43
CA GLY A 198 -36.63 38.40 -24.67
C GLY A 198 -37.15 37.00 -24.96
N GLY A 199 -36.40 35.99 -24.52
CA GLY A 199 -36.82 34.62 -24.78
C GLY A 199 -37.25 33.85 -23.55
N PRO A 200 -37.81 32.65 -23.73
CA PRO A 200 -38.26 31.83 -22.60
C PRO A 200 -37.07 31.14 -21.92
N ASN A 201 -37.33 30.45 -20.82
CA ASN A 201 -36.27 29.73 -20.11
C ASN A 201 -35.79 28.63 -21.05
N LEU A 202 -34.57 28.15 -20.83
CA LEU A 202 -34.00 27.11 -21.69
C LEU A 202 -34.29 25.72 -21.17
N LYS A 203 -34.34 24.78 -22.11
CA LYS A 203 -34.40 23.34 -21.82
C LYS A 203 -33.03 22.99 -22.38
N VAL A 204 -32.00 23.02 -21.54
CA VAL A 204 -30.63 22.83 -22.05
C VAL A 204 -30.43 21.57 -22.86
N ASP A 205 -31.12 20.49 -22.53
CA ASP A 205 -30.90 19.27 -23.29
C ASP A 205 -31.37 19.42 -24.74
N ASP A 206 -32.16 20.44 -25.04
CA ASP A 206 -32.65 20.62 -26.41
C ASP A 206 -31.64 21.40 -27.26
N LEU A 207 -30.64 22.00 -26.62
CA LEU A 207 -29.64 22.77 -27.38
C LEU A 207 -28.71 21.85 -28.19
N ASN A 208 -28.26 22.37 -29.33
CA ASN A 208 -27.33 21.66 -30.19
C ASN A 208 -25.97 22.33 -29.90
N LEU A 209 -25.25 21.82 -28.91
CA LEU A 209 -23.98 22.45 -28.48
C LEU A 209 -22.92 22.51 -29.55
N PRO A 210 -22.74 21.43 -30.33
CA PRO A 210 -21.70 21.49 -31.36
C PRO A 210 -21.94 22.61 -32.37
N GLU A 211 -23.18 23.05 -32.47
CA GLU A 211 -23.55 24.09 -33.40
C GLU A 211 -23.42 25.48 -32.76
N ILE A 212 -24.11 25.70 -31.65
CA ILE A 212 -24.12 27.02 -30.98
C ILE A 212 -22.82 27.27 -30.16
N GLY A 213 -22.27 26.23 -29.54
CA GLY A 213 -21.07 26.40 -28.72
C GLY A 213 -19.90 27.18 -29.30
N PRO A 214 -19.38 26.77 -30.47
CA PRO A 214 -18.25 27.44 -31.11
C PRO A 214 -18.50 28.93 -31.39
N LYS A 215 -19.76 29.31 -31.59
CA LYS A 215 -20.11 30.70 -31.89
C LYS A 215 -19.88 31.56 -30.64
N PHE A 216 -20.02 30.96 -29.46
CA PHE A 216 -19.77 31.73 -28.22
C PHE A 216 -18.26 31.66 -27.94
N GLU A 217 -17.72 30.44 -27.98
CA GLU A 217 -16.32 30.20 -27.67
C GLU A 217 -15.38 31.17 -28.40
N HIS A 218 -15.58 31.36 -29.70
CA HIS A 218 -14.69 32.21 -30.49
C HIS A 218 -15.26 33.59 -30.74
N HIS A 219 -16.31 33.98 -30.04
CA HIS A 219 -16.92 35.29 -30.27
C HIS A 219 -15.90 36.44 -30.11
N GLU A 220 -16.03 37.42 -30.99
CA GLU A 220 -15.18 38.61 -31.02
C GLU A 220 -15.21 39.37 -29.68
N MET A 221 -16.25 39.18 -28.87
CA MET A 221 -16.34 39.90 -27.60
C MET A 221 -15.49 39.24 -26.50
N PHE A 222 -14.87 38.10 -26.82
CA PHE A 222 -14.06 37.36 -25.87
C PHE A 222 -12.65 37.17 -26.46
N PRO A 223 -11.77 38.13 -26.21
CA PRO A 223 -10.39 38.14 -26.71
C PRO A 223 -9.58 36.87 -26.42
N ALA A 224 -9.84 36.23 -25.29
CA ALA A 224 -9.09 35.02 -24.93
C ALA A 224 -9.98 33.80 -25.10
N ARG A 225 -11.04 33.96 -25.88
CA ARG A 225 -12.09 32.93 -26.06
C ARG A 225 -12.81 32.82 -24.72
N THR A 226 -13.80 31.93 -24.63
CA THR A 226 -14.52 31.79 -23.34
C THR A 226 -15.15 30.42 -23.25
N ASN A 227 -15.45 30.03 -22.00
CA ASN A 227 -16.20 28.81 -21.70
C ASN A 227 -17.64 29.33 -21.67
N THR A 228 -18.62 28.49 -22.02
CA THR A 228 -20.00 28.97 -22.03
C THR A 228 -20.89 28.00 -21.29
N GLU A 229 -21.66 28.50 -20.34
CA GLU A 229 -22.55 27.65 -19.59
C GLU A 229 -23.99 28.05 -19.91
N PHE A 230 -24.80 27.05 -20.28
CA PHE A 230 -26.24 27.23 -20.61
C PHE A 230 -26.97 26.71 -19.37
N VAL A 231 -27.84 27.53 -18.79
CA VAL A 231 -28.45 27.14 -17.52
C VAL A 231 -29.97 27.15 -17.53
N GLU A 232 -30.51 26.15 -16.82
CA GLU A 232 -31.94 25.93 -16.62
C GLU A 232 -32.16 25.98 -15.10
N VAL A 233 -32.94 26.94 -14.61
CA VAL A 233 -33.17 27.05 -13.16
C VAL A 233 -34.28 26.09 -12.73
N LEU A 234 -33.98 25.15 -11.83
CA LEU A 234 -34.99 24.18 -11.38
C LEU A 234 -35.66 24.73 -10.11
N SER A 235 -34.88 25.42 -9.29
CA SER A 235 -35.39 26.06 -8.07
C SER A 235 -34.31 27.07 -7.68
N ARG A 236 -34.56 27.87 -6.65
CA ARG A 236 -33.57 28.87 -6.26
C ARG A 236 -32.31 28.23 -5.66
N SER A 237 -32.29 26.92 -5.47
CA SER A 237 -31.10 26.27 -4.91
C SER A 237 -30.75 25.05 -5.76
N HIS A 238 -31.27 24.99 -6.98
CA HIS A 238 -31.05 23.81 -7.85
C HIS A 238 -30.99 24.26 -9.31
N LEU A 239 -29.83 24.12 -9.94
CA LEU A 239 -29.63 24.56 -11.33
C LEU A 239 -29.14 23.40 -12.18
N LYS A 240 -29.61 23.36 -13.43
CA LYS A 240 -29.19 22.32 -14.39
C LYS A 240 -28.39 23.03 -15.49
N MET A 241 -27.31 22.42 -15.94
CA MET A 241 -26.50 23.12 -16.95
C MET A 241 -25.85 22.17 -17.92
N ARG A 242 -25.39 22.75 -19.02
CA ARG A 242 -24.58 22.06 -20.04
C ARG A 242 -23.51 23.08 -20.35
N VAL A 243 -22.33 22.63 -20.78
CA VAL A 243 -21.26 23.57 -21.02
C VAL A 243 -20.52 23.28 -22.31
N TRP A 244 -20.09 24.34 -22.97
CA TRP A 244 -19.23 24.22 -24.14
C TRP A 244 -17.96 24.91 -23.67
N GLU A 245 -16.92 24.13 -23.41
CA GLU A 245 -15.66 24.66 -22.88
C GLU A 245 -14.70 25.15 -23.93
N ARG A 246 -14.04 26.24 -23.59
CA ARG A 246 -12.97 26.77 -24.42
C ARG A 246 -11.96 25.62 -24.51
N GLY A 247 -11.53 25.32 -25.73
CA GLY A 247 -10.52 24.30 -25.95
C GLY A 247 -10.81 22.85 -25.59
N ALA A 248 -12.02 22.53 -25.17
CA ALA A 248 -12.29 21.13 -24.80
C ALA A 248 -13.67 20.69 -25.29
N GLY A 249 -14.50 21.63 -25.70
CA GLY A 249 -15.82 21.26 -26.19
C GLY A 249 -16.91 20.93 -25.19
N ALA A 250 -17.83 20.05 -25.58
CA ALA A 250 -18.96 19.67 -24.73
C ALA A 250 -18.54 18.57 -23.74
N THR A 251 -18.03 18.98 -22.59
CA THR A 251 -17.56 18.03 -21.57
C THR A 251 -18.75 17.61 -20.67
N LEU A 252 -18.53 16.56 -19.87
CA LEU A 252 -19.57 16.07 -18.99
C LEU A 252 -19.68 16.94 -17.73
N ALA A 253 -18.70 17.81 -17.48
CA ALA A 253 -18.78 18.65 -16.28
C ALA A 253 -17.65 19.67 -16.31
N CYS A 254 -17.85 20.79 -15.62
CA CYS A 254 -16.82 21.84 -15.51
C CYS A 254 -17.01 22.48 -14.14
N GLY A 255 -16.01 22.33 -13.28
CA GLY A 255 -16.10 22.88 -11.94
C GLY A 255 -16.01 24.38 -11.88
N THR A 256 -15.09 24.98 -12.66
CA THR A 256 -15.02 26.44 -12.65
C THR A 256 -16.33 26.97 -13.27
N GLY A 257 -16.87 26.24 -14.25
CA GLY A 257 -18.12 26.67 -14.87
C GLY A 257 -19.29 26.64 -13.89
N ALA A 258 -19.36 25.59 -13.08
CA ALA A 258 -20.44 25.46 -12.10
C ALA A 258 -20.32 26.59 -11.08
N CYS A 259 -19.10 26.96 -10.72
CA CYS A 259 -18.92 28.08 -9.75
C CYS A 259 -19.38 29.38 -10.41
N ALA A 260 -18.95 29.60 -11.66
CA ALA A 260 -19.28 30.85 -12.37
C ALA A 260 -20.78 31.00 -12.61
N LEU A 261 -21.48 29.92 -12.94
CA LEU A 261 -22.91 30.04 -13.22
C LEU A 261 -23.71 30.31 -11.94
N VAL A 262 -23.24 29.83 -10.79
CA VAL A 262 -23.95 30.12 -9.53
C VAL A 262 -23.77 31.62 -9.26
N VAL A 263 -22.55 32.13 -9.47
CA VAL A 263 -22.31 33.57 -9.29
C VAL A 263 -23.28 34.35 -10.20
N ALA A 264 -23.38 33.95 -11.46
CA ALA A 264 -24.25 34.61 -12.44
C ALA A 264 -25.72 34.52 -12.01
N ALA A 265 -26.15 33.34 -11.54
CA ALA A 265 -27.54 33.15 -11.10
C ALA A 265 -27.85 34.10 -9.95
N VAL A 266 -26.91 34.24 -9.02
CA VAL A 266 -27.11 35.16 -7.88
C VAL A 266 -27.17 36.61 -8.39
N LEU A 267 -26.23 37.00 -9.24
CA LEU A 267 -26.20 38.38 -9.78
C LEU A 267 -27.47 38.71 -10.55
N GLU A 268 -28.05 37.72 -11.22
CA GLU A 268 -29.27 37.98 -12.01
C GLU A 268 -30.51 37.83 -11.13
N GLY A 269 -30.30 37.51 -9.87
CA GLY A 269 -31.40 37.34 -8.91
C GLY A 269 -32.25 36.11 -9.13
N ARG A 270 -31.68 35.11 -9.80
CA ARG A 270 -32.44 33.88 -10.11
C ARG A 270 -32.24 32.77 -9.09
N ALA A 271 -31.17 32.84 -8.30
CA ALA A 271 -30.94 31.78 -7.31
C ALA A 271 -30.17 32.30 -6.11
N ASP A 272 -30.11 31.48 -5.08
CA ASP A 272 -29.41 31.83 -3.86
C ASP A 272 -27.96 31.39 -3.94
N ARG A 273 -27.17 31.85 -2.98
CA ARG A 273 -25.72 31.62 -2.94
C ARG A 273 -25.31 30.16 -2.74
N LYS A 274 -26.21 29.32 -2.24
CA LYS A 274 -25.85 27.90 -2.06
C LYS A 274 -26.77 27.11 -2.99
N CYS A 275 -26.17 26.38 -3.93
CA CYS A 275 -26.96 25.61 -4.90
C CYS A 275 -26.34 24.26 -5.18
N THR A 276 -27.20 23.36 -5.62
CA THR A 276 -26.78 22.08 -6.10
C THR A 276 -26.81 22.35 -7.61
N VAL A 277 -25.74 22.03 -8.32
CA VAL A 277 -25.70 22.23 -9.77
C VAL A 277 -25.67 20.86 -10.43
N ASP A 278 -26.61 20.58 -11.32
CA ASP A 278 -26.64 19.29 -12.02
C ASP A 278 -25.93 19.48 -13.36
N LEU A 279 -24.82 18.77 -13.53
CA LEU A 279 -24.04 18.79 -14.77
C LEU A 279 -24.30 17.45 -15.47
N PRO A 280 -23.96 17.34 -16.76
CA PRO A 280 -24.21 16.07 -17.44
C PRO A 280 -23.70 14.83 -16.70
N GLY A 281 -22.52 14.91 -16.09
CA GLY A 281 -22.00 13.74 -15.40
C GLY A 281 -22.41 13.56 -13.96
N GLY A 282 -23.15 14.52 -13.41
CA GLY A 282 -23.56 14.42 -12.02
C GLY A 282 -23.62 15.77 -11.33
N PRO A 283 -23.94 15.81 -10.02
CA PRO A 283 -24.03 17.08 -9.29
C PRO A 283 -22.82 17.57 -8.52
N LEU A 284 -22.75 18.89 -8.37
CA LEU A 284 -21.71 19.53 -7.57
C LEU A 284 -22.42 20.44 -6.58
N GLU A 285 -21.89 20.53 -5.36
CA GLU A 285 -22.46 21.44 -4.34
C GLU A 285 -21.63 22.71 -4.40
N ILE A 286 -22.29 23.84 -4.62
CA ILE A 286 -21.60 25.13 -4.79
C ILE A 286 -22.13 26.16 -3.78
N GLU A 287 -21.23 26.92 -3.18
CA GLU A 287 -21.66 27.99 -2.28
C GLU A 287 -20.74 29.19 -2.45
N TRP A 288 -21.35 30.34 -2.75
CA TRP A 288 -20.61 31.60 -2.90
C TRP A 288 -20.85 32.33 -1.57
N LYS A 289 -19.89 32.27 -0.65
CA LYS A 289 -20.09 32.89 0.70
C LYS A 289 -19.93 34.40 0.69
N GLN A 290 -20.93 35.09 1.22
CA GLN A 290 -20.88 36.55 1.28
C GLN A 290 -19.86 36.96 2.35
N GLU A 291 -19.65 36.12 3.34
CA GLU A 291 -18.72 36.45 4.44
C GLU A 291 -17.32 36.78 3.96
N ASP A 292 -16.85 36.10 2.91
CA ASP A 292 -15.48 36.34 2.41
C ASP A 292 -15.40 36.42 0.86
N ASN A 293 -16.53 36.27 0.17
CA ASN A 293 -16.59 36.35 -1.32
C ASN A 293 -15.98 35.09 -1.97
N HIS A 294 -15.55 34.11 -1.18
CA HIS A 294 -14.96 32.87 -1.74
C HIS A 294 -16.08 31.91 -2.18
N ILE A 295 -15.76 31.06 -3.15
CA ILE A 295 -16.72 30.07 -3.63
C ILE A 295 -16.17 28.69 -3.30
N TYR A 296 -17.01 27.84 -2.70
CA TYR A 296 -16.61 26.49 -2.34
C TYR A 296 -17.38 25.51 -3.25
N MET A 297 -16.64 24.54 -3.79
CA MET A 297 -17.19 23.54 -4.70
C MET A 297 -16.84 22.16 -4.13
N THR A 298 -17.85 21.31 -3.95
CA THR A 298 -17.63 19.96 -3.42
C THR A 298 -18.12 18.95 -4.45
N GLY A 299 -17.31 17.92 -4.71
CA GLY A 299 -17.68 16.90 -5.66
C GLY A 299 -16.72 15.73 -5.61
N PRO A 300 -16.96 14.67 -6.40
CA PRO A 300 -16.11 13.48 -6.45
C PRO A 300 -14.92 13.58 -7.41
N ALA A 301 -14.03 12.61 -7.31
CA ALA A 301 -12.85 12.48 -8.18
C ALA A 301 -12.43 11.02 -8.02
N GLU A 302 -12.20 10.33 -9.12
CA GLU A 302 -11.87 8.90 -9.06
C GLU A 302 -10.78 8.54 -10.07
N ALA A 303 -9.89 7.65 -9.64
CA ALA A 303 -8.82 7.15 -10.49
C ALA A 303 -9.46 6.08 -11.41
N VAL A 304 -8.99 5.98 -12.64
CA VAL A 304 -9.56 5.02 -13.61
C VAL A 304 -8.53 3.97 -13.99
N PHE A 305 -7.32 4.43 -14.36
CA PHE A 305 -6.23 3.51 -14.72
C PHE A 305 -4.94 4.31 -14.73
N TYR A 306 -3.81 3.61 -14.83
CA TYR A 306 -2.57 4.32 -14.92
C TYR A 306 -1.79 3.70 -16.06
N GLY A 307 -0.90 4.47 -16.67
CA GLY A 307 -0.15 3.93 -17.78
C GLY A 307 1.06 4.71 -18.23
N SER A 308 1.66 4.23 -19.30
CA SER A 308 2.84 4.87 -19.86
C SER A 308 2.53 5.09 -21.33
N ALA A 309 2.62 6.33 -21.77
CA ALA A 309 2.31 6.64 -23.15
C ALA A 309 3.57 6.94 -23.93
N LEU A 310 3.59 6.46 -25.16
CA LEU A 310 4.70 6.66 -26.07
C LEU A 310 4.65 8.13 -26.53
N LEU A 311 5.80 8.82 -26.48
CA LEU A 311 5.86 10.22 -26.90
C LEU A 311 6.61 10.34 -28.25
N GLY B 25 20.73 -4.50 23.21
CA GLY B 25 20.05 -3.24 22.78
C GLY B 25 19.67 -3.23 21.31
N VAL B 26 18.95 -2.19 20.88
CA VAL B 26 18.52 -2.07 19.47
C VAL B 26 18.70 -0.62 19.02
N LEU B 27 19.28 -0.42 17.83
CA LEU B 27 19.43 0.92 17.27
C LEU B 27 18.54 1.01 16.04
N HIS B 28 17.59 1.96 16.04
CA HIS B 28 16.70 2.15 14.88
C HIS B 28 17.38 3.21 14.02
N PHE B 29 17.37 3.03 12.70
CA PHE B 29 18.05 3.98 11.82
C PHE B 29 17.50 3.90 10.42
N VAL B 30 17.98 4.80 9.57
CA VAL B 30 17.61 4.79 8.18
C VAL B 30 18.92 4.89 7.38
N LYS B 31 19.09 4.03 6.38
CA LYS B 31 20.32 4.05 5.55
C LYS B 31 20.13 5.00 4.37
N TYR B 32 21.11 5.89 4.16
CA TYR B 32 21.10 6.87 3.05
C TYR B 32 22.48 6.83 2.41
N HIS B 33 22.60 7.43 1.22
CA HIS B 33 23.90 7.56 0.56
C HIS B 33 23.86 8.83 -0.29
N GLY B 34 25.00 9.51 -0.34
CA GLY B 34 25.16 10.70 -1.14
C GLY B 34 26.27 10.31 -2.11
N LEU B 35 25.91 10.03 -3.37
CA LEU B 35 26.85 9.58 -4.40
C LEU B 35 27.63 8.34 -3.94
N GLY B 36 27.00 7.44 -3.19
CA GLY B 36 27.72 6.24 -2.80
C GLY B 36 28.48 6.31 -1.48
N ASN B 37 28.59 7.51 -0.93
CA ASN B 37 29.20 7.73 0.40
C ASN B 37 27.95 7.44 1.26
N ASP B 38 27.90 6.25 1.85
CA ASP B 38 26.68 5.78 2.59
C ASP B 38 26.77 5.91 4.11
N PHE B 39 25.63 6.25 4.72
CA PHE B 39 25.57 6.48 6.16
C PHE B 39 24.36 5.86 6.84
N ILE B 40 24.54 5.69 8.15
CA ILE B 40 23.50 5.21 9.05
C ILE B 40 23.00 6.49 9.73
N LEU B 41 21.76 6.89 9.45
CA LEU B 41 21.22 8.12 10.07
C LEU B 41 20.35 7.75 11.25
N VAL B 42 20.55 8.42 12.38
CA VAL B 42 19.73 8.12 13.54
C VAL B 42 19.08 9.41 14.07
N ASP B 43 17.82 9.27 14.46
CA ASP B 43 17.03 10.39 15.00
C ASP B 43 17.44 10.50 16.47
N ASN B 44 18.25 11.50 16.76
CA ASN B 44 18.77 11.71 18.12
C ASN B 44 18.29 13.07 18.59
N ARG B 45 17.15 13.51 18.07
CA ARG B 45 16.59 14.83 18.37
C ARG B 45 16.16 14.95 19.83
N ASP B 46 16.11 13.84 20.56
CA ASP B 46 15.66 13.86 21.94
C ASP B 46 16.82 14.04 22.92
N SER B 47 18.05 14.13 22.45
CA SER B 47 19.15 14.26 23.40
C SER B 47 20.41 14.85 22.77
N SER B 48 21.19 15.53 23.60
CA SER B 48 22.41 16.17 23.18
C SER B 48 23.57 15.15 23.18
N GLU B 49 23.30 13.93 23.63
CA GLU B 49 24.34 12.91 23.65
C GLU B 49 23.98 11.81 22.67
N PRO B 50 24.93 11.42 21.81
CA PRO B 50 24.70 10.37 20.81
C PRO B 50 24.21 9.06 21.44
N LYS B 51 23.23 8.44 20.82
CA LYS B 51 22.61 7.20 21.32
C LYS B 51 23.61 6.03 21.42
N ILE B 52 24.70 6.06 20.66
CA ILE B 52 25.66 4.95 20.72
C ILE B 52 27.06 5.50 20.92
N THR B 53 27.99 4.63 21.29
CA THR B 53 29.37 5.06 21.50
C THR B 53 30.13 5.00 20.18
N GLN B 54 31.32 5.58 20.16
CA GLN B 54 32.15 5.58 18.95
C GLN B 54 32.54 4.15 18.65
N GLU B 55 32.76 3.36 19.69
CA GLU B 55 33.14 1.97 19.52
C GLU B 55 31.98 1.20 18.89
N GLN B 56 30.75 1.48 19.31
CA GLN B 56 29.60 0.79 18.74
C GLN B 56 29.45 1.20 17.27
N ALA B 57 29.69 2.47 16.98
CA ALA B 57 29.55 2.96 15.60
C ALA B 57 30.53 2.21 14.69
N ALA B 58 31.77 2.06 15.14
CA ALA B 58 32.78 1.37 14.33
C ALA B 58 32.30 -0.05 14.02
N LYS B 59 31.73 -0.73 15.01
CA LYS B 59 31.24 -2.11 14.81
C LYS B 59 30.09 -2.10 13.80
N LEU B 60 29.15 -1.18 13.97
CA LEU B 60 27.98 -1.11 13.08
C LEU B 60 28.40 -0.83 11.63
N CYS B 61 29.49 -0.08 11.44
CA CYS B 61 29.93 0.27 10.08
C CYS B 61 30.64 -0.87 9.37
N ASP B 62 31.01 -1.93 10.09
CA ASP B 62 31.68 -3.06 9.42
C ASP B 62 30.71 -3.59 8.37
N ARG B 63 31.18 -3.76 7.15
CA ARG B 63 30.25 -4.17 6.09
C ARG B 63 29.82 -5.64 6.11
N ASN B 64 30.63 -6.53 6.69
CA ASN B 64 30.23 -7.96 6.71
C ASN B 64 29.65 -8.35 8.06
N PHE B 65 30.17 -7.78 9.14
CA PHE B 65 29.72 -8.15 10.49
C PHE B 65 28.73 -7.15 11.06
N GLY B 66 28.56 -6.01 10.41
CA GLY B 66 27.63 -5.02 10.91
C GLY B 66 26.61 -4.60 9.85
N VAL B 67 26.13 -3.37 9.96
CA VAL B 67 25.16 -2.85 8.99
C VAL B 67 25.93 -2.49 7.72
N GLY B 68 27.10 -1.89 7.90
CA GLY B 68 27.92 -1.48 6.77
C GLY B 68 27.68 -0.05 6.36
N ALA B 69 28.68 0.82 6.54
CA ALA B 69 28.52 2.24 6.18
C ALA B 69 29.86 2.96 6.29
N ASP B 70 29.93 4.17 5.72
CA ASP B 70 31.14 4.97 5.81
C ASP B 70 31.07 5.76 7.11
N GLY B 71 29.90 5.78 7.73
CA GLY B 71 29.77 6.51 8.99
C GLY B 71 28.37 6.48 9.58
N VAL B 72 28.22 7.00 10.80
CA VAL B 72 26.92 7.10 11.49
C VAL B 72 26.69 8.58 11.73
N ILE B 73 25.50 9.07 11.34
CA ILE B 73 25.18 10.48 11.47
C ILE B 73 23.98 10.66 12.40
N PHE B 74 24.12 11.56 13.36
CA PHE B 74 23.06 11.78 14.35
C PHE B 74 22.39 13.13 14.12
N ALA B 75 21.05 13.13 14.09
CA ALA B 75 20.29 14.36 13.98
C ALA B 75 20.01 14.75 15.44
N MET B 76 20.66 15.81 15.91
CA MET B 76 20.52 16.24 17.31
C MET B 76 19.78 17.56 17.44
N PRO B 77 19.44 17.93 18.68
CA PRO B 77 18.73 19.18 18.92
C PRO B 77 19.57 20.40 18.52
N GLY B 78 18.89 21.46 18.10
CA GLY B 78 19.58 22.68 17.69
C GLY B 78 20.45 23.26 18.80
N VAL B 79 21.42 24.07 18.39
CA VAL B 79 22.33 24.71 19.34
C VAL B 79 22.36 26.21 19.02
N ASN B 80 22.20 27.04 20.05
CA ASN B 80 22.20 28.51 19.90
C ASN B 80 21.30 29.00 18.77
N GLY B 81 20.07 28.50 18.72
CA GLY B 81 19.14 28.94 17.71
C GLY B 81 19.05 28.18 16.40
N THR B 82 19.98 27.26 16.13
CA THR B 82 19.88 26.52 14.86
C THR B 82 18.70 25.56 14.94
N ASP B 83 18.18 25.15 13.78
CA ASP B 83 17.06 24.21 13.75
C ASP B 83 17.51 22.87 14.34
N TYR B 84 18.72 22.45 14.01
CA TYR B 84 19.22 21.16 14.51
C TYR B 84 20.73 21.23 14.63
N ALA B 85 21.31 20.15 15.11
CA ALA B 85 22.77 20.02 15.21
C ALA B 85 23.07 18.64 14.58
N MET B 86 24.28 18.46 14.07
CA MET B 86 24.64 17.17 13.47
C MET B 86 25.99 16.74 14.04
N ARG B 87 26.09 15.46 14.39
CA ARG B 87 27.34 14.91 14.85
C ARG B 87 27.54 13.64 14.03
N ILE B 88 28.78 13.29 13.76
CA ILE B 88 29.03 12.11 12.93
C ILE B 88 30.23 11.35 13.46
N PHE B 89 30.18 10.02 13.32
CA PHE B 89 31.30 9.16 13.71
C PHE B 89 31.72 8.47 12.41
N ASN B 90 33.00 8.49 12.09
CA ASN B 90 33.53 7.82 10.89
C ASN B 90 33.41 6.31 11.13
N SER B 91 33.55 5.51 10.08
CA SER B 91 33.47 4.05 10.21
C SER B 91 34.60 3.52 11.13
N ASP B 92 35.66 4.31 11.38
CA ASP B 92 36.73 3.85 12.29
C ASP B 92 36.41 4.33 13.71
N GLY B 93 35.26 4.98 13.88
CA GLY B 93 34.87 5.46 15.20
C GLY B 93 35.28 6.88 15.55
N SER B 94 36.20 7.49 14.79
CA SER B 94 36.64 8.85 15.11
C SER B 94 35.50 9.84 14.79
N GLU B 95 35.52 11.02 15.42
CA GLU B 95 34.47 12.01 15.16
C GLU B 95 35.01 13.21 14.38
N PRO B 96 34.67 13.30 13.08
CA PRO B 96 35.12 14.40 12.22
C PRO B 96 34.21 15.62 12.49
N GLU B 97 34.56 16.78 11.99
CA GLU B 97 33.75 17.95 12.31
C GLU B 97 32.65 18.29 11.28
N MET B 98 32.62 17.63 10.13
CA MET B 98 31.55 17.91 9.15
C MET B 98 31.57 16.81 8.10
N CYS B 99 30.53 16.78 7.28
CA CYS B 99 30.41 15.81 6.21
C CYS B 99 29.38 16.34 5.23
N GLY B 100 29.83 16.67 4.03
CA GLY B 100 28.95 17.22 2.99
C GLY B 100 27.92 16.23 2.45
N ASN B 101 28.35 15.05 2.02
CA ASN B 101 27.37 14.09 1.50
C ASN B 101 26.40 13.76 2.61
N GLY B 102 26.93 13.68 3.83
CA GLY B 102 26.10 13.35 4.98
C GLY B 102 25.06 14.41 5.32
N VAL B 103 25.40 15.68 5.18
CA VAL B 103 24.43 16.74 5.52
C VAL B 103 23.32 16.80 4.47
N ARG B 104 23.59 16.36 3.23
CA ARG B 104 22.53 16.34 2.22
C ARG B 104 21.56 15.22 2.63
N CYS B 105 22.09 14.09 3.08
CA CYS B 105 21.24 12.97 3.54
C CYS B 105 20.45 13.44 4.76
N PHE B 106 21.13 14.17 5.66
CA PHE B 106 20.51 14.70 6.90
C PHE B 106 19.26 15.53 6.55
N ALA B 107 19.36 16.43 5.58
CA ALA B 107 18.21 17.27 5.19
C ALA B 107 17.04 16.42 4.69
N ARG B 108 17.33 15.43 3.84
CA ARG B 108 16.26 14.56 3.32
C ARG B 108 15.64 13.74 4.47
N PHE B 109 16.48 13.28 5.40
CA PHE B 109 16.04 12.49 6.58
C PHE B 109 15.06 13.32 7.43
N ILE B 110 15.42 14.55 7.76
CA ILE B 110 14.53 15.42 8.55
C ILE B 110 13.20 15.59 7.79
N ALA B 111 13.28 15.89 6.49
CA ALA B 111 12.09 16.10 5.66
C ALA B 111 11.13 14.88 5.74
N GLU B 112 11.70 13.68 5.74
CA GLU B 112 10.90 12.44 5.81
C GLU B 112 10.23 12.34 7.19
N LEU B 113 10.97 12.64 8.24
CA LEU B 113 10.43 12.57 9.60
C LEU B 113 9.32 13.61 9.82
N GLU B 114 9.47 14.80 9.28
CA GLU B 114 8.50 15.91 9.52
C GLU B 114 7.51 16.15 8.38
N ASN B 115 7.44 15.22 7.44
CA ASN B 115 6.55 15.37 6.28
C ASN B 115 6.76 16.74 5.61
N LEU B 116 8.01 17.12 5.35
CA LEU B 116 8.27 18.40 4.65
C LEU B 116 8.40 18.07 3.16
N GLN B 117 7.50 18.60 2.34
CA GLN B 117 7.46 18.32 0.89
C GLN B 117 8.10 19.46 0.11
N GLY B 118 8.85 19.11 -0.92
CA GLY B 118 9.47 20.15 -1.72
C GLY B 118 10.62 20.88 -1.07
N LYS B 119 10.88 22.08 -1.59
CA LYS B 119 11.99 22.94 -1.16
C LYS B 119 11.84 23.35 0.30
N HIS B 120 12.92 23.19 1.06
CA HIS B 120 12.97 23.54 2.49
C HIS B 120 14.45 23.68 2.88
N SER B 121 14.78 24.65 3.72
CA SER B 121 16.18 24.79 4.15
C SER B 121 16.17 24.71 5.68
N PHE B 122 17.30 24.30 6.25
CA PHE B 122 17.42 24.16 7.71
C PHE B 122 18.78 24.69 8.12
N THR B 123 18.87 25.22 9.33
CA THR B 123 20.15 25.69 9.85
C THR B 123 20.68 24.55 10.73
N ILE B 124 21.93 24.16 10.52
CA ILE B 124 22.49 23.03 11.24
C ILE B 124 23.79 23.42 11.93
N HIS B 125 23.84 23.19 13.24
CA HIS B 125 25.07 23.46 13.99
C HIS B 125 25.97 22.22 13.82
N THR B 126 27.25 22.43 13.49
CA THR B 126 28.19 21.31 13.30
C THR B 126 29.53 21.73 13.87
N GLY B 127 30.46 20.77 13.89
CA GLY B 127 31.81 21.04 14.36
C GLY B 127 32.54 22.04 13.49
N ALA B 128 31.98 22.36 12.33
CA ALA B 128 32.59 23.33 11.41
C ALA B 128 31.84 24.66 11.49
N GLY B 129 30.84 24.73 12.36
CA GLY B 129 30.05 25.94 12.45
C GLY B 129 28.70 25.74 11.77
N LEU B 130 28.10 26.84 11.31
CA LEU B 130 26.79 26.79 10.67
C LEU B 130 26.88 26.24 9.24
N ILE B 131 25.96 25.32 8.95
CA ILE B 131 25.86 24.71 7.62
C ILE B 131 24.38 24.82 7.27
N VAL B 132 24.05 25.20 6.04
CA VAL B 132 22.62 25.39 5.69
C VAL B 132 22.24 24.67 4.40
N PRO B 133 21.72 23.44 4.53
CA PRO B 133 21.32 22.70 3.33
C PRO B 133 19.92 23.19 2.92
N GLU B 134 19.65 23.21 1.63
CA GLU B 134 18.32 23.59 1.14
C GLU B 134 17.91 22.54 0.11
N ILE B 135 16.82 21.82 0.39
CA ILE B 135 16.36 20.79 -0.55
C ILE B 135 15.83 21.53 -1.78
N GLN B 136 16.19 21.05 -2.97
CA GLN B 136 15.80 21.66 -4.26
C GLN B 136 14.55 20.97 -4.80
N ASP B 137 13.97 21.53 -5.86
CA ASP B 137 12.74 20.97 -6.45
C ASP B 137 12.95 19.52 -6.90
N ASP B 138 14.12 19.22 -7.45
CA ASP B 138 14.35 17.88 -7.97
C ASP B 138 14.79 16.89 -6.91
N GLY B 139 14.84 17.30 -5.65
CA GLY B 139 15.22 16.36 -4.62
C GLY B 139 16.70 16.36 -4.27
N GLN B 140 17.50 17.09 -5.03
CA GLN B 140 18.91 17.22 -4.71
C GLN B 140 18.94 18.24 -3.58
N VAL B 141 20.11 18.43 -2.96
CA VAL B 141 20.25 19.37 -1.86
C VAL B 141 21.43 20.27 -2.17
N LYS B 142 21.17 21.58 -2.12
CA LYS B 142 22.19 22.62 -2.35
C LYS B 142 22.58 23.10 -0.96
N VAL B 143 23.84 22.95 -0.60
CA VAL B 143 24.28 23.30 0.75
C VAL B 143 25.24 24.50 0.80
N ASP B 144 24.99 25.37 1.77
CA ASP B 144 25.86 26.50 2.04
C ASP B 144 26.85 25.87 3.02
N MET B 145 28.06 25.58 2.54
CA MET B 145 29.07 24.88 3.37
C MET B 145 29.94 25.84 4.18
N GLY B 146 29.57 27.12 4.22
CA GLY B 146 30.38 28.05 4.97
C GLY B 146 31.60 28.52 4.22
N THR B 147 32.59 29.04 4.94
CA THR B 147 33.81 29.58 4.34
C THR B 147 34.99 28.64 4.65
N PRO B 148 35.94 28.54 3.72
CA PRO B 148 37.11 27.66 3.92
C PRO B 148 38.11 28.25 4.94
N ILE B 149 38.84 27.36 5.64
CA ILE B 149 39.85 27.76 6.63
C ILE B 149 41.19 27.40 6.00
N LEU B 150 42.05 28.41 5.80
CA LEU B 150 43.32 28.20 5.12
C LEU B 150 44.53 28.42 6.03
N LYS B 151 44.35 29.02 7.20
CA LYS B 151 45.51 29.25 8.05
C LYS B 151 46.07 27.87 8.48
N ALA B 152 47.33 27.63 8.14
CA ALA B 152 48.01 26.34 8.42
C ALA B 152 47.71 25.79 9.81
N GLN B 153 48.01 26.55 10.86
CA GLN B 153 47.82 26.07 12.22
C GLN B 153 46.39 25.62 12.49
N ASP B 154 45.41 26.17 11.80
CA ASP B 154 44.00 25.82 12.08
C ASP B 154 43.45 24.72 11.18
N VAL B 155 44.19 24.32 10.14
CA VAL B 155 43.70 23.28 9.24
C VAL B 155 43.36 21.98 10.00
N PRO B 156 44.28 21.44 10.82
CA PRO B 156 45.64 21.88 11.15
C PRO B 156 46.71 21.10 10.39
N THR B 157 47.82 21.76 10.13
CA THR B 157 48.96 21.10 9.49
C THR B 157 50.20 21.77 10.03
N LYS B 158 51.31 21.02 10.12
CA LYS B 158 52.57 21.58 10.60
C LYS B 158 53.36 22.15 9.44
N LEU B 159 52.84 22.02 8.21
CA LEU B 159 53.53 22.60 7.05
C LEU B 159 53.48 24.11 7.25
N SER B 160 54.53 24.81 6.82
CA SER B 160 54.57 26.28 6.96
C SER B 160 53.79 26.93 5.83
N GLY B 161 53.05 27.99 6.14
CA GLY B 161 52.31 28.69 5.10
C GLY B 161 53.32 29.28 4.12
N ASN B 162 53.06 29.19 2.82
CA ASN B 162 53.96 29.74 1.82
C ASN B 162 53.26 30.81 0.99
N LYS B 163 52.02 31.12 1.34
CA LYS B 163 51.23 32.17 0.67
C LYS B 163 50.43 32.73 1.81
N GLY B 164 51.03 33.65 2.56
CA GLY B 164 50.37 34.17 3.74
C GLY B 164 50.49 33.00 4.69
N GLU B 165 49.46 32.70 5.48
CA GLU B 165 49.55 31.56 6.38
C GLU B 165 48.94 30.34 5.69
N ALA B 166 48.62 30.46 4.40
CA ALA B 166 48.03 29.33 3.68
C ALA B 166 49.13 28.48 3.04
N VAL B 167 48.87 27.18 2.99
CA VAL B 167 49.80 26.23 2.39
C VAL B 167 49.25 25.95 0.99
N VAL B 168 49.92 26.49 -0.03
CA VAL B 168 49.46 26.32 -1.41
C VAL B 168 50.57 25.76 -2.30
N GLU B 169 50.31 24.60 -2.89
CA GLU B 169 51.25 23.91 -3.76
C GLU B 169 52.62 23.87 -3.08
N ALA B 170 52.63 23.40 -1.83
CA ALA B 170 53.87 23.32 -1.03
C ALA B 170 54.41 21.89 -1.03
N GLU B 171 55.70 21.75 -0.77
CA GLU B 171 56.32 20.42 -0.78
C GLU B 171 55.97 19.63 0.49
N LEU B 172 55.55 18.38 0.29
CA LEU B 172 55.22 17.44 1.38
C LEU B 172 55.99 16.17 1.01
N VAL B 173 56.93 15.74 1.84
CA VAL B 173 57.71 14.53 1.54
C VAL B 173 56.93 13.34 2.11
N VAL B 174 56.44 12.49 1.21
CA VAL B 174 55.64 11.33 1.61
C VAL B 174 56.44 10.07 1.33
N ASP B 175 56.84 9.38 2.40
CA ASP B 175 57.62 8.14 2.30
C ASP B 175 58.83 8.39 1.37
N GLY B 176 59.53 9.49 1.63
CA GLY B 176 60.71 9.84 0.86
C GLY B 176 60.48 10.45 -0.52
N VAL B 177 59.23 10.64 -0.95
CA VAL B 177 58.92 11.17 -2.29
C VAL B 177 58.27 12.55 -2.15
N SER B 178 58.73 13.51 -2.93
CA SER B 178 58.23 14.87 -2.83
C SER B 178 56.96 15.09 -3.63
N TRP B 179 55.89 15.44 -2.91
CA TRP B 179 54.60 15.76 -3.54
C TRP B 179 54.36 17.25 -3.27
N ASN B 180 53.53 17.89 -4.09
CA ASN B 180 53.15 19.29 -3.81
C ASN B 180 51.70 19.21 -3.36
N VAL B 181 51.34 19.90 -2.28
CA VAL B 181 49.98 19.83 -1.76
C VAL B 181 49.48 21.20 -1.35
N THR B 182 48.16 21.34 -1.29
CA THR B 182 47.51 22.56 -0.81
C THR B 182 46.62 22.09 0.34
N CYS B 183 46.63 22.83 1.45
CA CYS B 183 45.85 22.41 2.59
C CYS B 183 44.66 23.34 2.85
N VAL B 184 43.49 22.76 3.05
CA VAL B 184 42.32 23.59 3.37
C VAL B 184 41.41 22.81 4.31
N SER B 185 40.77 23.53 5.21
CA SER B 185 39.87 22.90 6.14
C SER B 185 38.44 23.37 5.85
N MET B 186 37.50 22.44 5.96
CA MET B 186 36.05 22.71 5.82
C MET B 186 35.52 22.31 7.18
N GLY B 187 36.31 22.61 8.20
CA GLY B 187 36.00 22.19 9.56
C GLY B 187 36.92 20.98 9.74
N ASN B 188 36.91 20.08 8.76
CA ASN B 188 37.80 18.91 8.79
C ASN B 188 38.99 19.21 7.86
N PRO B 189 40.12 18.53 8.07
CA PRO B 189 41.30 18.78 7.24
C PRO B 189 41.40 18.06 5.91
N HIS B 190 41.87 18.78 4.91
CA HIS B 190 42.04 18.23 3.57
C HIS B 190 43.41 18.60 3.04
N CYS B 191 44.02 17.63 2.37
CA CYS B 191 45.34 17.75 1.75
C CYS B 191 45.06 17.43 0.28
N ILE B 192 45.15 18.44 -0.57
CA ILE B 192 44.81 18.27 -2.00
C ILE B 192 46.08 18.30 -2.84
N THR B 193 46.21 17.33 -3.75
CA THR B 193 47.39 17.32 -4.62
C THR B 193 46.99 17.11 -6.06
N PHE B 194 47.70 17.80 -6.95
CA PHE B 194 47.50 17.69 -8.40
C PHE B 194 48.71 16.97 -8.99
N GLY B 195 49.54 16.40 -8.11
CA GLY B 195 50.71 15.68 -8.60
C GLY B 195 51.95 15.87 -7.77
N LYS B 196 52.99 15.11 -8.10
CA LYS B 196 54.26 15.18 -7.38
C LYS B 196 55.01 16.47 -7.71
N LYS B 197 55.94 16.86 -6.85
CA LYS B 197 56.74 18.06 -7.08
C LYS B 197 57.56 17.81 -8.35
N GLY B 198 57.52 18.75 -9.29
CA GLY B 198 58.25 18.60 -10.55
C GLY B 198 57.74 17.44 -11.40
N GLY B 199 56.49 17.06 -11.21
CA GLY B 199 55.96 15.94 -11.97
C GLY B 199 54.82 16.31 -12.89
N PRO B 200 54.39 15.37 -13.75
CA PRO B 200 53.29 15.62 -14.69
C PRO B 200 51.92 15.58 -13.99
N ASN B 201 50.86 15.85 -14.75
CA ASN B 201 49.50 15.83 -14.21
C ASN B 201 49.18 14.38 -13.86
N LEU B 202 48.22 14.19 -12.97
CA LEU B 202 47.84 12.85 -12.54
C LEU B 202 46.71 12.27 -13.38
N LYS B 203 46.72 10.94 -13.48
CA LYS B 203 45.65 10.14 -14.08
C LYS B 203 45.22 9.46 -12.78
N VAL B 204 44.24 10.03 -12.09
CA VAL B 204 43.89 9.52 -10.75
C VAL B 204 43.50 8.05 -10.74
N ASP B 205 42.87 7.55 -11.80
CA ASP B 205 42.49 6.14 -11.78
C ASP B 205 43.72 5.22 -11.77
N ASP B 206 44.91 5.75 -12.07
CA ASP B 206 46.12 4.90 -12.08
C ASP B 206 46.73 4.79 -10.68
N LEU B 207 46.30 5.64 -9.74
CA LEU B 207 46.84 5.61 -8.38
C LEU B 207 46.40 4.34 -7.63
N ASN B 208 47.27 3.89 -6.72
CA ASN B 208 46.99 2.76 -5.85
C ASN B 208 46.68 3.39 -4.48
N LEU B 209 45.42 3.78 -4.28
CA LEU B 209 45.01 4.47 -3.05
C LEU B 209 45.28 3.71 -1.76
N PRO B 210 44.99 2.39 -1.73
CA PRO B 210 45.26 1.65 -0.49
C PRO B 210 46.72 1.70 -0.07
N GLU B 211 47.59 1.96 -1.05
CA GLU B 211 49.02 2.03 -0.78
C GLU B 211 49.45 3.47 -0.42
N ILE B 212 49.14 4.43 -1.28
CA ILE B 212 49.56 5.81 -1.04
C ILE B 212 48.68 6.55 -0.02
N GLY B 213 47.38 6.27 -0.01
CA GLY B 213 46.45 6.94 0.90
C GLY B 213 46.86 7.02 2.36
N PRO B 214 47.11 5.89 3.01
CA PRO B 214 47.51 5.85 4.43
C PRO B 214 48.76 6.66 4.74
N LYS B 215 49.64 6.83 3.76
CA LYS B 215 50.90 7.59 3.96
C LYS B 215 50.58 9.08 4.12
N PHE B 216 49.49 9.53 3.50
CA PHE B 216 49.09 10.94 3.64
C PHE B 216 48.24 11.06 4.92
N GLU B 217 47.28 10.15 5.05
CA GLU B 217 46.34 10.19 6.17
C GLU B 217 47.05 10.33 7.52
N HIS B 218 48.08 9.52 7.76
CA HIS B 218 48.76 9.51 9.04
C HIS B 218 50.07 10.30 9.02
N HIS B 219 50.29 11.12 8.00
CA HIS B 219 51.54 11.87 7.90
C HIS B 219 51.76 12.73 9.14
N GLU B 220 53.02 12.78 9.59
CA GLU B 220 53.45 13.55 10.77
C GLU B 220 53.09 15.04 10.61
N MET B 221 52.92 15.51 9.37
CA MET B 221 52.59 16.94 9.18
C MET B 221 51.09 17.22 9.43
N PHE B 222 50.30 16.18 9.70
CA PHE B 222 48.87 16.36 9.96
C PHE B 222 48.53 15.78 11.32
N PRO B 223 48.66 16.61 12.38
CA PRO B 223 48.39 16.25 13.78
C PRO B 223 47.07 15.53 14.06
N ALA B 224 46.02 15.90 13.32
CA ALA B 224 44.70 15.27 13.53
C ALA B 224 44.40 14.34 12.36
N ARG B 225 45.44 13.95 11.64
CA ARG B 225 45.32 13.13 10.43
C ARG B 225 44.68 14.04 9.38
N THR B 226 44.46 13.53 8.16
CA THR B 226 43.86 14.36 7.12
C THR B 226 43.17 13.51 6.07
N ASN B 227 42.23 14.15 5.37
CA ASN B 227 41.59 13.55 4.22
C ASN B 227 42.51 13.95 3.07
N THR B 228 42.56 13.14 2.01
CA THR B 228 43.45 13.46 0.91
C THR B 228 42.70 13.32 -0.41
N GLU B 229 42.78 14.37 -1.22
CA GLU B 229 42.10 14.36 -2.53
C GLU B 229 43.13 14.47 -3.63
N PHE B 230 43.10 13.52 -4.57
CA PHE B 230 44.00 13.47 -5.73
C PHE B 230 43.16 14.01 -6.88
N VAL B 231 43.67 15.03 -7.57
CA VAL B 231 42.88 15.71 -8.60
C VAL B 231 43.52 15.75 -9.98
N GLU B 232 42.65 15.61 -10.98
CA GLU B 232 42.99 15.60 -12.41
C GLU B 232 42.12 16.71 -13.01
N VAL B 233 42.76 17.76 -13.55
CA VAL B 233 42.01 18.88 -14.13
C VAL B 233 41.61 18.52 -15.57
N LEU B 234 40.30 18.49 -15.84
CA LEU B 234 39.80 18.18 -17.20
C LEU B 234 39.61 19.48 -17.97
N SER B 235 39.23 20.54 -17.27
CA SER B 235 39.06 21.88 -17.86
C SER B 235 39.03 22.83 -16.68
N ARG B 236 38.99 24.13 -16.91
CA ARG B 236 38.96 25.10 -15.80
C ARG B 236 37.63 25.05 -15.03
N SER B 237 36.67 24.27 -15.51
CA SER B 237 35.38 24.19 -14.79
C SER B 237 34.99 22.72 -14.60
N HIS B 238 35.95 21.81 -14.77
CA HIS B 238 35.64 20.39 -14.68
C HIS B 238 36.85 19.63 -14.10
N LEU B 239 36.69 19.10 -12.89
CA LEU B 239 37.78 18.38 -12.18
C LEU B 239 37.36 16.94 -11.89
N LYS B 240 38.33 16.02 -11.98
CA LYS B 240 38.08 14.60 -11.67
C LYS B 240 38.92 14.29 -10.41
N MET B 241 38.37 13.51 -9.49
CA MET B 241 39.12 13.24 -8.24
C MET B 241 38.84 11.87 -7.68
N ARG B 242 39.74 11.45 -6.80
CA ARG B 242 39.60 10.25 -6.00
C ARG B 242 40.01 10.72 -4.61
N VAL B 243 39.50 10.09 -3.57
CA VAL B 243 39.82 10.54 -2.23
C VAL B 243 40.13 9.39 -1.30
N TRP B 244 41.08 9.62 -0.40
CA TRP B 244 41.38 8.66 0.65
C TRP B 244 41.01 9.46 1.91
N GLU B 245 39.91 9.07 2.56
CA GLU B 245 39.40 9.80 3.71
C GLU B 245 39.99 9.35 5.02
N ARG B 246 40.17 10.34 5.89
CA ARG B 246 40.60 10.10 7.24
C ARG B 246 39.53 9.20 7.85
N GLY B 247 39.95 8.13 8.50
CA GLY B 247 39.02 7.21 9.14
C GLY B 247 37.96 6.47 8.32
N ALA B 248 37.94 6.60 6.99
CA ALA B 248 36.92 5.92 6.19
C ALA B 248 37.52 5.26 4.94
N GLY B 249 38.74 5.66 4.55
CA GLY B 249 39.36 5.04 3.38
C GLY B 249 38.94 5.57 2.02
N ALA B 250 38.98 4.70 1.01
CA ALA B 250 38.66 5.09 -0.39
C ALA B 250 37.15 5.02 -0.61
N THR B 251 36.47 6.12 -0.30
CA THR B 251 35.01 6.21 -0.46
C THR B 251 34.65 6.59 -1.91
N LEU B 252 33.38 6.46 -2.26
CA LEU B 252 32.92 6.79 -3.61
C LEU B 252 32.77 8.31 -3.77
N ALA B 253 32.75 9.05 -2.68
CA ALA B 253 32.58 10.50 -2.78
C ALA B 253 32.80 11.15 -1.42
N CYS B 254 33.17 12.42 -1.44
CA CYS B 254 33.36 13.20 -0.20
C CYS B 254 32.99 14.62 -0.54
N GLY B 255 31.94 15.11 0.10
CA GLY B 255 31.45 16.47 -0.14
C GLY B 255 32.37 17.56 0.37
N THR B 256 32.84 17.45 1.61
CA THR B 256 33.78 18.45 2.12
C THR B 256 35.04 18.39 1.24
N GLY B 257 35.39 17.19 0.78
CA GLY B 257 36.59 17.07 -0.06
C GLY B 257 36.41 17.77 -1.40
N ALA B 258 35.25 17.61 -2.00
CA ALA B 258 34.98 18.27 -3.30
C ALA B 258 35.06 19.79 -3.12
N CYS B 259 34.56 20.29 -2.00
CA CYS B 259 34.61 21.73 -1.74
C CYS B 259 36.07 22.16 -1.57
N ALA B 260 36.83 21.40 -0.79
CA ALA B 260 38.21 21.75 -0.51
C ALA B 260 39.07 21.73 -1.77
N LEU B 261 38.87 20.75 -2.66
CA LEU B 261 39.72 20.66 -3.83
C LEU B 261 39.41 21.78 -4.84
N VAL B 262 38.18 22.26 -4.87
CA VAL B 262 37.88 23.38 -5.76
C VAL B 262 38.60 24.61 -5.20
N VAL B 263 38.56 24.80 -3.89
CA VAL B 263 39.27 25.94 -3.27
C VAL B 263 40.75 25.81 -3.65
N ALA B 264 41.29 24.60 -3.54
CA ALA B 264 42.72 24.39 -3.84
C ALA B 264 43.00 24.67 -5.31
N ALA B 265 42.11 24.20 -6.20
CA ALA B 265 42.30 24.41 -7.65
C ALA B 265 42.31 25.92 -7.94
N VAL B 266 41.45 26.67 -7.27
CA VAL B 266 41.40 28.14 -7.48
C VAL B 266 42.68 28.78 -6.94
N LEU B 267 43.06 28.43 -5.72
CA LEU B 267 44.28 28.98 -5.10
C LEU B 267 45.52 28.68 -5.96
N GLU B 268 45.59 27.51 -6.58
CA GLU B 268 46.74 27.17 -7.43
C GLU B 268 46.58 27.71 -8.85
N GLY B 269 45.47 28.41 -9.12
CA GLY B 269 45.24 28.98 -10.44
C GLY B 269 44.95 27.99 -11.56
N ARG B 270 44.49 26.79 -11.19
CA ARG B 270 44.21 25.75 -12.19
C ARG B 270 42.73 25.71 -12.64
N ALA B 271 41.83 26.32 -11.89
CA ALA B 271 40.41 26.26 -12.31
C ALA B 271 39.66 27.46 -11.80
N ASP B 272 38.43 27.65 -12.28
CA ASP B 272 37.63 28.79 -11.83
C ASP B 272 36.79 28.40 -10.62
N ARG B 273 36.08 29.37 -10.05
CA ARG B 273 35.30 29.18 -8.82
C ARG B 273 34.06 28.31 -8.98
N LYS B 274 33.63 28.06 -10.20
CA LYS B 274 32.45 27.21 -10.39
C LYS B 274 32.89 25.98 -11.17
N CYS B 275 32.82 24.81 -10.55
CA CYS B 275 33.25 23.58 -11.24
C CYS B 275 32.28 22.45 -10.99
N THR B 276 32.34 21.51 -11.92
CA THR B 276 31.64 20.28 -11.78
C THR B 276 32.80 19.38 -11.32
N VAL B 277 32.61 18.63 -10.24
CA VAL B 277 33.65 17.74 -9.72
C VAL B 277 33.15 16.32 -9.93
N ASP B 278 33.90 15.50 -10.65
CA ASP B 278 33.50 14.13 -10.87
C ASP B 278 34.17 13.27 -9.80
N LEU B 279 33.36 12.64 -8.96
CA LEU B 279 33.87 11.77 -7.91
C LEU B 279 33.56 10.34 -8.35
N PRO B 280 34.19 9.33 -7.75
CA PRO B 280 33.91 7.96 -8.17
C PRO B 280 32.42 7.61 -8.25
N GLY B 281 31.63 8.11 -7.31
CA GLY B 281 30.22 7.80 -7.32
C GLY B 281 29.36 8.72 -8.15
N GLY B 282 29.95 9.77 -8.74
CA GLY B 282 29.14 10.69 -9.51
C GLY B 282 29.56 12.13 -9.37
N PRO B 283 28.84 13.08 -9.99
CA PRO B 283 29.21 14.49 -9.91
C PRO B 283 28.56 15.37 -8.86
N LEU B 284 29.29 16.42 -8.47
CA LEU B 284 28.81 17.42 -7.55
C LEU B 284 29.05 18.77 -8.24
N GLU B 285 28.18 19.73 -7.99
CA GLU B 285 28.35 21.08 -8.53
C GLU B 285 28.84 21.92 -7.37
N ILE B 286 30.03 22.50 -7.52
CA ILE B 286 30.64 23.29 -6.45
C ILE B 286 30.84 24.72 -6.93
N GLU B 287 30.60 25.68 -6.06
CA GLU B 287 30.85 27.06 -6.42
C GLU B 287 31.38 27.78 -5.19
N TRP B 288 32.56 28.35 -5.32
CA TRP B 288 33.15 29.13 -4.24
C TRP B 288 32.90 30.59 -4.60
N LYS B 289 31.79 31.11 -4.10
CA LYS B 289 31.34 32.49 -4.37
C LYS B 289 32.32 33.55 -3.89
N GLN B 290 32.84 34.34 -4.84
CA GLN B 290 33.79 35.40 -4.47
C GLN B 290 33.05 36.52 -3.74
N GLU B 291 31.76 36.66 -4.04
CA GLU B 291 30.91 37.69 -3.44
C GLU B 291 30.88 37.56 -1.91
N ASP B 292 30.72 36.34 -1.38
CA ASP B 292 30.65 36.18 0.08
C ASP B 292 31.72 35.22 0.61
N ASN B 293 32.51 34.61 -0.27
CA ASN B 293 33.58 33.67 0.18
C ASN B 293 32.97 32.36 0.70
N HIS B 294 31.67 32.14 0.46
CA HIS B 294 31.03 30.88 0.91
C HIS B 294 31.14 29.86 -0.22
N ILE B 295 31.07 28.58 0.13
CA ILE B 295 31.15 27.53 -0.85
C ILE B 295 29.81 26.82 -0.88
N TYR B 296 29.26 26.62 -2.08
CA TYR B 296 27.98 25.92 -2.24
C TYR B 296 28.23 24.59 -2.94
N MET B 297 27.62 23.55 -2.40
CA MET B 297 27.77 22.21 -2.93
C MET B 297 26.37 21.69 -3.22
N THR B 298 26.13 21.22 -4.44
CA THR B 298 24.81 20.67 -4.78
C THR B 298 25.01 19.25 -5.26
N GLY B 299 24.22 18.34 -4.71
CA GLY B 299 24.31 16.94 -5.10
C GLY B 299 23.09 16.17 -4.59
N PRO B 300 22.96 14.89 -4.96
CA PRO B 300 21.83 14.05 -4.54
C PRO B 300 22.00 13.42 -3.16
N ALA B 301 20.92 12.85 -2.65
CA ALA B 301 20.91 12.14 -1.36
C ALA B 301 19.72 11.20 -1.48
N GLU B 302 19.92 9.92 -1.17
CA GLU B 302 18.84 8.94 -1.36
C GLU B 302 18.73 7.95 -0.21
N ALA B 303 17.50 7.69 0.19
CA ALA B 303 17.18 6.74 1.25
C ALA B 303 17.32 5.36 0.63
N VAL B 304 17.83 4.40 1.40
CA VAL B 304 18.06 3.04 0.85
C VAL B 304 17.17 2.01 1.55
N PHE B 305 17.20 1.99 2.88
CA PHE B 305 16.36 1.05 3.65
C PHE B 305 16.22 1.57 5.09
N TYR B 306 15.22 1.04 5.79
CA TYR B 306 14.92 1.42 7.18
C TYR B 306 15.21 0.19 8.03
N GLY B 307 15.86 0.37 9.18
CA GLY B 307 16.17 -0.81 9.98
C GLY B 307 16.44 -0.67 11.46
N SER B 308 16.71 -1.82 12.07
CA SER B 308 17.02 -1.93 13.49
C SER B 308 18.19 -2.89 13.60
N ALA B 309 19.24 -2.46 14.29
CA ALA B 309 20.44 -3.26 14.44
C ALA B 309 20.66 -3.66 15.88
N LEU B 310 21.19 -4.87 16.06
CA LEU B 310 21.49 -5.40 17.38
C LEU B 310 22.72 -4.66 17.93
N LEU B 311 22.59 -4.13 19.14
CA LEU B 311 23.71 -3.42 19.76
C LEU B 311 24.39 -4.33 20.76
N HIS B 312 25.69 -4.11 20.93
CA HIS B 312 26.47 -4.89 21.87
C HIS B 312 27.08 -3.90 22.85
N GLY C 25 -27.03 9.98 9.90
CA GLY C 25 -25.59 10.42 9.76
C GLY C 25 -24.58 9.28 9.85
N VAL C 26 -23.31 9.62 9.66
CA VAL C 26 -22.23 8.66 9.71
C VAL C 26 -21.06 9.29 10.45
N LEU C 27 -20.43 8.52 11.34
CA LEU C 27 -19.25 9.03 12.04
C LEU C 27 -18.07 8.18 11.54
N HIS C 28 -17.04 8.82 11.01
CA HIS C 28 -15.85 8.12 10.54
C HIS C 28 -14.89 8.15 11.73
N PHE C 29 -14.18 7.06 11.96
CA PHE C 29 -13.30 7.00 13.14
C PHE C 29 -12.25 5.91 12.95
N VAL C 30 -11.33 5.89 13.89
CA VAL C 30 -10.28 4.87 13.88
C VAL C 30 -10.28 4.28 15.29
N LYS C 31 -10.28 2.95 15.39
CA LYS C 31 -10.29 2.30 16.70
C LYS C 31 -8.86 2.05 17.13
N TYR C 32 -8.53 2.41 18.37
CA TYR C 32 -7.18 2.21 18.94
C TYR C 32 -7.35 1.62 20.35
N HIS C 33 -6.26 1.09 20.91
CA HIS C 33 -6.31 0.66 22.30
C HIS C 33 -4.93 0.89 22.92
N GLY C 34 -4.93 1.20 24.21
CA GLY C 34 -3.70 1.40 24.95
C GLY C 34 -3.80 0.37 26.07
N LEU C 35 -3.05 -0.74 25.93
CA LEU C 35 -3.09 -1.84 26.92
C LEU C 35 -4.52 -2.39 27.07
N GLY C 36 -5.30 -2.36 26.00
CA GLY C 36 -6.65 -2.89 26.09
C GLY C 36 -7.75 -1.91 26.50
N ASN C 37 -7.35 -0.70 26.90
CA ASN C 37 -8.30 0.39 27.23
C ASN C 37 -8.52 0.90 25.80
N ASP C 38 -9.66 0.52 25.20
CA ASP C 38 -9.94 0.82 23.78
C ASP C 38 -10.82 2.05 23.55
N PHE C 39 -10.52 2.77 22.48
CA PHE C 39 -11.22 4.03 22.17
C PHE C 39 -11.55 4.22 20.71
N ILE C 40 -12.56 5.07 20.50
CA ILE C 40 -12.99 5.47 19.18
C ILE C 40 -12.37 6.85 19.00
N LEU C 41 -11.42 6.98 18.06
CA LEU C 41 -10.76 8.27 17.83
C LEU C 41 -11.38 8.97 16.64
N VAL C 42 -11.69 10.25 16.80
CA VAL C 42 -12.28 10.97 15.69
C VAL C 42 -11.51 12.26 15.41
N ASP C 43 -11.36 12.52 14.12
CA ASP C 43 -10.65 13.70 13.64
C ASP C 43 -11.67 14.83 13.74
N ASN C 44 -11.48 15.70 14.72
CA ASN C 44 -12.40 16.81 14.96
C ASN C 44 -11.61 18.11 14.86
N ARG C 45 -10.53 18.09 14.09
CA ARG C 45 -9.65 19.26 13.94
C ARG C 45 -10.37 20.39 13.21
N ASP C 46 -11.51 20.05 12.60
CA ASP C 46 -12.33 20.98 11.83
C ASP C 46 -13.18 21.89 12.72
N SER C 47 -13.54 21.45 13.92
CA SER C 47 -14.42 22.26 14.77
C SER C 47 -14.03 22.25 16.25
N SER C 48 -14.46 23.30 16.93
CA SER C 48 -14.21 23.50 18.35
C SER C 48 -15.31 22.75 19.14
N GLU C 49 -16.30 22.22 18.44
CA GLU C 49 -17.36 21.46 19.10
C GLU C 49 -17.28 20.01 18.64
N PRO C 50 -17.40 19.05 19.58
CA PRO C 50 -17.35 17.62 19.25
C PRO C 50 -18.44 17.27 18.24
N LYS C 51 -18.08 16.44 17.25
CA LYS C 51 -18.98 16.01 16.14
C LYS C 51 -20.22 15.24 16.60
N ILE C 52 -20.18 14.66 17.79
CA ILE C 52 -21.34 13.92 18.27
C ILE C 52 -21.64 14.35 19.70
N THR C 53 -22.84 14.03 20.16
CA THR C 53 -23.25 14.38 21.50
C THR C 53 -22.77 13.31 22.48
N GLN C 54 -22.88 13.62 23.77
CA GLN C 54 -22.49 12.66 24.81
C GLN C 54 -23.44 11.46 24.75
N GLU C 55 -24.70 11.71 24.42
CA GLU C 55 -25.68 10.63 24.35
C GLU C 55 -25.31 9.68 23.19
N GLN C 56 -24.90 10.24 22.06
CA GLN C 56 -24.50 9.43 20.91
C GLN C 56 -23.23 8.64 21.26
N ALA C 57 -22.31 9.26 22.01
CA ALA C 57 -21.07 8.56 22.37
C ALA C 57 -21.38 7.33 23.24
N ALA C 58 -22.31 7.49 24.19
CA ALA C 58 -22.68 6.39 25.05
C ALA C 58 -23.25 5.24 24.20
N LYS C 59 -24.07 5.56 23.22
CA LYS C 59 -24.66 4.52 22.35
C LYS C 59 -23.56 3.81 21.56
N LEU C 60 -22.67 4.59 20.96
CA LEU C 60 -21.58 4.03 20.13
C LEU C 60 -20.67 3.14 20.96
N CYS C 61 -20.50 3.46 22.24
CA CYS C 61 -19.58 2.66 23.09
C CYS C 61 -20.21 1.34 23.54
N ASP C 62 -21.50 1.13 23.31
CA ASP C 62 -22.12 -0.13 23.75
C ASP C 62 -21.46 -1.25 22.96
N ARG C 63 -20.96 -2.27 23.65
CA ARG C 63 -20.22 -3.29 22.92
C ARG C 63 -21.02 -4.22 22.01
N ASN C 64 -22.30 -4.44 22.27
CA ASN C 64 -23.07 -5.37 21.40
C ASN C 64 -23.98 -4.60 20.42
N PHE C 65 -24.47 -3.44 20.84
CA PHE C 65 -25.39 -2.65 19.99
C PHE C 65 -24.65 -1.52 19.28
N GLY C 66 -23.43 -1.21 19.69
CA GLY C 66 -22.70 -0.14 19.05
C GLY C 66 -21.35 -0.60 18.54
N VAL C 67 -20.39 0.32 18.44
CA VAL C 67 -19.02 -0.03 17.99
C VAL C 67 -18.31 -0.77 19.13
N GLY C 68 -18.50 -0.28 20.36
CA GLY C 68 -17.88 -0.90 21.52
C GLY C 68 -16.55 -0.25 21.87
N ALA C 69 -16.49 0.42 23.03
CA ALA C 69 -15.26 1.10 23.43
C ALA C 69 -15.43 1.57 24.87
N ASP C 70 -14.31 1.94 25.49
CA ASP C 70 -14.33 2.49 26.85
C ASP C 70 -14.58 4.00 26.75
N GLY C 71 -14.42 4.56 25.54
CA GLY C 71 -14.65 5.99 25.35
C GLY C 71 -14.48 6.49 23.92
N VAL C 72 -14.81 7.76 23.68
CA VAL C 72 -14.66 8.38 22.36
C VAL C 72 -13.74 9.57 22.59
N ILE C 73 -12.69 9.66 21.80
CA ILE C 73 -11.70 10.73 21.95
C ILE C 73 -11.66 11.57 20.68
N PHE C 74 -11.73 12.89 20.87
CA PHE C 74 -11.74 13.83 19.75
C PHE C 74 -10.44 14.59 19.67
N ALA C 75 -9.87 14.63 18.46
CA ALA C 75 -8.65 15.40 18.21
C ALA C 75 -9.17 16.76 17.76
N MET C 76 -9.03 17.77 18.61
CA MET C 76 -9.59 19.11 18.29
C MET C 76 -8.50 20.13 18.01
N PRO C 77 -8.90 21.33 17.55
CA PRO C 77 -7.93 22.37 17.26
C PRO C 77 -7.20 22.86 18.52
N GLY C 78 -5.95 23.25 18.35
CA GLY C 78 -5.16 23.73 19.48
C GLY C 78 -5.82 24.88 20.22
N VAL C 79 -5.43 25.07 21.48
CA VAL C 79 -5.97 26.13 22.31
C VAL C 79 -4.79 26.87 22.94
N ASN C 80 -4.78 28.19 22.80
CA ASN C 80 -3.72 29.04 23.36
C ASN C 80 -2.32 28.52 23.03
N GLY C 81 -2.07 28.28 21.75
CA GLY C 81 -0.76 27.84 21.33
C GLY C 81 -0.43 26.36 21.26
N THR C 82 -1.23 25.50 21.87
CA THR C 82 -0.91 24.06 21.81
C THR C 82 -1.14 23.57 20.39
N ASP C 83 -0.49 22.45 20.05
CA ASP C 83 -0.63 21.87 18.72
C ASP C 83 -2.07 21.41 18.52
N TYR C 84 -2.64 20.80 19.55
CA TYR C 84 -4.01 20.30 19.47
C TYR C 84 -4.63 20.35 20.85
N ALA C 85 -5.91 19.98 20.90
CA ALA C 85 -6.65 19.87 22.15
C ALA C 85 -7.31 18.49 22.10
N MET C 86 -7.61 17.92 23.25
CA MET C 86 -8.24 16.61 23.26
C MET C 86 -9.42 16.66 24.22
N ARG C 87 -10.55 16.12 23.77
CA ARG C 87 -11.71 16.01 24.63
C ARG C 87 -12.11 14.55 24.55
N ILE C 88 -12.69 14.03 25.62
CA ILE C 88 -13.07 12.62 25.65
C ILE C 88 -14.40 12.44 26.37
N PHE C 89 -15.18 11.49 25.88
CA PHE C 89 -16.45 11.13 26.51
C PHE C 89 -16.28 9.68 26.96
N ASN C 90 -16.62 9.39 28.21
CA ASN C 90 -16.55 8.03 28.77
C ASN C 90 -17.65 7.22 28.09
N SER C 91 -17.61 5.90 28.23
CA SER C 91 -18.62 5.05 27.63
C SER C 91 -20.00 5.32 28.25
N ASP C 92 -20.08 5.96 29.41
CA ASP C 92 -21.40 6.28 29.99
C ASP C 92 -21.83 7.67 29.52
N GLY C 93 -21.01 8.30 28.67
CA GLY C 93 -21.35 9.62 28.16
C GLY C 93 -20.77 10.81 28.93
N SER C 94 -20.34 10.60 30.16
CA SER C 94 -19.79 11.71 30.96
C SER C 94 -18.45 12.16 30.34
N GLU C 95 -18.07 13.42 30.60
CA GLU C 95 -16.81 13.93 30.05
C GLU C 95 -15.77 14.11 31.16
N PRO C 96 -14.75 13.24 31.19
CA PRO C 96 -13.66 13.29 32.18
C PRO C 96 -12.64 14.34 31.69
N GLU C 97 -11.69 14.74 32.53
CA GLU C 97 -10.76 15.79 32.12
C GLU C 97 -9.43 15.31 31.48
N MET C 98 -9.15 14.01 31.51
CA MET C 98 -7.93 13.51 30.87
C MET C 98 -8.02 11.99 30.76
N CYS C 99 -7.09 11.42 30.01
CA CYS C 99 -7.03 9.97 29.82
C CYS C 99 -5.64 9.65 29.30
N GLY C 100 -4.88 8.91 30.10
CA GLY C 100 -3.52 8.56 29.75
C GLY C 100 -3.38 7.58 28.62
N ASN C 101 -4.11 6.46 28.69
CA ASN C 101 -4.02 5.48 27.61
C ASN C 101 -4.51 6.15 26.33
N GLY C 102 -5.57 6.95 26.48
CA GLY C 102 -6.14 7.65 25.34
C GLY C 102 -5.20 8.64 24.66
N VAL C 103 -4.42 9.39 25.44
CA VAL C 103 -3.53 10.38 24.82
C VAL C 103 -2.37 9.68 24.09
N ARG C 104 -2.01 8.47 24.51
CA ARG C 104 -0.96 7.75 23.79
C ARG C 104 -1.55 7.36 22.43
N CYS C 105 -2.81 6.92 22.41
CA CYS C 105 -3.47 6.57 21.12
C CYS C 105 -3.59 7.85 20.26
N PHE C 106 -3.93 8.95 20.92
CA PHE C 106 -4.08 10.27 20.26
C PHE C 106 -2.78 10.63 19.50
N ALA C 107 -1.63 10.47 20.16
CA ALA C 107 -0.35 10.84 19.55
C ALA C 107 -0.09 10.02 18.29
N ARG C 108 -0.38 8.74 18.32
CA ARG C 108 -0.13 7.91 17.13
C ARG C 108 -1.15 8.26 16.04
N PHE C 109 -2.37 8.61 16.45
CA PHE C 109 -3.45 8.99 15.52
C PHE C 109 -3.02 10.26 14.78
N ILE C 110 -2.57 11.26 15.52
CA ILE C 110 -2.13 12.54 14.91
C ILE C 110 -0.91 12.32 14.02
N ALA C 111 0.06 11.55 14.49
CA ALA C 111 1.25 11.29 13.68
C ALA C 111 0.80 10.78 12.30
N GLU C 112 -0.23 9.93 12.30
CA GLU C 112 -0.77 9.38 11.05
C GLU C 112 -1.36 10.48 10.17
N LEU C 113 -2.26 11.28 10.75
CA LEU C 113 -2.92 12.36 10.01
C LEU C 113 -1.92 13.42 9.52
N GLU C 114 -0.77 13.55 10.17
CA GLU C 114 0.20 14.55 9.74
C GLU C 114 1.28 13.92 8.85
N ASN C 115 1.17 12.61 8.63
CA ASN C 115 2.13 11.87 7.82
C ASN C 115 3.53 11.98 8.44
N LEU C 116 3.62 11.97 9.77
CA LEU C 116 4.91 12.08 10.46
C LEU C 116 5.52 10.70 10.66
N GLN C 117 6.85 10.62 10.66
CA GLN C 117 7.52 9.33 10.85
C GLN C 117 8.44 9.45 12.06
N GLY C 118 8.60 8.34 12.77
CA GLY C 118 9.49 8.31 13.91
C GLY C 118 9.05 9.12 15.12
N LYS C 119 10.03 9.62 15.85
CA LYS C 119 9.80 10.35 17.08
C LYS C 119 9.19 11.73 16.81
N HIS C 120 8.20 12.08 17.60
CA HIS C 120 7.54 13.37 17.52
C HIS C 120 6.87 13.60 18.86
N SER C 121 6.85 14.85 19.30
CA SER C 121 6.17 15.18 20.55
C SER C 121 5.13 16.23 20.20
N PHE C 122 4.00 16.22 20.92
CA PHE C 122 2.92 17.19 20.67
C PHE C 122 2.50 17.82 21.97
N THR C 123 2.07 19.08 21.89
CA THR C 123 1.55 19.78 23.06
C THR C 123 0.05 19.69 22.91
N ILE C 124 -0.61 19.13 23.92
CA ILE C 124 -2.06 18.95 23.86
C ILE C 124 -2.75 19.63 25.04
N HIS C 125 -3.77 20.42 24.72
CA HIS C 125 -4.56 21.10 25.73
C HIS C 125 -5.67 20.11 26.15
N THR C 126 -5.85 19.92 27.45
CA THR C 126 -6.88 18.98 27.95
C THR C 126 -7.53 19.61 29.18
N GLY C 127 -8.57 18.97 29.70
CA GLY C 127 -9.22 19.48 30.91
C GLY C 127 -8.31 19.41 32.13
N ALA C 128 -7.18 18.74 31.99
CA ALA C 128 -6.21 18.63 33.09
C ALA C 128 -5.06 19.62 32.84
N GLY C 129 -5.17 20.43 31.79
CA GLY C 129 -4.10 21.36 31.46
C GLY C 129 -3.20 20.82 30.34
N LEU C 130 -1.95 21.28 30.28
CA LEU C 130 -1.04 20.82 29.22
C LEU C 130 -0.57 19.37 29.45
N ILE C 131 -0.61 18.57 28.38
CA ILE C 131 -0.16 17.17 28.41
C ILE C 131 0.78 17.06 27.19
N VAL C 132 1.94 16.43 27.34
CA VAL C 132 2.89 16.36 26.21
C VAL C 132 3.36 14.93 25.92
N PRO C 133 2.69 14.26 24.95
CA PRO C 133 3.09 12.90 24.59
C PRO C 133 4.27 12.96 23.61
N GLU C 134 5.14 11.96 23.67
CA GLU C 134 6.29 11.88 22.78
C GLU C 134 6.43 10.44 22.30
N ILE C 135 6.29 10.24 20.99
CA ILE C 135 6.40 8.90 20.39
C ILE C 135 7.87 8.46 20.49
N GLN C 136 8.07 7.21 20.89
CA GLN C 136 9.41 6.65 21.09
C GLN C 136 9.83 5.79 19.89
N ASP C 137 11.09 5.37 19.90
CA ASP C 137 11.68 4.54 18.82
C ASP C 137 10.95 3.22 18.62
N ASP C 138 10.47 2.60 19.70
CA ASP C 138 9.78 1.31 19.57
C ASP C 138 8.29 1.49 19.32
N GLY C 139 7.85 2.71 19.02
CA GLY C 139 6.44 2.93 18.77
C GLY C 139 5.63 3.22 20.03
N GLN C 140 6.27 3.11 21.19
CA GLN C 140 5.61 3.40 22.46
C GLN C 140 5.54 4.90 22.63
N VAL C 141 4.75 5.36 23.60
CA VAL C 141 4.59 6.79 23.81
C VAL C 141 4.90 7.11 25.27
N LYS C 142 5.77 8.10 25.48
CA LYS C 142 6.13 8.55 26.84
C LYS C 142 5.43 9.89 26.99
N VAL C 143 4.61 10.01 28.03
CA VAL C 143 3.80 11.21 28.18
C VAL C 143 4.10 11.98 29.46
N ASP C 144 4.27 13.29 29.31
CA ASP C 144 4.44 14.22 30.44
C ASP C 144 2.98 14.45 30.86
N MET C 145 2.57 13.80 31.94
CA MET C 145 1.17 13.85 32.43
C MET C 145 0.91 15.06 33.33
N GLY C 146 1.87 15.97 33.44
CA GLY C 146 1.64 17.13 34.29
C GLY C 146 1.96 16.82 35.74
N THR C 147 1.50 17.68 36.66
CA THR C 147 1.78 17.48 38.08
C THR C 147 0.50 17.01 38.75
N PRO C 148 0.62 16.17 39.79
CA PRO C 148 -0.59 15.69 40.49
C PRO C 148 -1.19 16.76 41.39
N ILE C 149 -2.51 16.71 41.57
CA ILE C 149 -3.22 17.64 42.43
C ILE C 149 -3.55 16.85 43.69
N LEU C 150 -3.06 17.31 44.84
CA LEU C 150 -3.27 16.57 46.09
C LEU C 150 -4.19 17.31 47.08
N LYS C 151 -4.45 18.60 46.88
CA LYS C 151 -5.34 19.31 47.82
C LYS C 151 -6.73 18.67 47.79
N ALA C 152 -7.13 18.15 48.95
CA ALA C 152 -8.40 17.43 49.13
C ALA C 152 -9.59 18.01 48.39
N GLN C 153 -9.99 19.26 48.65
CA GLN C 153 -11.18 19.77 47.99
C GLN C 153 -11.01 19.99 46.49
N ASP C 154 -9.78 19.94 45.98
CA ASP C 154 -9.60 20.13 44.53
C ASP C 154 -9.58 18.78 43.81
N VAL C 155 -9.48 17.68 44.55
CA VAL C 155 -9.44 16.35 43.91
C VAL C 155 -10.62 16.10 42.95
N PRO C 156 -11.88 16.30 43.38
CA PRO C 156 -12.38 16.75 44.67
C PRO C 156 -12.85 15.57 45.52
N THR C 157 -12.68 15.70 46.84
CA THR C 157 -13.19 14.71 47.78
C THR C 157 -13.66 15.48 49.00
N LYS C 158 -14.65 14.95 49.71
CA LYS C 158 -15.15 15.62 50.91
C LYS C 158 -14.37 15.08 52.11
N LEU C 159 -13.47 14.12 51.89
CA LEU C 159 -12.64 13.59 52.98
C LEU C 159 -11.69 14.71 53.43
N SER C 160 -11.44 14.80 54.74
CA SER C 160 -10.55 15.86 55.30
C SER C 160 -9.09 15.48 55.09
N GLY C 161 -8.26 16.45 54.71
CA GLY C 161 -6.85 16.17 54.54
C GLY C 161 -6.30 15.72 55.88
N ASN C 162 -5.44 14.71 55.89
CA ASN C 162 -4.88 14.24 57.14
C ASN C 162 -3.36 14.28 57.07
N LYS C 163 -2.83 14.77 55.96
CA LYS C 163 -1.38 14.89 55.81
C LYS C 163 -1.17 16.15 54.99
N GLY C 164 -1.09 17.27 55.70
CA GLY C 164 -0.98 18.53 55.00
C GLY C 164 -2.40 18.71 54.49
N GLU C 165 -2.55 19.13 53.24
CA GLU C 165 -3.88 19.35 52.66
C GLU C 165 -4.35 18.09 51.90
N ALA C 166 -3.53 17.05 51.94
CA ALA C 166 -3.81 15.82 51.21
C ALA C 166 -4.49 14.75 52.06
N VAL C 167 -5.21 13.86 51.38
CA VAL C 167 -5.91 12.73 52.01
C VAL C 167 -5.01 11.53 51.73
N VAL C 168 -4.33 11.06 52.77
CA VAL C 168 -3.38 9.95 52.62
C VAL C 168 -3.70 8.85 53.64
N GLU C 169 -3.98 7.65 53.12
CA GLU C 169 -4.30 6.49 53.95
C GLU C 169 -5.32 6.92 55.03
N ALA C 170 -6.42 7.52 54.59
CA ALA C 170 -7.49 8.02 55.47
C ALA C 170 -8.67 7.06 55.41
N GLU C 171 -9.45 7.03 56.48
CA GLU C 171 -10.59 6.13 56.59
C GLU C 171 -11.75 6.58 55.70
N LEU C 172 -12.30 5.63 54.95
CA LEU C 172 -13.45 5.87 54.05
C LEU C 172 -14.43 4.72 54.39
N VAL C 173 -15.64 5.03 54.85
CA VAL C 173 -16.57 3.96 55.19
C VAL C 173 -17.38 3.63 53.94
N VAL C 174 -17.16 2.45 53.41
CA VAL C 174 -17.82 2.00 52.19
C VAL C 174 -18.80 0.91 52.54
N ASP C 175 -20.07 1.23 52.38
CA ASP C 175 -21.15 0.29 52.71
C ASP C 175 -20.94 -0.29 54.11
N GLY C 176 -20.63 0.56 55.07
CA GLY C 176 -20.45 0.12 56.46
C GLY C 176 -19.11 -0.48 56.82
N VAL C 177 -18.22 -0.63 55.83
CA VAL C 177 -16.88 -1.25 56.04
C VAL C 177 -15.78 -0.18 55.90
N SER C 178 -14.85 -0.14 56.85
CA SER C 178 -13.79 0.86 56.83
C SER C 178 -12.61 0.49 55.95
N TRP C 179 -12.39 1.31 54.93
CA TRP C 179 -11.25 1.13 54.02
C TRP C 179 -10.30 2.33 54.27
N ASN C 180 -9.03 2.18 53.95
CA ASN C 180 -8.11 3.33 54.07
C ASN C 180 -7.85 3.73 52.61
N VAL C 181 -7.91 5.03 52.30
CA VAL C 181 -7.70 5.45 50.92
C VAL C 181 -6.83 6.69 50.84
N THR C 182 -6.24 6.89 49.66
CA THR C 182 -5.42 8.08 49.37
C THR C 182 -6.06 8.71 48.12
N CYS C 183 -6.25 10.02 48.14
CA CYS C 183 -6.90 10.67 47.01
C CYS C 183 -5.93 11.55 46.23
N VAL C 184 -5.94 11.42 44.92
CA VAL C 184 -5.09 12.27 44.08
C VAL C 184 -5.81 12.52 42.76
N SER C 185 -5.56 13.69 42.20
CA SER C 185 -6.18 14.05 40.93
C SER C 185 -5.08 14.24 39.87
N MET C 186 -5.38 13.76 38.67
CA MET C 186 -4.52 13.91 37.49
C MET C 186 -5.40 14.72 36.54
N GLY C 187 -6.22 15.59 37.11
CA GLY C 187 -7.19 16.35 36.33
C GLY C 187 -8.50 15.65 36.71
N ASN C 188 -8.49 14.33 36.63
CA ASN C 188 -9.66 13.53 37.02
C ASN C 188 -9.37 12.98 38.43
N PRO C 189 -10.42 12.62 39.19
CA PRO C 189 -10.28 12.10 40.55
C PRO C 189 -9.97 10.61 40.68
N HIS C 190 -9.07 10.31 41.61
CA HIS C 190 -8.67 8.95 41.86
C HIS C 190 -8.68 8.66 43.36
N CYS C 191 -9.17 7.48 43.72
CA CYS C 191 -9.24 7.03 45.11
C CYS C 191 -8.43 5.73 45.08
N ILE C 192 -7.27 5.73 45.74
CA ILE C 192 -6.38 4.56 45.72
C ILE C 192 -6.40 3.84 47.06
N THR C 193 -6.53 2.52 47.04
CA THR C 193 -6.51 1.79 48.30
C THR C 193 -5.58 0.59 48.21
N PHE C 194 -4.87 0.35 49.31
CA PHE C 194 -3.98 -0.79 49.42
C PHE C 194 -4.61 -1.77 50.39
N GLY C 195 -5.88 -1.54 50.73
CA GLY C 195 -6.57 -2.45 51.63
C GLY C 195 -7.49 -1.79 52.64
N LYS C 196 -8.22 -2.62 53.38
CA LYS C 196 -9.15 -2.12 54.40
C LYS C 196 -8.38 -1.59 55.61
N LYS C 197 -9.02 -0.70 56.36
CA LYS C 197 -8.40 -0.13 57.56
C LYS C 197 -8.15 -1.28 58.53
N GLY C 198 -6.92 -1.40 59.02
CA GLY C 198 -6.56 -2.48 59.92
C GLY C 198 -6.61 -3.85 59.25
N GLY C 199 -6.51 -3.90 57.93
CA GLY C 199 -6.55 -5.16 57.21
C GLY C 199 -5.24 -5.53 56.53
N PRO C 200 -5.13 -6.78 56.05
CA PRO C 200 -3.91 -7.25 55.38
C PRO C 200 -3.79 -6.67 53.95
N ASN C 201 -2.68 -6.96 53.29
CA ASN C 201 -2.46 -6.51 51.91
C ASN C 201 -3.50 -7.18 51.03
N LEU C 202 -3.76 -6.57 49.88
CA LEU C 202 -4.76 -7.12 48.97
C LEU C 202 -4.15 -8.06 47.96
N LYS C 203 -4.98 -9.00 47.52
CA LYS C 203 -4.70 -9.92 46.39
C LYS C 203 -5.78 -9.38 45.44
N VAL C 204 -5.42 -8.39 44.64
CA VAL C 204 -6.41 -7.71 43.80
C VAL C 204 -7.25 -8.64 42.93
N ASP C 205 -6.68 -9.74 42.44
CA ASP C 205 -7.47 -10.61 41.59
C ASP C 205 -8.61 -11.28 42.36
N ASP C 206 -8.56 -11.28 43.69
CA ASP C 206 -9.63 -11.91 44.48
C ASP C 206 -10.82 -10.94 44.67
N LEU C 207 -10.64 -9.66 44.36
CA LEU C 207 -11.74 -8.69 44.55
C LEU C 207 -12.86 -8.92 43.53
N ASN C 208 -14.08 -8.58 43.93
CA ASN C 208 -15.25 -8.69 43.06
C ASN C 208 -15.53 -7.23 42.67
N LEU C 209 -14.90 -6.77 41.60
CA LEU C 209 -15.03 -5.33 41.20
C LEU C 209 -16.45 -4.90 40.90
N PRO C 210 -17.21 -5.69 40.14
CA PRO C 210 -18.58 -5.26 39.84
C PRO C 210 -19.41 -4.99 41.10
N GLU C 211 -19.02 -5.63 42.19
CA GLU C 211 -19.73 -5.49 43.44
C GLU C 211 -19.22 -4.29 44.25
N ILE C 212 -17.92 -4.27 44.52
CA ILE C 212 -17.33 -3.20 45.36
C ILE C 212 -17.08 -1.89 44.58
N GLY C 213 -16.71 -2.00 43.31
CA GLY C 213 -16.42 -0.79 42.52
C GLY C 213 -17.46 0.32 42.56
N PRO C 214 -18.71 0.02 42.22
CA PRO C 214 -19.76 1.04 42.22
C PRO C 214 -19.93 1.77 43.56
N LYS C 215 -19.61 1.08 44.67
CA LYS C 215 -19.76 1.67 46.01
C LYS C 215 -18.75 2.78 46.22
N PHE C 216 -17.58 2.65 45.58
CA PHE C 216 -16.55 3.69 45.68
C PHE C 216 -16.87 4.77 44.63
N GLU C 217 -17.15 4.34 43.41
CA GLU C 217 -17.42 5.26 42.29
C GLU C 217 -18.45 6.33 42.65
N HIS C 218 -19.57 5.89 43.22
CA HIS C 218 -20.67 6.80 43.55
C HIS C 218 -20.67 7.20 45.03
N HIS C 219 -19.57 7.00 45.73
CA HIS C 219 -19.55 7.34 47.16
C HIS C 219 -19.83 8.85 47.39
N GLU C 220 -20.58 9.14 48.46
CA GLU C 220 -20.97 10.49 48.86
C GLU C 220 -19.74 11.37 49.12
N MET C 221 -18.58 10.77 49.39
CA MET C 221 -17.39 11.58 49.65
C MET C 221 -16.73 12.04 48.33
N PHE C 222 -17.26 11.63 47.19
CA PHE C 222 -16.70 12.06 45.89
C PHE C 222 -17.80 12.72 45.07
N PRO C 223 -17.94 14.05 45.21
CA PRO C 223 -18.95 14.87 44.52
C PRO C 223 -19.02 14.71 43.00
N ALA C 224 -17.89 14.42 42.37
CA ALA C 224 -17.87 14.26 40.91
C ALA C 224 -17.66 12.80 40.56
N ARG C 225 -17.90 11.92 41.54
CA ARG C 225 -17.66 10.48 41.42
C ARG C 225 -16.14 10.31 41.41
N THR C 226 -15.64 9.08 41.32
CA THR C 226 -14.19 8.90 41.31
C THR C 226 -13.83 7.58 40.62
N ASN C 227 -12.58 7.53 40.17
CA ASN C 227 -11.99 6.32 39.62
C ASN C 227 -11.39 5.67 40.87
N THR C 228 -11.31 4.34 40.91
CA THR C 228 -10.78 3.69 42.09
C THR C 228 -9.73 2.66 41.68
N GLU C 229 -8.58 2.70 42.34
CA GLU C 229 -7.51 1.78 42.02
C GLU C 229 -7.21 0.94 43.26
N PHE C 230 -7.24 -0.38 43.08
CA PHE C 230 -6.96 -1.37 44.14
C PHE C 230 -5.54 -1.83 43.84
N VAL C 231 -4.66 -1.73 44.82
CA VAL C 231 -3.24 -1.99 44.59
C VAL C 231 -2.61 -3.03 45.51
N GLU C 232 -1.74 -3.83 44.89
CA GLU C 232 -1.01 -4.91 45.53
C GLU C 232 0.47 -4.59 45.30
N VAL C 233 1.23 -4.31 46.36
CA VAL C 233 2.67 -3.97 46.20
C VAL C 233 3.48 -5.26 46.07
N LEU C 234 4.20 -5.42 44.95
CA LEU C 234 5.03 -6.60 44.71
C LEU C 234 6.45 -6.32 45.17
N SER C 235 6.88 -5.06 45.02
CA SER C 235 8.20 -4.61 45.46
C SER C 235 8.13 -3.09 45.49
N ARG C 236 9.16 -2.42 45.98
CA ARG C 236 9.11 -0.96 46.04
C ARG C 236 9.16 -0.33 44.65
N SER C 237 9.33 -1.13 43.60
CA SER C 237 9.36 -0.55 42.26
C SER C 237 8.45 -1.36 41.34
N HIS C 238 7.54 -2.13 41.92
CA HIS C 238 6.65 -2.99 41.11
C HIS C 238 5.30 -3.12 41.82
N LEU C 239 4.26 -2.57 41.19
CA LEU C 239 2.91 -2.57 41.77
C LEU C 239 1.94 -3.25 40.80
N LYS C 240 0.98 -4.00 41.35
CA LYS C 240 -0.04 -4.69 40.56
C LYS C 240 -1.37 -4.01 40.91
N MET C 241 -2.24 -3.82 39.93
CA MET C 241 -3.48 -3.10 40.23
C MET C 241 -4.63 -3.54 39.36
N ARG C 242 -5.82 -3.19 39.84
CA ARG C 242 -7.05 -3.38 39.10
C ARG C 242 -7.78 -2.06 39.30
N VAL C 243 -8.65 -1.69 38.37
CA VAL C 243 -9.28 -0.40 38.49
C VAL C 243 -10.76 -0.46 38.14
N TRP C 244 -11.55 0.33 38.85
CA TRP C 244 -12.97 0.48 38.57
C TRP C 244 -13.07 1.96 38.21
N GLU C 245 -13.24 2.23 36.92
CA GLU C 245 -13.25 3.62 36.45
C GLU C 245 -14.60 4.31 36.51
N ARG C 246 -14.54 5.59 36.82
CA ARG C 246 -15.73 6.42 36.81
C ARG C 246 -16.26 6.36 35.38
N GLY C 247 -17.54 6.07 35.23
CA GLY C 247 -18.18 6.02 33.93
C GLY C 247 -17.73 4.98 32.91
N ALA C 248 -16.84 4.06 33.28
CA ALA C 248 -16.38 3.07 32.28
C ALA C 248 -16.27 1.67 32.88
N GLY C 249 -16.29 1.57 34.21
CA GLY C 249 -16.20 0.26 34.83
C GLY C 249 -14.84 -0.41 34.97
N ALA C 250 -14.82 -1.74 34.97
CA ALA C 250 -13.58 -2.52 35.12
C ALA C 250 -12.85 -2.60 33.78
N THR C 251 -12.02 -1.61 33.49
CA THR C 251 -11.27 -1.58 32.23
C THR C 251 -9.97 -2.38 32.37
N LEU C 252 -9.31 -2.64 31.25
CA LEU C 252 -8.07 -3.43 31.26
C LEU C 252 -6.88 -2.58 31.68
N ALA C 253 -7.06 -1.26 31.69
CA ALA C 253 -5.95 -0.38 32.07
C ALA C 253 -6.46 1.05 32.18
N CYS C 254 -5.74 1.86 32.94
CA CYS C 254 -6.07 3.27 33.11
C CYS C 254 -4.75 3.99 33.37
N GLY C 255 -4.37 4.87 32.44
CA GLY C 255 -3.10 5.58 32.55
C GLY C 255 -3.08 6.61 33.65
N THR C 256 -4.13 7.42 33.75
CA THR C 256 -4.16 8.42 34.83
C THR C 256 -4.21 7.66 36.16
N GLY C 257 -4.86 6.50 36.15
CA GLY C 257 -4.95 5.70 37.36
C GLY C 257 -3.58 5.15 37.77
N ALA C 258 -2.81 4.69 36.79
CA ALA C 258 -1.46 4.15 37.08
C ALA C 258 -0.61 5.29 37.66
N CYS C 259 -0.74 6.49 37.10
CA CYS C 259 0.02 7.64 37.60
C CYS C 259 -0.40 7.96 39.03
N ALA C 260 -1.71 8.01 39.26
CA ALA C 260 -2.23 8.38 40.60
C ALA C 260 -1.85 7.35 41.66
N LEU C 261 -1.87 6.06 41.34
CA LEU C 261 -1.56 5.06 42.35
C LEU C 261 -0.06 5.05 42.71
N VAL C 262 0.80 5.50 41.80
CA VAL C 262 2.23 5.55 42.12
C VAL C 262 2.41 6.75 43.07
N VAL C 263 1.70 7.83 42.81
CA VAL C 263 1.77 8.99 43.68
C VAL C 263 1.33 8.55 45.07
N ALA C 264 0.22 7.82 45.12
CA ALA C 264 -0.33 7.34 46.40
C ALA C 264 0.66 6.40 47.10
N ALA C 265 1.27 5.49 46.35
CA ALA C 265 2.23 4.54 46.93
C ALA C 265 3.40 5.28 47.55
N VAL C 266 3.88 6.32 46.87
CA VAL C 266 5.00 7.13 47.38
C VAL C 266 4.55 7.86 48.65
N LEU C 267 3.39 8.51 48.59
CA LEU C 267 2.87 9.26 49.74
C LEU C 267 2.68 8.35 50.96
N GLU C 268 2.28 7.10 50.74
CA GLU C 268 2.06 6.18 51.87
C GLU C 268 3.37 5.48 52.26
N GLY C 269 4.45 5.80 51.55
CA GLY C 269 5.75 5.22 51.85
C GLY C 269 5.91 3.75 51.48
N ARG C 270 5.08 3.28 50.56
CA ARG C 270 5.13 1.87 50.17
C ARG C 270 5.99 1.63 48.93
N ALA C 271 6.30 2.66 48.16
CA ALA C 271 7.09 2.40 46.94
C ALA C 271 7.91 3.63 46.54
N ASP C 272 8.85 3.40 45.62
CA ASP C 272 9.73 4.46 45.08
C ASP C 272 9.00 5.22 43.98
N ARG C 273 9.56 6.35 43.57
CA ARG C 273 8.95 7.22 42.58
C ARG C 273 8.97 6.65 41.17
N LYS C 274 9.79 5.63 40.94
CA LYS C 274 9.87 5.01 39.61
C LYS C 274 9.35 3.58 39.76
N CYS C 275 8.25 3.24 39.07
CA CYS C 275 7.66 1.89 39.22
C CYS C 275 7.14 1.31 37.92
N THR C 276 7.10 -0.01 37.88
CA THR C 276 6.48 -0.70 36.78
C THR C 276 5.11 -1.01 37.38
N VAL C 277 4.05 -0.65 36.69
CA VAL C 277 2.71 -0.91 37.18
C VAL C 277 2.12 -1.99 36.28
N ASP C 278 1.70 -3.10 36.88
CA ASP C 278 1.07 -4.16 36.11
C ASP C 278 -0.42 -3.93 36.19
N LEU C 279 -1.06 -3.72 35.04
CA LEU C 279 -2.50 -3.52 34.95
C LEU C 279 -3.04 -4.79 34.25
N PRO C 280 -4.35 -5.04 34.29
CA PRO C 280 -4.82 -6.26 33.62
C PRO C 280 -4.36 -6.44 32.18
N GLY C 281 -4.39 -5.37 31.40
CA GLY C 281 -3.98 -5.46 30.01
C GLY C 281 -2.49 -5.41 29.76
N GLY C 282 -1.70 -5.11 30.78
CA GLY C 282 -0.26 -5.04 30.56
C GLY C 282 0.45 -4.03 31.45
N PRO C 283 1.77 -3.89 31.32
CA PRO C 283 2.50 -2.95 32.17
C PRO C 283 2.74 -1.55 31.63
N LEU C 284 2.82 -0.59 32.55
CA LEU C 284 3.12 0.79 32.23
C LEU C 284 4.34 1.16 33.08
N GLU C 285 5.19 2.03 32.54
CA GLU C 285 6.35 2.53 33.29
C GLU C 285 5.97 3.91 33.76
N ILE C 286 6.02 4.13 35.05
CA ILE C 286 5.61 5.40 35.64
C ILE C 286 6.75 6.00 36.45
N GLU C 287 6.95 7.30 36.34
CA GLU C 287 7.97 7.95 37.14
C GLU C 287 7.46 9.29 37.62
N TRP C 288 7.32 9.46 38.93
CA TRP C 288 6.91 10.74 39.47
C TRP C 288 8.24 11.42 39.80
N LYS C 289 8.72 12.24 38.87
CA LYS C 289 10.02 12.91 38.99
C LYS C 289 10.05 13.91 40.14
N GLN C 290 10.97 13.68 41.07
CA GLN C 290 11.12 14.55 42.21
C GLN C 290 11.71 15.89 41.75
N GLU C 291 12.47 15.85 40.65
CA GLU C 291 13.11 17.05 40.10
C GLU C 291 12.09 18.13 39.70
N ASP C 292 11.03 17.76 38.99
CA ASP C 292 10.03 18.76 38.55
C ASP C 292 8.62 18.50 39.08
N ASN C 293 8.41 17.40 39.79
CA ASN C 293 7.07 17.06 40.34
C ASN C 293 6.13 16.59 39.19
N HIS C 294 6.66 16.44 37.99
CA HIS C 294 5.84 15.96 36.85
C HIS C 294 5.84 14.43 36.89
N ILE C 295 4.81 13.83 36.32
CA ILE C 295 4.71 12.38 36.28
C ILE C 295 4.81 11.97 34.82
N TYR C 296 5.66 11.00 34.52
CA TYR C 296 5.83 10.54 33.13
C TYR C 296 5.30 9.12 33.06
N MET C 297 4.54 8.84 32.01
CA MET C 297 3.93 7.54 31.79
C MET C 297 4.32 7.05 30.41
N THR C 298 4.85 5.83 30.30
CA THR C 298 5.24 5.26 29.01
C THR C 298 4.52 3.93 28.80
N GLY C 299 3.87 3.81 27.64
CA GLY C 299 3.18 2.58 27.34
C GLY C 299 2.86 2.49 25.86
N PRO C 300 2.32 1.35 25.41
CA PRO C 300 1.99 1.18 23.99
C PRO C 300 0.65 1.80 23.61
N ALA C 301 0.35 1.78 22.31
CA ALA C 301 -0.90 2.29 21.73
C ALA C 301 -0.93 1.70 20.33
N GLU C 302 -2.04 1.08 19.95
CA GLU C 302 -2.10 0.43 18.63
C GLU C 302 -3.43 0.66 17.93
N ALA C 303 -3.36 0.90 16.62
CA ALA C 303 -4.56 1.08 15.78
C ALA C 303 -5.12 -0.34 15.60
N VAL C 304 -6.44 -0.48 15.51
CA VAL C 304 -7.07 -1.80 15.38
C VAL C 304 -7.87 -1.88 14.08
N PHE C 305 -8.67 -0.86 13.80
CA PHE C 305 -9.43 -0.86 12.56
C PHE C 305 -9.95 0.55 12.27
N TYR C 306 -10.33 0.78 11.01
CA TYR C 306 -10.86 2.06 10.55
C TYR C 306 -12.32 1.83 10.25
N GLY C 307 -13.19 2.74 10.67
CA GLY C 307 -14.60 2.51 10.40
C GLY C 307 -15.50 3.70 10.23
N SER C 308 -16.75 3.39 9.92
CA SER C 308 -17.83 4.36 9.73
C SER C 308 -19.03 3.81 10.48
N ALA C 309 -19.52 4.54 11.46
CA ALA C 309 -20.65 4.08 12.25
C ALA C 309 -21.91 4.86 11.94
N LEU C 310 -23.04 4.17 12.03
CA LEU C 310 -24.34 4.80 11.79
C LEU C 310 -24.68 5.64 13.03
N LEU C 311 -25.14 6.87 12.82
CA LEU C 311 -25.53 7.77 13.92
C LEU C 311 -27.05 7.91 13.91
N GLU D 11 13.85 -2.11 24.77
CA GLU D 11 13.34 -2.94 23.63
C GLU D 11 14.30 -4.10 23.36
N LYS D 12 13.75 -5.23 22.95
CA LYS D 12 14.54 -6.44 22.68
C LYS D 12 14.67 -6.61 21.16
N PHE D 13 15.87 -6.98 20.72
CA PHE D 13 16.10 -7.21 19.29
C PHE D 13 15.32 -8.47 18.94
N SER D 14 14.31 -8.36 18.10
CA SER D 14 13.52 -9.56 17.75
C SER D 14 13.16 -9.59 16.27
N PRO D 15 13.91 -10.39 15.48
CA PRO D 15 13.61 -10.47 14.05
C PRO D 15 12.20 -11.03 13.82
N ALA D 16 11.79 -11.95 14.70
CA ALA D 16 10.47 -12.61 14.59
C ALA D 16 9.34 -11.58 14.72
N SER D 17 9.34 -10.84 15.83
CA SER D 17 8.29 -9.84 16.05
C SER D 17 8.24 -8.89 14.85
N PHE D 18 9.41 -8.42 14.44
CA PHE D 18 9.52 -7.47 13.32
C PHE D 18 8.85 -7.99 12.05
N LEU D 19 9.18 -9.21 11.64
CA LEU D 19 8.59 -9.75 10.39
C LEU D 19 7.08 -9.90 10.50
N ASP D 20 6.58 -10.24 11.68
CA ASP D 20 5.13 -10.39 11.85
C ASP D 20 4.46 -9.05 11.58
N LYS D 21 4.93 -8.00 12.27
CA LYS D 21 4.37 -6.67 12.11
C LYS D 21 4.18 -6.20 10.68
N LYS D 22 5.19 -6.40 9.82
CA LYS D 22 5.09 -5.92 8.42
C LYS D 22 4.22 -6.83 7.56
N GLU D 23 3.86 -8.00 8.09
CA GLU D 23 3.01 -8.91 7.35
C GLU D 23 1.56 -8.78 7.79
N THR D 24 1.02 -7.57 7.73
CA THR D 24 -0.35 -7.32 8.14
C THR D 24 -1.26 -7.28 6.92
N GLY D 25 -2.46 -7.83 7.06
CA GLY D 25 -3.44 -7.84 5.99
C GLY D 25 -4.60 -6.94 6.38
N VAL D 26 -5.70 -6.99 5.63
CA VAL D 26 -6.85 -6.15 5.94
C VAL D 26 -8.12 -6.92 5.60
N LEU D 27 -9.14 -6.77 6.44
CA LEU D 27 -10.44 -7.43 6.23
C LEU D 27 -11.50 -6.35 6.22
N HIS D 28 -12.27 -6.28 5.14
CA HIS D 28 -13.36 -5.30 5.05
C HIS D 28 -14.59 -6.04 5.52
N PHE D 29 -15.43 -5.40 6.34
CA PHE D 29 -16.60 -6.11 6.89
C PHE D 29 -17.67 -5.11 7.27
N VAL D 30 -18.82 -5.64 7.67
CA VAL D 30 -19.94 -4.84 8.14
C VAL D 30 -20.38 -5.50 9.46
N LYS D 31 -20.61 -4.68 10.48
CA LYS D 31 -21.02 -5.18 11.80
C LYS D 31 -22.55 -5.16 11.89
N TYR D 32 -23.14 -6.27 12.31
CA TYR D 32 -24.60 -6.41 12.50
C TYR D 32 -24.83 -7.04 13.87
N HIS D 33 -26.07 -6.98 14.35
CA HIS D 33 -26.43 -7.70 15.58
C HIS D 33 -27.88 -8.15 15.47
N GLY D 34 -28.16 -9.31 16.04
CA GLY D 34 -29.51 -9.85 16.08
C GLY D 34 -29.82 -9.94 17.57
N LEU D 35 -30.59 -8.99 18.09
CA LEU D 35 -30.95 -8.93 19.54
C LEU D 35 -29.69 -8.84 20.42
N GLY D 36 -28.66 -8.14 19.96
CA GLY D 36 -27.47 -8.03 20.78
C GLY D 36 -26.42 -9.11 20.58
N ASN D 37 -26.76 -10.17 19.84
CA ASN D 37 -25.81 -11.26 19.50
C ASN D 37 -25.18 -10.61 18.27
N ASP D 38 -23.96 -10.06 18.41
CA ASP D 38 -23.32 -9.25 17.34
C ASP D 38 -22.25 -10.00 16.54
N PHE D 39 -22.22 -9.73 15.24
CA PHE D 39 -21.30 -10.42 14.32
C PHE D 39 -20.63 -9.49 13.32
N ILE D 40 -19.49 -9.99 12.85
CA ILE D 40 -18.68 -9.35 11.82
C ILE D 40 -19.08 -10.11 10.52
N LEU D 41 -19.74 -9.41 9.61
CA LEU D 41 -20.17 -10.06 8.35
C LEU D 41 -19.17 -9.73 7.26
N VAL D 42 -18.79 -10.75 6.49
CA VAL D 42 -17.84 -10.52 5.40
C VAL D 42 -18.37 -11.09 4.09
N ASP D 43 -18.15 -10.32 3.03
CA ASP D 43 -18.58 -10.71 1.68
C ASP D 43 -17.51 -11.68 1.17
N ASN D 44 -17.83 -12.97 1.19
CA ASN D 44 -16.88 -14.01 0.77
C ASN D 44 -17.49 -14.74 -0.44
N ARG D 45 -18.33 -14.04 -1.20
CA ARG D 45 -19.01 -14.63 -2.36
C ARG D 45 -18.03 -14.92 -3.48
N ASP D 46 -16.83 -14.37 -3.37
CA ASP D 46 -15.78 -14.52 -4.38
C ASP D 46 -14.95 -15.79 -4.20
N SER D 47 -15.20 -16.55 -3.13
CA SER D 47 -14.39 -17.73 -2.92
C SER D 47 -15.08 -18.74 -2.05
N SER D 48 -14.65 -19.98 -2.20
CA SER D 48 -15.20 -21.09 -1.46
C SER D 48 -14.43 -21.22 -0.13
N GLU D 49 -13.38 -20.45 0.04
CA GLU D 49 -12.61 -20.53 1.28
C GLU D 49 -12.74 -19.25 2.07
N PRO D 50 -12.98 -19.37 3.39
CA PRO D 50 -13.11 -18.17 4.23
C PRO D 50 -11.86 -17.30 4.07
N LYS D 51 -12.05 -15.99 3.98
CA LYS D 51 -10.95 -15.02 3.80
C LYS D 51 -9.98 -15.00 4.97
N ILE D 52 -10.41 -15.41 6.17
CA ILE D 52 -9.48 -15.38 7.31
C ILE D 52 -9.52 -16.74 7.99
N THR D 53 -8.53 -17.01 8.84
CA THR D 53 -8.44 -18.27 9.55
C THR D 53 -9.27 -18.20 10.83
N GLN D 54 -9.46 -19.34 11.47
CA GLN D 54 -10.21 -19.40 12.69
C GLN D 54 -9.45 -18.63 13.78
N GLU D 55 -8.13 -18.73 13.75
CA GLU D 55 -7.28 -18.03 14.72
C GLU D 55 -7.43 -16.52 14.53
N GLN D 56 -7.47 -16.07 13.28
CA GLN D 56 -7.61 -14.63 13.02
C GLN D 56 -8.98 -14.16 13.49
N ALA D 57 -10.00 -14.98 13.31
CA ALA D 57 -11.36 -14.62 13.71
C ALA D 57 -11.40 -14.45 15.23
N ALA D 58 -10.75 -15.36 15.96
CA ALA D 58 -10.76 -15.28 17.42
C ALA D 58 -10.14 -13.94 17.86
N LYS D 59 -9.06 -13.54 17.21
CA LYS D 59 -8.40 -12.26 17.56
C LYS D 59 -9.32 -11.09 17.25
N LEU D 60 -9.95 -11.10 16.07
CA LEU D 60 -10.82 -10.00 15.67
C LEU D 60 -12.03 -9.88 16.59
N CYS D 61 -12.48 -11.00 17.13
CA CYS D 61 -13.65 -10.99 18.01
C CYS D 61 -13.32 -10.44 19.42
N ASP D 62 -12.04 -10.31 19.76
CA ASP D 62 -11.71 -9.79 21.09
C ASP D 62 -12.26 -8.38 21.18
N ARG D 63 -13.01 -8.08 22.23
CA ARG D 63 -13.68 -6.76 22.29
C ARG D 63 -12.77 -5.57 22.61
N ASN D 64 -11.64 -5.79 23.26
CA ASN D 64 -10.75 -4.65 23.58
C ASN D 64 -9.58 -4.56 22.63
N PHE D 65 -9.06 -5.71 22.19
CA PHE D 65 -7.87 -5.73 21.31
C PHE D 65 -8.27 -5.90 19.83
N GLY D 66 -9.53 -6.23 19.57
CA GLY D 66 -9.96 -6.43 18.19
C GLY D 66 -11.18 -5.60 17.83
N VAL D 67 -11.97 -6.09 16.88
CA VAL D 67 -13.19 -5.40 16.46
C VAL D 67 -14.25 -5.63 17.53
N GLY D 68 -14.33 -6.87 18.02
CA GLY D 68 -15.30 -7.19 19.05
C GLY D 68 -16.58 -7.79 18.50
N ALA D 69 -16.84 -9.05 18.82
CA ALA D 69 -18.05 -9.69 18.28
C ALA D 69 -18.22 -11.06 18.92
N ASP D 70 -19.41 -11.63 18.76
CA ASP D 70 -19.67 -12.98 19.25
C ASP D 70 -19.20 -13.98 18.16
N GLY D 71 -18.95 -13.48 16.95
CA GLY D 71 -18.49 -14.36 15.88
C GLY D 71 -18.28 -13.64 14.55
N VAL D 72 -17.71 -14.36 13.57
CA VAL D 72 -17.48 -13.82 12.22
C VAL D 72 -18.30 -14.70 11.28
N ILE D 73 -19.11 -14.09 10.43
CA ILE D 73 -19.99 -14.82 9.51
C ILE D 73 -19.59 -14.47 8.07
N PHE D 74 -19.42 -15.52 7.25
CA PHE D 74 -19.01 -15.35 5.86
C PHE D 74 -20.17 -15.66 4.91
N ALA D 75 -20.40 -14.75 3.97
CA ALA D 75 -21.44 -14.97 2.93
C ALA D 75 -20.65 -15.60 1.79
N MET D 76 -20.86 -16.90 1.57
CA MET D 76 -20.11 -17.64 0.55
C MET D 76 -20.98 -18.02 -0.65
N PRO D 77 -20.36 -18.53 -1.71
CA PRO D 77 -21.12 -18.93 -2.90
C PRO D 77 -22.04 -20.10 -2.58
N GLY D 78 -23.18 -20.13 -3.25
CA GLY D 78 -24.16 -21.18 -3.04
C GLY D 78 -23.56 -22.56 -3.25
N VAL D 79 -24.25 -23.57 -2.73
CA VAL D 79 -23.78 -24.95 -2.84
C VAL D 79 -24.92 -25.83 -3.27
N ASN D 80 -24.65 -26.63 -4.30
CA ASN D 80 -25.63 -27.58 -4.81
C ASN D 80 -26.98 -26.93 -4.94
N GLY D 81 -27.00 -25.77 -5.60
CA GLY D 81 -28.24 -25.09 -5.82
C GLY D 81 -28.46 -23.78 -5.09
N THR D 82 -28.47 -23.86 -3.75
CA THR D 82 -28.75 -22.71 -2.87
C THR D 82 -28.23 -21.39 -3.40
N ASP D 83 -28.88 -20.31 -2.99
CA ASP D 83 -28.50 -18.98 -3.40
C ASP D 83 -27.12 -18.67 -2.82
N TYR D 84 -26.90 -19.04 -1.55
CA TYR D 84 -25.62 -18.78 -0.90
C TYR D 84 -25.32 -19.88 0.11
N ALA D 85 -24.16 -19.78 0.73
CA ALA D 85 -23.74 -20.69 1.79
C ALA D 85 -23.27 -19.78 2.93
N MET D 86 -23.38 -20.27 4.16
CA MET D 86 -22.93 -19.48 5.30
C MET D 86 -22.00 -20.32 6.16
N ARG D 87 -20.88 -19.73 6.54
CA ARG D 87 -19.97 -20.40 7.45
C ARG D 87 -19.75 -19.38 8.55
N ILE D 88 -19.56 -19.85 9.78
CA ILE D 88 -19.37 -18.95 10.91
C ILE D 88 -18.30 -19.50 11.84
N PHE D 89 -17.55 -18.59 12.45
CA PHE D 89 -16.52 -18.94 13.43
C PHE D 89 -16.96 -18.25 14.73
N ASN D 90 -16.98 -19.00 15.83
CA ASN D 90 -17.31 -18.47 17.16
C ASN D 90 -16.18 -17.52 17.57
N SER D 91 -16.43 -16.68 18.58
CA SER D 91 -15.42 -15.78 19.07
C SER D 91 -14.22 -16.58 19.63
N ASP D 92 -14.38 -17.86 19.92
CA ASP D 92 -13.23 -18.63 20.43
C ASP D 92 -12.51 -19.28 19.24
N GLY D 93 -13.01 -19.03 18.03
CA GLY D 93 -12.41 -19.58 16.84
C GLY D 93 -12.99 -20.89 16.32
N SER D 94 -13.76 -21.58 17.15
CA SER D 94 -14.35 -22.86 16.72
C SER D 94 -15.41 -22.60 15.65
N GLU D 95 -15.71 -23.60 14.83
CA GLU D 95 -16.71 -23.42 13.77
C GLU D 95 -17.98 -24.23 14.06
N PRO D 96 -19.06 -23.56 14.47
CA PRO D 96 -20.34 -24.20 14.78
C PRO D 96 -21.06 -24.47 13.45
N GLU D 97 -22.12 -25.26 13.49
CA GLU D 97 -22.85 -25.65 12.26
C GLU D 97 -23.93 -24.66 11.83
N MET D 98 -24.38 -23.79 12.71
CA MET D 98 -25.45 -22.83 12.32
C MET D 98 -25.52 -21.72 13.35
N CYS D 99 -26.30 -20.69 13.03
CA CYS D 99 -26.49 -19.58 13.94
C CYS D 99 -27.74 -18.82 13.50
N GLY D 100 -28.76 -18.86 14.36
CA GLY D 100 -30.03 -18.20 14.08
C GLY D 100 -30.01 -16.68 14.02
N ASN D 101 -29.48 -16.03 15.05
CA ASN D 101 -29.40 -14.56 15.02
C ASN D 101 -28.50 -14.16 13.85
N GLY D 102 -27.48 -14.98 13.59
CA GLY D 102 -26.56 -14.68 12.51
C GLY D 102 -27.17 -14.78 11.11
N VAL D 103 -28.05 -15.74 10.90
CA VAL D 103 -28.63 -15.88 9.58
C VAL D 103 -29.63 -14.74 9.32
N ARG D 104 -30.21 -14.14 10.37
CA ARG D 104 -31.12 -13.01 10.17
C ARG D 104 -30.26 -11.82 9.75
N CYS D 105 -29.08 -11.69 10.36
CA CYS D 105 -28.12 -10.61 9.97
C CYS D 105 -27.65 -10.88 8.51
N PHE D 106 -27.41 -12.16 8.21
CA PHE D 106 -26.95 -12.58 6.85
C PHE D 106 -27.97 -12.09 5.80
N ALA D 107 -29.26 -12.32 6.08
CA ALA D 107 -30.35 -11.90 5.17
C ALA D 107 -30.30 -10.39 4.93
N ARG D 108 -30.12 -9.58 5.97
CA ARG D 108 -30.03 -8.12 5.82
C ARG D 108 -28.82 -7.73 4.99
N PHE D 109 -27.70 -8.42 5.23
CA PHE D 109 -26.43 -8.19 4.57
C PHE D 109 -26.62 -8.39 3.06
N ILE D 110 -27.21 -9.52 2.69
CA ILE D 110 -27.47 -9.83 1.28
C ILE D 110 -28.40 -8.80 0.68
N ALA D 111 -29.52 -8.54 1.35
CA ALA D 111 -30.50 -7.57 0.85
C ALA D 111 -29.80 -6.22 0.61
N GLU D 112 -28.87 -5.86 1.49
CA GLU D 112 -28.14 -4.60 1.39
C GLU D 112 -27.17 -4.66 0.21
N LEU D 113 -26.44 -5.75 0.09
CA LEU D 113 -25.47 -5.93 -1.00
C LEU D 113 -26.15 -5.98 -2.37
N GLU D 114 -27.33 -6.61 -2.45
CA GLU D 114 -28.01 -6.77 -3.73
C GLU D 114 -29.09 -5.73 -3.98
N ASN D 115 -29.12 -4.69 -3.16
CA ASN D 115 -30.12 -3.63 -3.33
C ASN D 115 -31.51 -4.23 -3.40
N LEU D 116 -31.80 -5.20 -2.54
CA LEU D 116 -33.10 -5.85 -2.50
C LEU D 116 -33.97 -5.16 -1.47
N GLN D 117 -35.10 -4.62 -1.92
CA GLN D 117 -36.04 -3.92 -1.04
C GLN D 117 -37.25 -4.83 -0.86
N GLY D 118 -37.99 -4.61 0.22
CA GLY D 118 -39.18 -5.41 0.48
C GLY D 118 -38.90 -6.86 0.79
N LYS D 119 -39.97 -7.66 0.79
CA LYS D 119 -39.87 -9.10 1.07
C LYS D 119 -38.96 -9.78 0.06
N HIS D 120 -38.09 -10.66 0.57
CA HIS D 120 -37.14 -11.44 -0.23
C HIS D 120 -36.76 -12.66 0.59
N SER D 121 -36.66 -13.82 -0.06
CA SER D 121 -36.25 -15.04 0.63
C SER D 121 -35.03 -15.58 -0.11
N PHE D 122 -34.10 -16.17 0.63
CA PHE D 122 -32.88 -16.74 0.03
C PHE D 122 -32.73 -18.14 0.60
N THR D 123 -32.06 -19.01 -0.14
CA THR D 123 -31.81 -20.35 0.35
C THR D 123 -30.35 -20.33 0.74
N ILE D 124 -30.04 -20.84 1.93
CA ILE D 124 -28.66 -20.83 2.40
C ILE D 124 -28.20 -22.23 2.77
N HIS D 125 -27.00 -22.59 2.32
CA HIS D 125 -26.40 -23.87 2.66
C HIS D 125 -25.59 -23.63 3.93
N THR D 126 -25.82 -24.44 4.96
CA THR D 126 -25.09 -24.31 6.24
C THR D 126 -24.64 -25.69 6.70
N GLY D 127 -23.97 -25.73 7.84
CA GLY D 127 -23.51 -26.99 8.37
C GLY D 127 -24.68 -27.78 8.94
N ALA D 128 -25.83 -27.13 9.07
CA ALA D 128 -27.02 -27.78 9.60
C ALA D 128 -27.96 -28.15 8.45
N GLY D 129 -27.55 -27.85 7.23
CA GLY D 129 -28.41 -28.15 6.09
C GLY D 129 -29.04 -26.88 5.52
N LEU D 130 -30.15 -27.04 4.81
CA LEU D 130 -30.84 -25.93 4.18
C LEU D 130 -31.53 -25.03 5.21
N ILE D 131 -31.27 -23.73 5.10
CA ILE D 131 -31.89 -22.75 5.98
C ILE D 131 -32.47 -21.67 5.06
N VAL D 132 -33.70 -21.25 5.31
CA VAL D 132 -34.32 -20.28 4.41
C VAL D 132 -34.87 -19.04 5.12
N PRO D 133 -34.07 -17.96 5.13
CA PRO D 133 -34.57 -16.75 5.77
C PRO D 133 -35.46 -15.99 4.78
N GLU D 134 -36.38 -15.22 5.31
CA GLU D 134 -37.25 -14.43 4.45
C GLU D 134 -37.55 -13.10 5.13
N ILE D 135 -37.05 -12.01 4.55
CA ILE D 135 -37.31 -10.69 5.09
C ILE D 135 -38.82 -10.48 4.96
N GLN D 136 -39.47 -10.08 6.04
CA GLN D 136 -40.93 -9.90 6.03
C GLN D 136 -41.30 -8.51 5.54
N ASP D 137 -42.59 -8.33 5.25
CA ASP D 137 -43.12 -7.05 4.77
C ASP D 137 -42.85 -5.99 5.82
N ASP D 138 -42.87 -6.39 7.09
CA ASP D 138 -42.67 -5.48 8.21
C ASP D 138 -41.18 -5.31 8.52
N GLY D 139 -40.31 -5.91 7.71
CA GLY D 139 -38.88 -5.78 7.92
C GLY D 139 -38.19 -6.83 8.78
N GLN D 140 -38.94 -7.52 9.64
CA GLN D 140 -38.32 -8.55 10.48
C GLN D 140 -37.91 -9.71 9.57
N VAL D 141 -37.10 -10.63 10.10
CA VAL D 141 -36.67 -11.76 9.29
C VAL D 141 -37.23 -13.03 9.93
N LYS D 142 -37.99 -13.79 9.15
CA LYS D 142 -38.57 -15.07 9.65
C LYS D 142 -37.75 -16.15 8.97
N VAL D 143 -37.15 -17.04 9.75
CA VAL D 143 -36.30 -18.05 9.17
C VAL D 143 -36.84 -19.46 9.33
N ASP D 144 -36.78 -20.23 8.25
CA ASP D 144 -37.17 -21.65 8.29
C ASP D 144 -35.88 -22.29 8.77
N MET D 145 -35.84 -22.68 10.04
CA MET D 145 -34.63 -23.23 10.65
C MET D 145 -34.51 -24.74 10.45
N GLY D 146 -35.34 -25.32 9.59
CA GLY D 146 -35.23 -26.75 9.37
C GLY D 146 -35.87 -27.55 10.48
N THR D 147 -35.54 -28.84 10.55
CA THR D 147 -36.14 -29.73 11.56
C THR D 147 -35.11 -30.06 12.63
N PRO D 148 -35.56 -30.21 13.88
CA PRO D 148 -34.68 -30.53 15.01
C PRO D 148 -34.18 -31.96 14.98
N ILE D 149 -32.98 -32.16 15.50
CA ILE D 149 -32.38 -33.49 15.57
C ILE D 149 -32.50 -33.92 17.03
N LEU D 150 -33.18 -35.04 17.26
CA LEU D 150 -33.43 -35.51 18.62
C LEU D 150 -32.68 -36.80 18.99
N LYS D 151 -32.21 -37.57 18.02
CA LYS D 151 -31.51 -38.81 18.37
C LYS D 151 -30.24 -38.47 19.14
N ALA D 152 -30.19 -38.97 20.37
CA ALA D 152 -29.09 -38.75 21.32
C ALA D 152 -27.70 -38.76 20.70
N GLN D 153 -27.31 -39.86 20.03
CA GLN D 153 -25.96 -39.93 19.52
C GLN D 153 -25.70 -38.91 18.40
N ASP D 154 -26.73 -38.37 17.78
CA ASP D 154 -26.50 -37.38 16.71
C ASP D 154 -26.48 -35.94 17.23
N VAL D 155 -26.92 -35.73 18.47
CA VAL D 155 -26.95 -34.37 19.03
C VAL D 155 -25.59 -33.66 18.91
N PRO D 156 -24.49 -34.26 19.39
CA PRO D 156 -24.29 -35.55 20.05
C PRO D 156 -24.18 -35.43 21.58
N THR D 157 -24.62 -36.48 22.26
CA THR D 157 -24.51 -36.55 23.71
C THR D 157 -24.34 -38.02 24.05
N LYS D 158 -23.58 -38.32 25.11
CA LYS D 158 -23.35 -39.69 25.52
C LYS D 158 -24.46 -40.12 26.47
N LEU D 159 -25.38 -39.20 26.77
CA LEU D 159 -26.50 -39.54 27.64
C LEU D 159 -27.36 -40.55 26.89
N SER D 160 -27.98 -41.48 27.62
CA SER D 160 -28.82 -42.51 26.97
C SER D 160 -30.20 -41.93 26.70
N GLY D 161 -30.71 -42.18 25.50
CA GLY D 161 -32.05 -41.73 25.18
C GLY D 161 -32.98 -42.35 26.19
N ASN D 162 -33.93 -41.59 26.73
CA ASN D 162 -34.84 -42.14 27.73
C ASN D 162 -36.29 -41.98 27.26
N LYS D 163 -36.47 -41.34 26.11
CA LYS D 163 -37.80 -41.19 25.53
C LYS D 163 -37.61 -41.51 24.06
N GLY D 164 -37.62 -42.80 23.76
CA GLY D 164 -37.38 -43.23 22.40
C GLY D 164 -35.87 -43.10 22.26
N GLU D 165 -35.41 -42.43 21.22
CA GLU D 165 -33.97 -42.26 21.05
C GLU D 165 -33.58 -40.88 21.58
N ALA D 166 -34.55 -40.12 22.06
CA ALA D 166 -34.30 -38.76 22.55
C ALA D 166 -34.01 -38.72 24.06
N VAL D 167 -33.25 -37.69 24.46
CA VAL D 167 -32.91 -37.46 25.88
C VAL D 167 -33.85 -36.35 26.34
N VAL D 168 -34.86 -36.70 27.13
CA VAL D 168 -35.86 -35.73 27.59
C VAL D 168 -35.96 -35.77 29.12
N GLU D 169 -35.68 -34.63 29.74
CA GLU D 169 -35.73 -34.48 31.20
C GLU D 169 -34.99 -35.66 31.85
N ALA D 170 -33.76 -35.86 31.41
CA ALA D 170 -32.92 -36.94 31.91
C ALA D 170 -31.89 -36.36 32.89
N GLU D 171 -31.39 -37.22 33.78
CA GLU D 171 -30.42 -36.78 34.81
C GLU D 171 -29.03 -36.60 34.21
N LEU D 172 -28.42 -35.47 34.57
CA LEU D 172 -27.06 -35.09 34.15
C LEU D 172 -26.37 -34.65 35.46
N VAL D 173 -25.32 -35.34 35.86
CA VAL D 173 -24.65 -34.98 37.11
C VAL D 173 -23.57 -33.97 36.76
N VAL D 174 -23.80 -32.73 37.19
CA VAL D 174 -22.89 -31.62 36.90
C VAL D 174 -22.15 -31.26 38.19
N ASP D 175 -20.85 -31.53 38.22
CA ASP D 175 -20.01 -31.22 39.38
C ASP D 175 -20.66 -31.79 40.64
N GLY D 176 -21.08 -33.05 40.54
CA GLY D 176 -21.70 -33.74 41.66
C GLY D 176 -23.16 -33.43 41.99
N VAL D 177 -23.77 -32.49 41.25
CA VAL D 177 -25.17 -32.08 41.49
C VAL D 177 -26.04 -32.61 40.34
N SER D 178 -27.19 -33.18 40.69
CA SER D 178 -28.10 -33.78 39.67
C SER D 178 -29.06 -32.75 39.07
N TRP D 179 -28.93 -32.54 37.76
CA TRP D 179 -29.80 -31.64 37.00
C TRP D 179 -30.59 -32.52 36.03
N ASN D 180 -31.74 -32.04 35.58
CA ASN D 180 -32.51 -32.78 34.55
C ASN D 180 -32.33 -31.95 33.29
N VAL D 181 -32.03 -32.61 32.17
CA VAL D 181 -31.81 -31.89 30.92
C VAL D 181 -32.49 -32.62 29.75
N THR D 182 -32.70 -31.85 28.68
CA THR D 182 -33.26 -32.37 27.42
C THR D 182 -32.27 -31.95 26.37
N CYS D 183 -31.92 -32.86 25.46
CA CYS D 183 -30.92 -32.55 24.44
C CYS D 183 -31.55 -32.47 23.07
N VAL D 184 -31.19 -31.45 22.29
CA VAL D 184 -31.70 -31.32 20.94
C VAL D 184 -30.65 -30.60 20.10
N SER D 185 -30.56 -30.98 18.84
CA SER D 185 -29.61 -30.35 17.94
C SER D 185 -30.36 -29.60 16.86
N MET D 186 -29.81 -28.45 16.50
CA MET D 186 -30.33 -27.60 15.41
C MET D 186 -29.13 -27.55 14.46
N GLY D 187 -28.40 -28.66 14.40
CA GLY D 187 -27.19 -28.73 13.61
C GLY D 187 -26.12 -28.65 14.68
N ASN D 188 -26.26 -27.68 15.59
CA ASN D 188 -25.33 -27.52 16.71
C ASN D 188 -26.03 -28.11 17.95
N PRO D 189 -25.24 -28.54 18.96
CA PRO D 189 -25.81 -29.14 20.17
C PRO D 189 -26.34 -28.21 21.25
N HIS D 190 -27.49 -28.59 21.83
CA HIS D 190 -28.13 -27.79 22.88
C HIS D 190 -28.53 -28.71 24.04
N CYS D 191 -28.31 -28.20 25.25
CA CYS D 191 -28.65 -28.88 26.49
C CYS D 191 -29.57 -27.91 27.20
N ILE D 192 -30.86 -28.26 27.28
CA ILE D 192 -31.86 -27.38 27.88
C ILE D 192 -32.29 -27.89 29.26
N THR D 193 -32.34 -26.99 30.24
CA THR D 193 -32.75 -27.41 31.57
C THR D 193 -33.75 -26.42 32.15
N PHE D 194 -34.75 -26.96 32.84
CA PHE D 194 -35.77 -26.15 33.49
C PHE D 194 -35.54 -26.27 35.01
N GLY D 195 -34.39 -26.83 35.39
CA GLY D 195 -34.08 -26.96 36.81
C GLY D 195 -33.37 -28.25 37.22
N LYS D 196 -33.02 -28.30 38.50
CA LYS D 196 -32.31 -29.44 39.04
C LYS D 196 -33.29 -30.60 39.25
N LYS D 197 -32.76 -31.81 39.24
CA LYS D 197 -33.60 -33.00 39.44
C LYS D 197 -34.24 -32.87 40.81
N GLY D 198 -35.55 -33.03 40.86
CA GLY D 198 -36.26 -32.93 42.13
C GLY D 198 -36.23 -31.53 42.71
N GLY D 199 -35.98 -30.52 41.88
CA GLY D 199 -35.93 -29.16 42.38
C GLY D 199 -37.03 -28.28 41.86
N PRO D 200 -37.12 -27.04 42.36
CA PRO D 200 -38.14 -26.07 41.94
C PRO D 200 -37.82 -25.44 40.58
N ASN D 201 -38.76 -24.65 40.08
CA ASN D 201 -38.56 -23.94 38.81
C ASN D 201 -37.39 -22.96 39.02
N LEU D 202 -36.81 -22.51 37.92
CA LEU D 202 -35.67 -21.60 37.99
C LEU D 202 -36.10 -20.15 37.85
N LYS D 203 -35.31 -19.29 38.47
CA LYS D 203 -35.40 -17.84 38.35
C LYS D 203 -34.05 -17.65 37.63
N VAL D 204 -34.07 -17.69 36.29
CA VAL D 204 -32.82 -17.64 35.53
C VAL D 204 -31.92 -16.47 35.85
N ASP D 205 -32.47 -15.32 36.19
CA ASP D 205 -31.60 -14.18 36.49
C ASP D 205 -30.80 -14.40 37.77
N ASP D 206 -31.18 -15.38 38.58
CA ASP D 206 -30.43 -15.62 39.83
C ASP D 206 -29.24 -16.54 39.57
N LEU D 207 -29.17 -17.13 38.38
CA LEU D 207 -28.05 -18.05 38.09
C LEU D 207 -26.74 -17.28 37.88
N ASN D 208 -25.64 -17.92 38.24
CA ASN D 208 -24.29 -17.37 38.06
C ASN D 208 -23.75 -18.12 36.84
N LEU D 209 -24.04 -17.62 35.64
CA LEU D 209 -23.64 -18.31 34.38
C LEU D 209 -22.15 -18.54 34.25
N PRO D 210 -21.31 -17.53 34.55
CA PRO D 210 -19.87 -17.75 34.42
C PRO D 210 -19.36 -18.92 35.26
N GLU D 211 -20.11 -19.25 36.30
CA GLU D 211 -19.73 -20.33 37.20
C GLU D 211 -20.33 -21.68 36.71
N ILE D 212 -21.64 -21.74 36.54
CA ILE D 212 -22.31 -23.00 36.14
C ILE D 212 -22.18 -23.31 34.63
N GLY D 213 -22.20 -22.28 33.80
CA GLY D 213 -22.10 -22.49 32.35
C GLY D 213 -21.00 -23.39 31.86
N PRO D 214 -19.74 -23.09 32.20
CA PRO D 214 -18.61 -23.91 31.76
C PRO D 214 -18.72 -25.39 32.15
N LYS D 215 -19.41 -25.67 33.24
CA LYS D 215 -19.53 -27.06 33.72
C LYS D 215 -20.43 -27.87 32.80
N PHE D 216 -21.37 -27.19 32.16
CA PHE D 216 -22.24 -27.86 31.19
C PHE D 216 -21.52 -27.90 29.84
N GLU D 217 -20.99 -26.76 29.43
CA GLU D 217 -20.31 -26.61 28.13
C GLU D 217 -19.28 -27.69 27.86
N HIS D 218 -18.42 -27.95 28.84
CA HIS D 218 -17.34 -28.91 28.66
C HIS D 218 -17.66 -30.24 29.32
N HIS D 219 -18.92 -30.51 29.62
CA HIS D 219 -19.25 -31.77 30.31
C HIS D 219 -18.82 -32.98 29.47
N GLU D 220 -18.37 -34.04 30.14
CA GLU D 220 -17.91 -35.28 29.50
C GLU D 220 -19.03 -35.93 28.69
N MET D 221 -20.29 -35.59 28.98
CA MET D 221 -21.41 -36.20 28.26
C MET D 221 -21.66 -35.50 26.91
N PHE D 222 -20.90 -34.47 26.61
CA PHE D 222 -21.05 -33.72 25.34
C PHE D 222 -19.70 -33.67 24.63
N PRO D 223 -19.43 -34.68 23.79
CA PRO D 223 -18.18 -34.84 23.02
C PRO D 223 -17.76 -33.63 22.18
N ALA D 224 -18.73 -32.85 21.68
CA ALA D 224 -18.39 -31.68 20.85
C ALA D 224 -18.72 -30.42 21.63
N ARG D 225 -18.81 -30.55 22.95
CA ARG D 225 -19.20 -29.47 23.86
C ARG D 225 -20.66 -29.21 23.55
N THR D 226 -21.27 -28.25 24.25
CA THR D 226 -22.67 -27.96 23.99
C THR D 226 -23.01 -26.54 24.39
N ASN D 227 -24.11 -26.05 23.84
CA ASN D 227 -24.67 -24.77 24.21
C ASN D 227 -25.64 -25.15 25.31
N THR D 228 -25.90 -24.27 26.26
CA THR D 228 -26.81 -24.62 27.37
C THR D 228 -27.83 -23.50 27.56
N GLU D 229 -29.10 -23.87 27.55
CA GLU D 229 -30.15 -22.90 27.77
C GLU D 229 -30.86 -23.21 29.11
N PHE D 230 -30.95 -22.18 29.95
CA PHE D 230 -31.62 -22.24 31.27
C PHE D 230 -32.98 -21.58 31.06
N VAL D 231 -34.06 -22.30 31.37
CA VAL D 231 -35.40 -21.80 31.06
C VAL D 231 -36.36 -21.68 32.25
N GLU D 232 -37.11 -20.59 32.22
CA GLU D 232 -38.12 -20.25 33.21
C GLU D 232 -39.43 -20.15 32.42
N VAL D 233 -40.40 -21.04 32.69
CA VAL D 233 -41.69 -20.99 31.96
C VAL D 233 -42.59 -19.92 32.58
N LEU D 234 -43.03 -18.94 31.79
CA LEU D 234 -43.90 -17.86 32.29
C LEU D 234 -45.36 -18.24 32.01
N SER D 235 -45.57 -18.92 30.88
CA SER D 235 -46.91 -19.42 30.48
C SER D 235 -46.63 -20.48 29.42
N ARG D 236 -47.65 -21.19 28.98
CA ARG D 236 -47.44 -22.24 27.97
C ARG D 236 -47.06 -21.66 26.61
N SER D 237 -47.06 -20.34 26.48
CA SER D 237 -46.69 -19.74 25.19
C SER D 237 -45.68 -18.61 25.43
N HIS D 238 -45.05 -18.60 26.59
CA HIS D 238 -44.11 -17.51 26.94
C HIS D 238 -42.99 -18.08 27.82
N LEU D 239 -41.78 -18.12 27.29
CA LEU D 239 -40.62 -18.67 28.01
C LEU D 239 -39.52 -17.59 28.17
N LYS D 240 -38.83 -17.62 29.31
CA LYS D 240 -37.74 -16.67 29.57
C LYS D 240 -36.47 -17.52 29.66
N MET D 241 -35.37 -17.07 29.06
CA MET D 241 -34.16 -17.89 29.10
C MET D 241 -32.89 -17.07 29.18
N ARG D 242 -31.83 -17.75 29.57
CA ARG D 242 -30.48 -17.21 29.56
C ARG D 242 -29.68 -18.34 28.93
N VAL D 243 -28.59 -18.01 28.24
CA VAL D 243 -27.83 -19.05 27.59
C VAL D 243 -26.33 -18.91 27.83
N TRP D 244 -25.67 -20.07 27.93
CA TRP D 244 -24.20 -20.11 28.01
C TRP D 244 -23.84 -20.86 26.73
N GLU D 245 -23.28 -20.14 25.76
CA GLU D 245 -22.98 -20.73 24.46
C GLU D 245 -21.63 -21.38 24.37
N ARG D 246 -21.59 -22.48 23.61
CA ARG D 246 -20.35 -23.15 23.34
C ARG D 246 -19.49 -22.12 22.62
N GLY D 247 -18.25 -21.97 23.07
CA GLY D 247 -17.32 -21.04 22.44
C GLY D 247 -17.65 -19.56 22.37
N ALA D 248 -18.73 -19.10 23.01
CA ALA D 248 -19.07 -17.68 22.96
C ALA D 248 -19.47 -17.16 24.33
N GLY D 249 -19.82 -18.04 25.26
CA GLY D 249 -20.19 -17.58 26.59
C GLY D 249 -21.61 -17.07 26.80
N ALA D 250 -21.77 -16.15 27.75
CA ALA D 250 -23.11 -15.61 28.08
C ALA D 250 -23.48 -14.49 27.12
N THR D 251 -24.09 -14.84 26.00
CA THR D 251 -24.49 -13.88 24.99
C THR D 251 -25.87 -13.32 25.32
N LEU D 252 -26.24 -12.26 24.62
CA LEU D 252 -27.53 -11.60 24.84
C LEU D 252 -28.67 -12.36 24.16
N ALA D 253 -28.32 -13.28 23.26
CA ALA D 253 -29.38 -14.04 22.57
C ALA D 253 -28.77 -15.15 21.72
N CYS D 254 -29.54 -16.19 21.48
CA CYS D 254 -29.10 -17.31 20.64
C CYS D 254 -30.36 -17.83 19.96
N GLY D 255 -30.38 -17.72 18.62
CA GLY D 255 -31.54 -18.16 17.85
C GLY D 255 -31.69 -19.67 17.79
N THR D 256 -30.60 -20.41 17.55
CA THR D 256 -30.69 -21.87 17.53
C THR D 256 -31.09 -22.32 18.94
N GLY D 257 -30.61 -21.57 19.94
CA GLY D 257 -30.94 -21.91 21.32
C GLY D 257 -32.42 -21.72 21.62
N ALA D 258 -33.00 -20.62 21.15
CA ALA D 258 -34.42 -20.34 21.38
C ALA D 258 -35.26 -21.41 20.69
N CYS D 259 -34.83 -21.86 19.51
CA CYS D 259 -35.56 -22.92 18.78
C CYS D 259 -35.48 -24.22 19.58
N ALA D 260 -34.28 -24.57 20.03
CA ALA D 260 -34.06 -25.82 20.76
C ALA D 260 -34.83 -25.86 22.08
N LEU D 261 -34.89 -24.74 22.81
CA LEU D 261 -35.57 -24.77 24.09
C LEU D 261 -37.08 -24.86 23.92
N VAL D 262 -37.62 -24.37 22.80
CA VAL D 262 -39.07 -24.51 22.60
C VAL D 262 -39.34 -26.01 22.31
N VAL D 263 -38.46 -26.63 21.54
CA VAL D 263 -38.62 -28.07 21.24
C VAL D 263 -38.58 -28.82 22.57
N ALA D 264 -37.61 -28.48 23.41
CA ALA D 264 -37.47 -29.13 24.72
C ALA D 264 -38.72 -28.90 25.56
N ALA D 265 -39.22 -27.67 25.59
CA ALA D 265 -40.40 -27.35 26.41
C ALA D 265 -41.60 -28.19 25.93
N VAL D 266 -41.75 -28.34 24.62
CA VAL D 266 -42.85 -29.13 24.06
C VAL D 266 -42.65 -30.60 24.47
N LEU D 267 -41.45 -31.13 24.26
CA LEU D 267 -41.16 -32.53 24.61
C LEU D 267 -41.40 -32.82 26.08
N GLU D 268 -41.11 -31.84 26.96
CA GLU D 268 -41.32 -32.06 28.41
C GLU D 268 -42.76 -31.74 28.81
N GLY D 269 -43.57 -31.35 27.83
CA GLY D 269 -44.97 -31.04 28.10
C GLY D 269 -45.21 -29.76 28.88
N ARG D 270 -44.25 -28.84 28.86
CA ARG D 270 -44.36 -27.59 29.63
C ARG D 270 -44.90 -26.41 28.80
N ALA D 271 -44.87 -26.47 27.48
CA ALA D 271 -45.34 -25.33 26.68
C ALA D 271 -45.86 -25.81 25.32
N ASP D 272 -46.58 -24.92 24.64
CA ASP D 272 -47.16 -25.19 23.30
C ASP D 272 -46.07 -25.02 22.24
N ARG D 273 -46.40 -25.38 21.00
CA ARG D 273 -45.45 -25.30 19.89
C ARG D 273 -45.22 -23.87 19.39
N LYS D 274 -46.07 -22.92 19.77
CA LYS D 274 -45.92 -21.51 19.36
C LYS D 274 -45.59 -20.73 20.63
N CYS D 275 -44.40 -20.14 20.70
CA CYS D 275 -43.98 -19.42 21.91
C CYS D 275 -43.23 -18.14 21.60
N THR D 276 -43.34 -17.20 22.54
CA THR D 276 -42.57 -15.96 22.49
C THR D 276 -41.45 -16.31 23.46
N VAL D 277 -40.20 -16.17 23.03
CA VAL D 277 -39.10 -16.50 23.92
C VAL D 277 -38.40 -15.19 24.28
N ASP D 278 -38.28 -14.92 25.57
CA ASP D 278 -37.59 -13.69 26.02
C ASP D 278 -36.13 -14.03 26.31
N LEU D 279 -35.21 -13.41 25.56
CA LEU D 279 -33.78 -13.58 25.75
C LEU D 279 -33.25 -12.25 26.34
N PRO D 280 -32.06 -12.26 26.93
CA PRO D 280 -31.55 -11.02 27.50
C PRO D 280 -31.70 -9.81 26.56
N GLY D 281 -31.35 -9.99 25.30
CA GLY D 281 -31.43 -8.89 24.34
C GLY D 281 -32.79 -8.58 23.76
N GLY D 282 -33.80 -9.40 24.03
CA GLY D 282 -35.12 -9.13 23.47
C GLY D 282 -35.86 -10.42 23.15
N PRO D 283 -37.06 -10.33 22.56
CA PRO D 283 -37.88 -11.50 22.21
C PRO D 283 -37.78 -12.04 20.78
N LEU D 284 -38.02 -13.34 20.65
CA LEU D 284 -38.06 -14.04 19.35
C LEU D 284 -39.38 -14.82 19.32
N GLU D 285 -40.02 -14.87 18.15
CA GLU D 285 -41.26 -15.65 17.99
C GLU D 285 -40.83 -17.00 17.41
N ILE D 286 -41.16 -18.08 18.09
CA ILE D 286 -40.72 -19.39 17.65
C ILE D 286 -41.93 -20.28 17.47
N GLU D 287 -41.91 -21.10 16.43
CA GLU D 287 -43.00 -22.03 16.19
C GLU D 287 -42.45 -23.33 15.61
N TRP D 288 -42.69 -24.43 16.32
CA TRP D 288 -42.28 -25.75 15.87
C TRP D 288 -43.57 -26.31 15.25
N LYS D 289 -43.69 -26.15 13.95
CA LYS D 289 -44.88 -26.57 13.20
C LYS D 289 -45.05 -28.09 13.21
N GLN D 290 -46.19 -28.55 13.73
CA GLN D 290 -46.45 -30.00 13.76
C GLN D 290 -46.71 -30.46 12.34
N GLU D 291 -47.24 -29.55 11.53
CA GLU D 291 -47.55 -29.86 10.14
C GLU D 291 -46.34 -30.45 9.41
N ASP D 292 -45.17 -29.79 9.48
CA ASP D 292 -43.98 -30.27 8.75
C ASP D 292 -42.76 -30.55 9.65
N ASN D 293 -42.90 -30.38 10.96
CA ASN D 293 -41.81 -30.65 11.92
C ASN D 293 -40.70 -29.58 11.81
N HIS D 294 -40.89 -28.57 10.98
CA HIS D 294 -39.88 -27.48 10.83
C HIS D 294 -40.06 -26.46 11.94
N ILE D 295 -38.98 -25.74 12.27
CA ILE D 295 -39.07 -24.70 13.30
C ILE D 295 -38.87 -23.34 12.61
N TYR D 296 -39.76 -22.38 12.91
CA TYR D 296 -39.67 -21.04 12.32
C TYR D 296 -39.32 -20.03 13.41
N MET D 297 -38.35 -19.17 13.12
CA MET D 297 -37.85 -18.18 14.08
C MET D 297 -37.95 -16.79 13.45
N THR D 298 -38.62 -15.86 14.14
CA THR D 298 -38.76 -14.50 13.60
C THR D 298 -38.15 -13.52 14.61
N GLY D 299 -37.31 -12.60 14.12
CA GLY D 299 -36.68 -11.62 14.97
C GLY D 299 -36.05 -10.51 14.15
N PRO D 300 -35.39 -9.53 14.79
CA PRO D 300 -34.76 -8.43 14.07
C PRO D 300 -33.29 -8.68 13.71
N ALA D 301 -32.69 -7.73 13.00
CA ALA D 301 -31.28 -7.77 12.60
C ALA D 301 -30.95 -6.36 12.14
N GLU D 302 -29.86 -5.78 12.62
CA GLU D 302 -29.54 -4.39 12.27
C GLU D 302 -28.05 -4.17 12.03
N ALA D 303 -27.74 -3.37 11.01
CA ALA D 303 -26.35 -3.01 10.70
C ALA D 303 -25.96 -1.95 11.75
N VAL D 304 -24.68 -1.88 12.10
CA VAL D 304 -24.24 -0.94 13.14
C VAL D 304 -23.11 -0.05 12.61
N PHE D 305 -22.16 -0.66 11.92
CA PHE D 305 -21.05 0.11 11.35
C PHE D 305 -20.33 -0.77 10.36
N TYR D 306 -19.42 -0.18 9.58
CA TYR D 306 -18.60 -0.99 8.66
C TYR D 306 -17.17 -0.46 8.71
N GLY D 307 -16.21 -1.28 8.30
CA GLY D 307 -14.84 -0.82 8.32
C GLY D 307 -13.83 -1.80 7.81
N SER D 308 -12.57 -1.54 8.12
CA SER D 308 -11.48 -2.36 7.65
C SER D 308 -10.57 -2.62 8.83
N ALA D 309 -10.41 -3.89 9.18
CA ALA D 309 -9.59 -4.32 10.31
C ALA D 309 -8.22 -4.82 9.87
N LEU D 310 -7.20 -4.49 10.67
CA LEU D 310 -5.83 -4.92 10.39
C LEU D 310 -5.75 -6.39 10.79
N LEU D 311 -5.08 -7.21 9.99
CA LEU D 311 -4.96 -8.65 10.28
C LEU D 311 -3.53 -8.98 10.71
N GLY E 25 6.79 -2.15 -3.40
CA GLY E 25 8.22 -1.83 -3.69
C GLY E 25 9.05 -1.76 -2.41
N VAL E 26 8.84 -2.72 -1.52
CA VAL E 26 9.57 -2.77 -0.27
C VAL E 26 9.78 -4.22 0.13
N LEU E 27 11.01 -4.57 0.49
CA LEU E 27 11.34 -5.95 0.90
C LEU E 27 11.70 -5.96 2.37
N HIS E 28 11.03 -6.81 3.15
CA HIS E 28 11.31 -6.96 4.58
C HIS E 28 12.29 -8.13 4.67
N PHE E 29 13.35 -8.00 5.46
CA PHE E 29 14.36 -9.06 5.52
C PHE E 29 15.09 -8.99 6.84
N VAL E 30 15.95 -9.99 7.06
CA VAL E 30 16.78 -10.07 8.24
C VAL E 30 18.22 -10.32 7.74
N LYS E 31 19.19 -9.58 8.27
CA LYS E 31 20.59 -9.74 7.84
C LYS E 31 21.30 -10.73 8.77
N TYR E 32 21.99 -11.70 8.18
CA TYR E 32 22.76 -12.71 8.93
C TYR E 32 24.12 -12.83 8.27
N HIS E 33 25.08 -13.44 8.97
CA HIS E 33 26.37 -13.71 8.35
C HIS E 33 26.89 -15.01 8.96
N GLY E 34 27.62 -15.78 8.14
CA GLY E 34 28.23 -17.01 8.59
C GLY E 34 29.70 -16.79 8.34
N LEU E 35 30.44 -16.51 9.41
CA LEU E 35 31.88 -16.24 9.30
C LEU E 35 32.13 -15.03 8.38
N GLY E 36 31.22 -14.07 8.36
CA GLY E 36 31.48 -12.89 7.53
C GLY E 36 30.95 -12.94 6.12
N ASN E 37 30.48 -14.12 5.69
CA ASN E 37 29.83 -14.30 4.39
C ASN E 37 28.42 -13.87 4.78
N ASP E 38 28.04 -12.64 4.42
CA ASP E 38 26.78 -12.05 4.87
C ASP E 38 25.65 -12.11 3.83
N PHE E 39 24.43 -12.33 4.33
CA PHE E 39 23.27 -12.47 3.47
C PHE E 39 22.02 -11.74 3.97
N ILE E 40 21.14 -11.49 3.00
CA ILE E 40 19.85 -10.90 3.21
C ILE E 40 18.90 -12.10 3.20
N LEU E 41 18.28 -12.41 4.33
CA LEU E 41 17.35 -13.56 4.40
C LEU E 41 15.90 -13.08 4.29
N VAL E 42 15.14 -13.71 3.41
CA VAL E 42 13.75 -13.30 3.28
C VAL E 42 12.81 -14.51 3.47
N ASP E 43 11.73 -14.24 4.19
CA ASP E 43 10.71 -15.25 4.45
C ASP E 43 9.83 -15.34 3.20
N ASN E 44 10.05 -16.36 2.40
CA ASN E 44 9.33 -16.55 1.13
C ASN E 44 8.51 -17.85 1.22
N ARG E 45 8.15 -18.24 2.44
CA ARG E 45 7.41 -19.48 2.69
C ARG E 45 6.00 -19.46 2.11
N ASP E 46 5.51 -18.26 1.80
CA ASP E 46 4.15 -18.05 1.29
C ASP E 46 4.07 -18.17 -0.23
N SER E 47 5.16 -18.49 -0.89
CA SER E 47 5.10 -18.59 -2.35
C SER E 47 6.24 -19.42 -2.90
N SER E 48 6.05 -19.87 -4.13
CA SER E 48 7.02 -20.69 -4.82
C SER E 48 7.90 -19.79 -5.69
N GLU E 49 7.52 -18.52 -5.84
CA GLU E 49 8.28 -17.59 -6.66
C GLU E 49 9.03 -16.65 -5.75
N PRO E 50 10.33 -16.45 -6.00
CA PRO E 50 11.09 -15.52 -5.14
C PRO E 50 10.42 -14.15 -5.20
N LYS E 51 10.34 -13.46 -4.07
CA LYS E 51 9.69 -12.14 -3.97
C LYS E 51 10.36 -11.06 -4.81
N ILE E 52 11.63 -11.22 -5.16
CA ILE E 52 12.29 -10.19 -5.98
C ILE E 52 12.98 -10.85 -7.15
N THR E 53 13.36 -10.05 -8.15
CA THR E 53 14.03 -10.58 -9.32
C THR E 53 15.53 -10.65 -9.06
N GLN E 54 16.25 -11.33 -9.94
CA GLN E 54 17.68 -11.46 -9.82
C GLN E 54 18.31 -10.06 -9.96
N GLU E 55 17.74 -9.23 -10.85
CA GLU E 55 18.24 -7.88 -11.06
C GLU E 55 18.07 -7.06 -9.77
N GLN E 56 16.94 -7.23 -9.08
CA GLN E 56 16.71 -6.47 -7.84
C GLN E 56 17.66 -6.96 -6.76
N ALA E 57 17.98 -8.25 -6.76
CA ALA E 57 18.89 -8.80 -5.74
C ALA E 57 20.27 -8.17 -5.92
N ALA E 58 20.72 -8.09 -7.17
CA ALA E 58 22.05 -7.53 -7.48
C ALA E 58 22.11 -6.09 -6.96
N LYS E 59 21.06 -5.33 -7.15
CA LYS E 59 21.03 -3.93 -6.68
C LYS E 59 21.06 -3.90 -5.15
N LEU E 60 20.23 -4.73 -4.52
CA LEU E 60 20.17 -4.74 -3.04
C LEU E 60 21.50 -5.18 -2.44
N CYS E 61 22.25 -6.02 -3.14
CA CYS E 61 23.54 -6.49 -2.60
C CYS E 61 24.65 -5.45 -2.74
N ASP E 62 24.43 -4.37 -3.50
CA ASP E 62 25.50 -3.35 -3.63
C ASP E 62 25.76 -2.79 -2.25
N ARG E 63 27.01 -2.75 -1.81
CA ARG E 63 27.27 -2.31 -0.46
C ARG E 63 27.11 -0.81 -0.18
N ASN E 64 27.26 0.05 -1.19
CA ASN E 64 27.13 1.50 -0.95
C ASN E 64 25.77 2.02 -1.39
N PHE E 65 25.22 1.46 -2.46
CA PHE E 65 23.93 1.93 -2.98
C PHE E 65 22.75 1.05 -2.52
N GLY E 66 23.05 -0.11 -1.96
CA GLY E 66 21.98 -0.99 -1.51
C GLY E 66 22.12 -1.35 -0.03
N VAL E 67 21.59 -2.52 0.33
CA VAL E 67 21.68 -3.00 1.71
C VAL E 67 23.10 -3.50 1.94
N GLY E 68 23.64 -4.18 0.93
CA GLY E 68 25.00 -4.73 1.02
C GLY E 68 25.02 -6.18 1.50
N ALA E 69 25.46 -7.11 0.65
CA ALA E 69 25.52 -8.54 1.03
C ALA E 69 26.20 -9.34 -0.07
N ASP E 70 26.58 -10.57 0.27
CA ASP E 70 27.20 -11.46 -0.70
C ASP E 70 26.07 -12.17 -1.46
N GLY E 71 24.84 -12.08 -0.94
CA GLY E 71 23.72 -12.70 -1.62
C GLY E 71 22.37 -12.52 -0.93
N VAL E 72 21.31 -12.97 -1.59
CA VAL E 72 19.96 -12.92 -1.03
C VAL E 72 19.48 -14.37 -0.95
N ILE E 73 19.02 -14.79 0.23
CA ILE E 73 18.58 -16.18 0.42
C ILE E 73 17.09 -16.19 0.76
N PHE E 74 16.33 -17.02 0.04
CA PHE E 74 14.88 -17.10 0.26
C PHE E 74 14.49 -18.41 0.95
N ALA E 75 13.68 -18.31 2.00
CA ALA E 75 13.17 -19.49 2.69
C ALA E 75 11.83 -19.78 1.99
N MET E 76 11.79 -20.84 1.19
CA MET E 76 10.58 -21.15 0.43
C MET E 76 9.88 -22.41 0.96
N PRO E 77 8.68 -22.69 0.43
CA PRO E 77 7.93 -23.87 0.85
C PRO E 77 8.65 -25.17 0.48
N GLY E 78 8.47 -26.19 1.32
CA GLY E 78 9.11 -27.46 1.07
C GLY E 78 8.78 -28.03 -0.30
N VAL E 79 9.58 -28.97 -0.75
CA VAL E 79 9.39 -29.61 -2.06
C VAL E 79 9.56 -31.12 -1.89
N ASN E 80 8.63 -31.89 -2.48
CA ASN E 80 8.65 -33.35 -2.42
C ASN E 80 8.89 -33.82 -0.99
N GLY E 81 8.19 -33.24 -0.02
CA GLY E 81 8.34 -33.68 1.35
C GLY E 81 9.35 -33.02 2.29
N THR E 82 10.25 -32.18 1.77
CA THR E 82 11.24 -31.51 2.66
C THR E 82 10.50 -30.47 3.49
N ASP E 83 11.08 -30.10 4.62
CA ASP E 83 10.47 -29.09 5.51
C ASP E 83 10.44 -27.75 4.77
N TYR E 84 11.53 -27.44 4.06
CA TYR E 84 11.60 -26.17 3.32
C TYR E 84 12.44 -26.35 2.08
N ALA E 85 12.50 -25.27 1.30
CA ALA E 85 13.34 -25.24 0.13
C ALA E 85 14.13 -23.94 0.27
N MET E 86 15.31 -23.87 -0.35
CA MET E 86 16.12 -22.65 -0.28
C MET E 86 16.57 -22.29 -1.68
N ARG E 87 16.48 -21.01 -2.01
CA ARG E 87 16.97 -20.53 -3.28
C ARG E 87 17.83 -19.33 -2.92
N ILE E 88 18.88 -19.09 -3.68
CA ILE E 88 19.78 -17.98 -3.38
C ILE E 88 20.22 -17.30 -4.67
N PHE E 89 20.41 -15.98 -4.58
CA PHE E 89 20.88 -15.17 -5.70
C PHE E 89 22.22 -14.57 -5.23
N ASN E 90 23.28 -14.75 -6.02
CA ASN E 90 24.59 -14.16 -5.69
C ASN E 90 24.44 -12.62 -5.79
N SER E 91 25.41 -11.90 -5.26
CA SER E 91 25.38 -10.43 -5.30
C SER E 91 25.46 -9.95 -6.77
N ASP E 92 25.85 -10.81 -7.71
CA ASP E 92 25.88 -10.36 -9.11
C ASP E 92 24.54 -10.72 -9.76
N GLY E 93 23.63 -11.29 -8.99
CA GLY E 93 22.32 -11.64 -9.53
C GLY E 93 22.18 -13.08 -10.02
N SER E 94 23.29 -13.75 -10.27
CA SER E 94 23.22 -15.15 -10.76
C SER E 94 22.64 -16.05 -9.64
N GLU E 95 22.10 -17.20 -10.03
CA GLU E 95 21.52 -18.12 -9.02
C GLU E 95 22.34 -19.39 -8.96
N PRO E 96 23.13 -19.56 -7.89
CA PRO E 96 23.98 -20.74 -7.65
C PRO E 96 23.10 -21.86 -7.09
N GLU E 97 23.58 -23.09 -7.08
CA GLU E 97 22.72 -24.18 -6.61
C GLU E 97 22.80 -24.49 -5.10
N MET E 98 23.73 -23.90 -4.36
CA MET E 98 23.78 -24.14 -2.89
C MET E 98 24.71 -23.12 -2.24
N CYS E 99 24.65 -23.05 -0.92
CA CYS E 99 25.51 -22.13 -0.18
C CYS E 99 25.58 -22.64 1.26
N GLY E 100 26.78 -23.03 1.68
CA GLY E 100 26.96 -23.56 3.02
C GLY E 100 26.82 -22.58 4.16
N ASN E 101 27.50 -21.44 4.09
CA ASN E 101 27.36 -20.47 5.16
C ASN E 101 25.92 -20.01 5.18
N GLY E 102 25.34 -19.91 3.99
CA GLY E 102 23.96 -19.47 3.86
C GLY E 102 22.96 -20.40 4.50
N VAL E 103 23.18 -21.72 4.35
CA VAL E 103 22.20 -22.66 4.92
C VAL E 103 22.32 -22.67 6.46
N ARG E 104 23.47 -22.32 7.03
CA ARG E 104 23.59 -22.26 8.48
C ARG E 104 22.78 -21.04 8.95
N CYS E 105 22.84 -19.95 8.18
CA CYS E 105 22.06 -18.75 8.49
C CYS E 105 20.57 -19.10 8.34
N PHE E 106 20.24 -19.87 7.30
CA PHE E 106 18.86 -20.29 7.01
C PHE E 106 18.29 -21.03 8.23
N ALA E 107 19.11 -21.90 8.83
CA ALA E 107 18.69 -22.68 9.99
C ALA E 107 18.38 -21.76 11.17
N ARG E 108 19.21 -20.75 11.41
CA ARG E 108 18.96 -19.82 12.53
C ARG E 108 17.68 -19.04 12.27
N PHE E 109 17.50 -18.63 11.02
CA PHE E 109 16.34 -17.83 10.57
C PHE E 109 15.04 -18.59 10.86
N ILE E 110 14.99 -19.85 10.42
CA ILE E 110 13.81 -20.68 10.65
C ILE E 110 13.56 -20.84 12.16
N ALA E 111 14.59 -21.18 12.92
CA ALA E 111 14.45 -21.35 14.36
C ALA E 111 13.92 -20.05 14.96
N GLU E 112 14.36 -18.92 14.43
CA GLU E 112 13.91 -17.60 14.91
C GLU E 112 12.43 -17.47 14.58
N LEU E 113 12.10 -17.69 13.30
CA LEU E 113 10.73 -17.56 12.80
C LEU E 113 9.76 -18.56 13.44
N GLU E 114 10.24 -19.71 13.91
CA GLU E 114 9.32 -20.70 14.50
C GLU E 114 9.50 -20.81 16.00
N ASN E 115 10.33 -19.95 16.57
CA ASN E 115 10.56 -19.94 18.00
C ASN E 115 11.01 -21.32 18.48
N LEU E 116 11.99 -21.90 17.78
CA LEU E 116 12.53 -23.23 18.14
C LEU E 116 13.79 -23.05 18.98
N GLN E 117 13.83 -23.63 20.16
CA GLN E 117 15.01 -23.49 21.03
C GLN E 117 15.73 -24.82 21.08
N GLY E 118 17.04 -24.78 21.27
CA GLY E 118 17.82 -26.00 21.36
C GLY E 118 18.02 -26.74 20.05
N LYS E 119 18.48 -27.98 20.19
CA LYS E 119 18.77 -28.85 19.05
C LYS E 119 17.53 -29.03 18.18
N HIS E 120 17.68 -28.80 16.88
CA HIS E 120 16.61 -28.93 15.88
C HIS E 120 17.26 -29.17 14.52
N SER E 121 16.61 -29.94 13.64
CA SER E 121 17.15 -30.18 12.28
C SER E 121 16.00 -30.11 11.28
N PHE E 122 16.29 -29.62 10.08
CA PHE E 122 15.27 -29.48 9.04
C PHE E 122 15.82 -30.02 7.73
N THR E 123 14.93 -30.53 6.89
CA THR E 123 15.33 -31.02 5.58
C THR E 123 15.05 -29.85 4.63
N ILE E 124 16.02 -29.53 3.78
CA ILE E 124 15.87 -28.42 2.87
C ILE E 124 16.18 -28.87 1.46
N HIS E 125 15.28 -28.54 0.55
CA HIS E 125 15.45 -28.85 -0.86
C HIS E 125 16.25 -27.68 -1.48
N THR E 126 17.34 -27.98 -2.18
CA THR E 126 18.15 -26.93 -2.81
C THR E 126 18.49 -27.38 -4.21
N GLY E 127 19.18 -26.53 -4.97
CA GLY E 127 19.59 -26.91 -6.31
C GLY E 127 20.67 -27.98 -6.28
N ALA E 128 21.20 -28.28 -5.10
CA ALA E 128 22.23 -29.32 -4.96
C ALA E 128 21.57 -30.62 -4.46
N GLY E 129 20.27 -30.57 -4.22
CA GLY E 129 19.59 -31.74 -3.71
C GLY E 129 19.25 -31.52 -2.25
N LEU E 130 19.10 -32.60 -1.48
CA LEU E 130 18.74 -32.52 -0.05
C LEU E 130 19.90 -32.04 0.80
N ILE E 131 19.63 -31.10 1.70
CA ILE E 131 20.64 -30.55 2.60
C ILE E 131 20.01 -30.55 4.00
N VAL E 132 20.73 -31.02 5.01
CA VAL E 132 20.09 -31.11 6.33
C VAL E 132 20.88 -30.46 7.46
N PRO E 133 20.54 -29.21 7.78
CA PRO E 133 21.23 -28.51 8.86
C PRO E 133 20.64 -28.95 10.19
N GLU E 134 21.48 -28.97 11.22
CA GLU E 134 21.05 -29.34 12.56
C GLU E 134 21.70 -28.39 13.56
N ILE E 135 20.88 -27.60 14.25
CA ILE E 135 21.39 -26.71 15.28
C ILE E 135 21.84 -27.59 16.45
N GLN E 136 23.09 -27.42 16.88
CA GLN E 136 23.66 -28.24 17.96
C GLN E 136 23.30 -27.66 19.32
N ASP E 137 23.57 -28.44 20.37
CA ASP E 137 23.28 -28.04 21.74
C ASP E 137 24.07 -26.79 22.07
N ASP E 138 25.29 -26.70 21.53
CA ASP E 138 26.17 -25.57 21.80
C ASP E 138 25.84 -24.38 20.90
N GLY E 139 24.78 -24.47 20.10
CA GLY E 139 24.42 -23.35 19.26
C GLY E 139 24.97 -23.33 17.83
N GLN E 140 26.11 -23.98 17.58
CA GLN E 140 26.65 -24.00 16.22
C GLN E 140 25.71 -24.80 15.32
N VAL E 141 25.91 -24.73 14.00
CA VAL E 141 25.05 -25.46 13.08
C VAL E 141 25.89 -26.48 12.31
N LYS E 142 25.57 -27.76 12.47
CA LYS E 142 26.26 -28.85 11.78
C LYS E 142 25.38 -29.21 10.59
N VAL E 143 25.94 -29.16 9.38
CA VAL E 143 25.12 -29.42 8.20
C VAL E 143 25.57 -30.58 7.39
N ASP E 144 24.61 -31.41 7.00
CA ASP E 144 24.84 -32.56 6.11
C ASP E 144 24.73 -31.90 4.73
N MET E 145 25.87 -31.68 4.09
CA MET E 145 25.95 -30.99 2.81
C MET E 145 25.84 -31.94 1.62
N GLY E 146 25.35 -33.15 1.83
CA GLY E 146 25.24 -34.04 0.70
C GLY E 146 26.56 -34.70 0.31
N THR E 147 26.61 -35.26 -0.90
CA THR E 147 27.79 -35.93 -1.38
C THR E 147 28.42 -35.11 -2.50
N PRO E 148 29.75 -35.16 -2.62
CA PRO E 148 30.44 -34.41 -3.67
C PRO E 148 30.28 -35.04 -5.07
N ILE E 149 30.24 -34.18 -6.08
CA ILE E 149 30.14 -34.64 -7.47
C ILE E 149 31.53 -34.51 -8.09
N LEU E 150 32.07 -35.61 -8.59
CA LEU E 150 33.43 -35.62 -9.12
C LEU E 150 33.52 -35.82 -10.64
N LYS E 151 32.49 -36.37 -11.27
CA LYS E 151 32.56 -36.59 -12.74
C LYS E 151 32.76 -35.23 -13.42
N ALA E 152 33.84 -35.10 -14.18
CA ALA E 152 34.21 -33.82 -14.83
C ALA E 152 33.04 -33.12 -15.54
N GLN E 153 32.36 -33.86 -16.41
CA GLN E 153 31.24 -33.32 -17.20
C GLN E 153 30.14 -32.72 -16.31
N ASP E 154 29.95 -33.27 -15.11
CA ASP E 154 28.88 -32.79 -14.23
C ASP E 154 29.31 -31.67 -13.29
N VAL E 155 30.61 -31.41 -13.16
CA VAL E 155 31.07 -30.34 -12.22
C VAL E 155 30.39 -29.00 -12.49
N PRO E 156 30.41 -28.48 -13.73
CA PRO E 156 30.98 -28.99 -14.98
C PRO E 156 32.31 -28.33 -15.36
N THR E 157 33.15 -29.08 -16.05
CA THR E 157 34.44 -28.57 -16.54
C THR E 157 34.73 -29.26 -17.85
N LYS E 158 35.43 -28.56 -18.74
CA LYS E 158 35.80 -29.14 -20.00
C LYS E 158 37.14 -29.86 -19.83
N LEU E 159 37.76 -29.73 -18.65
CA LEU E 159 39.03 -30.44 -18.41
C LEU E 159 38.76 -31.94 -18.45
N SER E 160 39.71 -32.72 -18.95
CA SER E 160 39.56 -34.17 -19.06
C SER E 160 39.87 -34.85 -17.73
N GLY E 161 39.07 -35.85 -17.38
CA GLY E 161 39.30 -36.58 -16.15
C GLY E 161 40.62 -37.31 -16.24
N ASN E 162 41.43 -37.25 -15.18
CA ASN E 162 42.73 -37.93 -15.19
C ASN E 162 42.82 -38.93 -14.03
N LYS E 163 41.76 -39.02 -13.25
CA LYS E 163 41.68 -39.98 -12.12
C LYS E 163 40.26 -40.53 -12.21
N GLY E 164 40.08 -41.54 -13.06
CA GLY E 164 38.75 -42.07 -13.28
C GLY E 164 38.08 -40.94 -14.05
N GLU E 165 36.89 -40.53 -13.67
CA GLU E 165 36.20 -39.44 -14.37
C GLU E 165 36.49 -38.10 -13.70
N ALA E 166 37.27 -38.12 -12.65
CA ALA E 166 37.56 -36.90 -11.89
C ALA E 166 38.81 -36.19 -12.41
N VAL E 167 38.82 -34.88 -12.17
CA VAL E 167 39.95 -34.01 -12.54
C VAL E 167 40.69 -33.77 -11.23
N VAL E 168 41.87 -34.36 -11.10
CA VAL E 168 42.63 -34.26 -9.84
C VAL E 168 44.06 -33.85 -10.13
N GLU E 169 44.44 -32.70 -9.58
CA GLU E 169 45.77 -32.13 -9.76
C GLU E 169 46.13 -32.16 -11.24
N ALA E 170 45.22 -31.64 -12.07
CA ALA E 170 45.39 -31.59 -13.53
C ALA E 170 45.79 -30.18 -13.95
N GLU E 171 46.49 -30.09 -15.09
CA GLU E 171 46.98 -28.82 -15.59
C GLU E 171 45.86 -27.94 -16.15
N LEU E 172 45.88 -26.67 -15.75
CA LEU E 172 44.92 -25.66 -16.21
C LEU E 172 45.81 -24.47 -16.60
N VAL E 173 45.76 -24.04 -17.85
CA VAL E 173 46.59 -22.91 -18.28
C VAL E 173 45.78 -21.65 -18.07
N VAL E 174 46.21 -20.83 -17.11
CA VAL E 174 45.52 -19.57 -16.75
C VAL E 174 46.37 -18.39 -17.22
N ASP E 175 45.85 -17.67 -18.22
CA ASP E 175 46.55 -16.52 -18.79
C ASP E 175 48.00 -16.92 -19.12
N GLY E 176 48.15 -18.07 -19.78
CA GLY E 176 49.46 -18.55 -20.18
C GLY E 176 50.34 -19.19 -19.12
N VAL E 177 49.86 -19.29 -17.88
CA VAL E 177 50.63 -19.87 -16.78
C VAL E 177 49.97 -21.21 -16.38
N SER E 178 50.79 -22.23 -16.17
CA SER E 178 50.26 -23.56 -15.83
C SER E 178 50.05 -23.75 -14.34
N TRP E 179 48.80 -24.00 -13.97
CA TRP E 179 48.41 -24.26 -12.57
C TRP E 179 47.91 -25.69 -12.52
N ASN E 180 47.95 -26.32 -11.36
CA ASN E 180 47.40 -27.68 -11.20
C ASN E 180 46.14 -27.47 -10.37
N VAL E 181 45.02 -28.07 -10.80
CA VAL E 181 43.77 -27.89 -10.10
C VAL E 181 43.03 -29.22 -9.96
N THR E 182 42.11 -29.24 -9.01
CA THR E 182 41.23 -30.39 -8.78
C THR E 182 39.83 -29.81 -8.84
N CYS E 183 38.91 -30.49 -9.53
CA CYS E 183 37.54 -29.99 -9.68
C CYS E 183 36.53 -30.83 -8.92
N VAL E 184 35.66 -30.17 -8.17
CA VAL E 184 34.61 -30.89 -7.46
C VAL E 184 33.39 -29.99 -7.37
N SER E 185 32.23 -30.63 -7.43
CA SER E 185 30.97 -29.90 -7.34
C SER E 185 30.25 -30.28 -6.05
N MET E 186 29.63 -29.28 -5.44
CA MET E 186 28.81 -29.45 -4.24
C MET E 186 27.45 -28.93 -4.70
N GLY E 187 27.16 -29.20 -5.97
CA GLY E 187 25.94 -28.69 -6.60
C GLY E 187 26.50 -27.54 -7.44
N ASN E 188 27.33 -26.70 -6.79
CA ASN E 188 27.96 -25.59 -7.50
C ASN E 188 29.40 -26.02 -7.81
N PRO E 189 30.02 -25.46 -8.86
CA PRO E 189 31.39 -25.81 -9.26
C PRO E 189 32.53 -25.19 -8.48
N HIS E 190 33.55 -26.00 -8.19
CA HIS E 190 34.72 -25.53 -7.47
C HIS E 190 35.98 -26.00 -8.17
N CYS E 191 36.94 -25.08 -8.22
CA CYS E 191 38.24 -25.33 -8.81
C CYS E 191 39.21 -25.10 -7.64
N ILE E 192 39.86 -26.16 -7.16
CA ILE E 192 40.76 -26.05 -5.99
C ILE E 192 42.21 -26.19 -6.43
N THR E 193 43.06 -25.29 -5.97
CA THR E 193 44.48 -25.39 -6.35
C THR E 193 45.37 -25.22 -5.11
N PHE E 194 46.44 -26.00 -5.07
CA PHE E 194 47.42 -25.94 -3.97
C PHE E 194 48.70 -25.32 -4.52
N GLY E 195 48.64 -24.79 -5.74
CA GLY E 195 49.80 -24.17 -6.34
C GLY E 195 49.92 -24.37 -7.84
N LYS E 196 50.91 -23.70 -8.43
CA LYS E 196 51.14 -23.81 -9.85
C LYS E 196 51.79 -25.17 -10.17
N LYS E 197 51.63 -25.61 -11.42
CA LYS E 197 52.24 -26.88 -11.84
C LYS E 197 53.75 -26.74 -11.66
N GLY E 198 54.37 -27.72 -11.01
CA GLY E 198 55.80 -27.65 -10.77
C GLY E 198 56.21 -26.51 -9.86
N GLY E 199 55.29 -26.01 -9.06
CA GLY E 199 55.59 -24.88 -8.18
C GLY E 199 55.55 -25.22 -6.70
N PRO E 200 56.05 -24.32 -5.84
CA PRO E 200 56.06 -24.54 -4.39
C PRO E 200 54.67 -24.38 -3.79
N ASN E 201 54.55 -24.68 -2.50
CA ASN E 201 53.27 -24.52 -1.80
C ASN E 201 52.90 -23.05 -1.82
N LEU E 202 51.63 -22.76 -1.64
CA LEU E 202 51.19 -21.38 -1.65
C LEU E 202 51.18 -20.76 -0.25
N LYS E 203 51.37 -19.44 -0.22
CA LYS E 203 51.19 -18.61 0.98
C LYS E 203 49.98 -17.83 0.47
N VAL E 204 48.79 -18.34 0.75
CA VAL E 204 47.58 -17.73 0.18
C VAL E 204 47.46 -16.24 0.46
N ASP E 205 47.93 -15.74 1.60
CA ASP E 205 47.78 -14.31 1.87
C ASP E 205 48.61 -13.46 0.91
N ASP E 206 49.57 -14.07 0.22
CA ASP E 206 50.41 -13.30 -0.73
C ASP E 206 49.73 -13.17 -2.10
N LEU E 207 48.65 -13.91 -2.33
CA LEU E 207 47.96 -13.86 -3.63
C LEU E 207 47.21 -12.55 -3.79
N ASN E 208 47.10 -12.10 -5.04
CA ASN E 208 46.37 -10.87 -5.38
C ASN E 208 45.08 -11.41 -6.00
N LEU E 209 44.07 -11.71 -5.18
CA LEU E 209 42.82 -12.32 -5.66
C LEU E 209 42.09 -11.51 -6.72
N PRO E 210 41.97 -10.18 -6.54
CA PRO E 210 41.25 -9.39 -7.56
C PRO E 210 41.88 -9.53 -8.95
N GLU E 211 43.15 -9.89 -8.98
CA GLU E 211 43.87 -10.02 -10.24
C GLU E 211 43.75 -11.45 -10.79
N ILE E 212 44.12 -12.45 -9.98
CA ILE E 212 44.10 -13.86 -10.45
C ILE E 212 42.70 -14.48 -10.42
N GLY E 213 41.89 -14.11 -9.43
CA GLY E 213 40.56 -14.69 -9.30
C GLY E 213 39.69 -14.71 -10.55
N PRO E 214 39.42 -13.54 -11.18
CA PRO E 214 38.60 -13.46 -12.39
C PRO E 214 39.08 -14.35 -13.53
N LYS E 215 40.38 -14.62 -13.57
CA LYS E 215 40.95 -15.45 -14.64
C LYS E 215 40.52 -16.90 -14.47
N PHE E 216 40.27 -17.32 -13.23
CA PHE E 216 39.82 -18.69 -13.00
C PHE E 216 38.30 -18.71 -13.16
N GLU E 217 37.64 -17.73 -12.53
CA GLU E 217 36.17 -17.64 -12.53
C GLU E 217 35.57 -17.73 -13.93
N HIS E 218 36.14 -16.98 -14.88
CA HIS E 218 35.59 -16.95 -16.23
C HIS E 218 36.37 -17.81 -17.20
N HIS E 219 37.21 -18.71 -16.71
CA HIS E 219 38.01 -19.52 -17.60
C HIS E 219 37.13 -20.32 -18.57
N GLU E 220 37.62 -20.47 -19.79
CA GLU E 220 36.93 -21.20 -20.88
C GLU E 220 36.68 -22.66 -20.48
N MET E 221 37.46 -23.20 -19.55
CA MET E 221 37.29 -24.60 -19.14
C MET E 221 36.13 -24.79 -18.16
N PHE E 222 35.50 -23.70 -17.74
CA PHE E 222 34.36 -23.75 -16.80
C PHE E 222 33.16 -23.08 -17.45
N PRO E 223 32.35 -23.85 -18.19
CA PRO E 223 31.16 -23.38 -18.90
C PRO E 223 30.16 -22.59 -18.06
N ALA E 224 30.03 -22.93 -16.77
CA ALA E 224 29.07 -22.23 -15.90
C ALA E 224 29.83 -21.34 -14.92
N ARG E 225 31.08 -21.02 -15.27
CA ARG E 225 31.99 -20.24 -14.40
C ARG E 225 32.33 -21.16 -13.23
N THR E 226 33.15 -20.71 -12.29
CA THR E 226 33.49 -21.56 -11.16
C THR E 226 33.93 -20.73 -9.97
N ASN E 227 33.84 -21.35 -8.81
CA ASN E 227 34.33 -20.77 -7.57
C ASN E 227 35.75 -21.30 -7.52
N THR E 228 36.68 -20.54 -6.94
CA THR E 228 38.06 -21.01 -6.90
C THR E 228 38.59 -20.90 -5.48
N GLU E 229 39.18 -21.99 -4.99
CA GLU E 229 39.73 -22.01 -3.64
C GLU E 229 41.24 -22.22 -3.73
N PHE E 230 41.99 -21.32 -3.09
CA PHE E 230 43.47 -21.38 -3.06
C PHE E 230 43.80 -21.94 -1.67
N VAL E 231 44.59 -23.02 -1.61
CA VAL E 231 44.80 -23.70 -0.33
C VAL E 231 46.25 -23.85 0.05
N GLU E 232 46.47 -23.71 1.36
CA GLU E 232 47.77 -23.82 2.02
C GLU E 232 47.59 -24.93 3.06
N VAL E 233 48.33 -26.03 2.95
CA VAL E 233 48.18 -27.14 3.92
C VAL E 233 49.05 -26.84 5.15
N LEU E 234 48.43 -26.75 6.32
CA LEU E 234 49.18 -26.47 7.57
C LEU E 234 49.55 -27.81 8.22
N SER E 235 48.65 -28.78 8.11
CA SER E 235 48.89 -30.16 8.62
C SER E 235 47.89 -31.05 7.88
N ARG E 236 47.95 -32.35 8.09
CA ARG E 236 47.00 -33.24 7.42
C ARG E 236 45.58 -33.07 7.95
N SER E 237 45.38 -32.25 8.99
CA SER E 237 44.01 -32.03 9.51
C SER E 237 43.75 -30.53 9.68
N HIS E 238 44.53 -29.69 9.01
CA HIS E 238 44.38 -28.24 9.19
C HIS E 238 44.79 -27.55 7.88
N LEU E 239 43.83 -26.91 7.22
CA LEU E 239 44.06 -26.25 5.93
C LEU E 239 43.69 -24.77 6.03
N LYS E 240 44.42 -23.92 5.33
CA LYS E 240 44.15 -22.46 5.31
C LYS E 240 43.75 -22.13 3.87
N MET E 241 42.75 -21.27 3.67
CA MET E 241 42.33 -21.01 2.30
C MET E 241 41.83 -19.58 2.12
N ARG E 242 41.78 -19.17 0.87
CA ARG E 242 41.18 -17.92 0.46
C ARG E 242 40.34 -18.33 -0.74
N VAL E 243 39.27 -17.60 -1.04
CA VAL E 243 38.42 -18.01 -2.14
C VAL E 243 37.99 -16.83 -2.99
N TRP E 244 37.86 -17.08 -4.28
CA TRP E 244 37.33 -16.07 -5.23
C TRP E 244 36.08 -16.77 -5.73
N GLU E 245 34.92 -16.30 -5.26
CA GLU E 245 33.65 -16.94 -5.61
C GLU E 245 33.06 -16.45 -6.91
N ARG E 246 32.40 -17.40 -7.59
CA ARG E 246 31.68 -17.09 -8.81
C ARG E 246 30.60 -16.11 -8.39
N GLY E 247 30.47 -15.02 -9.13
CA GLY E 247 29.45 -14.02 -8.84
C GLY E 247 29.48 -13.29 -7.51
N ALA E 248 30.50 -13.47 -6.67
CA ALA E 248 30.51 -12.77 -5.39
C ALA E 248 31.91 -12.22 -5.05
N GLY E 249 32.94 -12.67 -5.73
CA GLY E 249 34.27 -12.15 -5.45
C GLY E 249 35.01 -12.74 -4.27
N ALA E 250 35.87 -11.93 -3.66
CA ALA E 250 36.69 -12.39 -2.52
C ALA E 250 35.92 -12.25 -1.21
N THR E 251 35.16 -13.29 -0.87
CA THR E 251 34.36 -13.29 0.35
C THR E 251 35.21 -13.71 1.55
N LEU E 252 34.65 -13.53 2.76
CA LEU E 252 35.37 -13.90 3.99
C LEU E 252 35.26 -15.39 4.26
N ALA E 253 34.34 -16.08 3.60
CA ALA E 253 34.20 -17.52 3.83
C ALA E 253 33.26 -18.09 2.79
N CYS E 254 33.39 -19.40 2.54
CA CYS E 254 32.51 -20.11 1.61
C CYS E 254 32.41 -21.55 2.14
N GLY E 255 31.22 -21.95 2.56
CA GLY E 255 31.01 -23.29 3.10
C GLY E 255 31.08 -24.39 2.04
N THR E 256 30.48 -24.19 0.87
CA THR E 256 30.58 -25.23 -0.16
C THR E 256 32.04 -25.29 -0.58
N GLY E 257 32.71 -24.14 -0.58
CA GLY E 257 34.12 -24.12 -0.96
C GLY E 257 35.00 -24.89 0.02
N ALA E 258 34.75 -24.72 1.31
CA ALA E 258 35.52 -25.42 2.35
C ALA E 258 35.30 -26.93 2.22
N CYS E 259 34.07 -27.33 1.89
CA CYS E 259 33.75 -28.77 1.72
C CYS E 259 34.49 -29.30 0.52
N ALA E 260 34.44 -28.54 -0.59
CA ALA E 260 35.09 -28.98 -1.85
C ALA E 260 36.60 -29.06 -1.71
N LEU E 261 37.22 -28.15 -0.97
CA LEU E 261 38.68 -28.18 -0.89
C LEU E 261 39.17 -29.32 0.00
N VAL E 262 38.37 -29.75 0.96
CA VAL E 262 38.78 -30.89 1.79
C VAL E 262 38.69 -32.12 0.89
N VAL E 263 37.64 -32.21 0.09
CA VAL E 263 37.50 -33.34 -0.86
C VAL E 263 38.75 -33.36 -1.76
N ALA E 264 39.12 -32.19 -2.30
CA ALA E 264 40.29 -32.10 -3.17
C ALA E 264 41.57 -32.48 -2.40
N ALA E 265 41.74 -31.98 -1.16
CA ALA E 265 42.96 -32.30 -0.40
C ALA E 265 43.06 -33.82 -0.20
N VAL E 266 41.93 -34.48 0.08
CA VAL E 266 41.92 -35.94 0.27
C VAL E 266 42.31 -36.62 -1.04
N LEU E 267 41.65 -36.24 -2.14
CA LEU E 267 41.92 -36.83 -3.47
C LEU E 267 43.36 -36.67 -3.88
N GLU E 268 43.98 -35.54 -3.53
CA GLU E 268 45.39 -35.30 -3.89
C GLU E 268 46.33 -35.93 -2.85
N GLY E 269 45.76 -36.56 -1.82
CA GLY E 269 46.55 -37.21 -0.77
C GLY E 269 47.31 -36.28 0.17
N ARG E 270 46.83 -35.05 0.28
CA ARG E 270 47.50 -34.04 1.09
C ARG E 270 46.92 -33.93 2.49
N ALA E 271 45.69 -34.41 2.69
CA ALA E 271 45.09 -34.27 4.01
C ALA E 271 44.11 -35.40 4.28
N ASP E 272 43.72 -35.52 5.55
CA ASP E 272 42.75 -36.56 5.95
C ASP E 272 41.33 -36.02 5.75
N ARG E 273 40.35 -36.91 5.93
CA ARG E 273 38.94 -36.58 5.70
C ARG E 273 38.35 -35.63 6.72
N LYS E 274 38.97 -35.53 7.90
CA LYS E 274 38.46 -34.64 8.94
C LYS E 274 39.46 -33.49 9.08
N CYS E 275 39.02 -32.28 8.78
CA CYS E 275 39.93 -31.12 8.83
C CYS E 275 39.28 -29.89 9.41
N THR E 276 40.12 -29.04 9.98
CA THR E 276 39.66 -27.73 10.42
C THR E 276 40.12 -26.83 9.26
N VAL E 277 39.20 -26.08 8.68
CA VAL E 277 39.57 -25.19 7.57
C VAL E 277 39.50 -23.76 8.09
N ASP E 278 40.60 -23.03 7.94
CA ASP E 278 40.67 -21.63 8.36
C ASP E 278 40.37 -20.77 7.14
N LEU E 279 39.26 -20.04 7.20
CA LEU E 279 38.85 -19.15 6.14
C LEU E 279 39.11 -17.73 6.65
N PRO E 280 39.16 -16.74 5.75
CA PRO E 280 39.42 -15.38 6.24
C PRO E 280 38.59 -14.94 7.47
N GLY E 281 37.30 -15.24 7.47
CA GLY E 281 36.47 -14.85 8.58
C GLY E 281 36.46 -15.80 9.78
N GLY E 282 37.12 -16.93 9.65
CA GLY E 282 37.10 -17.86 10.77
C GLY E 282 37.19 -19.33 10.37
N PRO E 283 37.12 -20.24 11.35
CA PRO E 283 37.22 -21.66 11.06
C PRO E 283 35.92 -22.44 10.88
N LEU E 284 35.99 -23.50 10.08
CA LEU E 284 34.86 -24.43 9.87
C LEU E 284 35.41 -25.84 10.09
N GLU E 285 34.59 -26.71 10.68
CA GLU E 285 34.98 -28.12 10.88
C GLU E 285 34.34 -28.86 9.73
N ILE E 286 35.15 -29.59 8.97
CA ILE E 286 34.63 -30.31 7.80
C ILE E 286 35.02 -31.79 7.90
N GLU E 287 34.12 -32.68 7.51
CA GLU E 287 34.42 -34.09 7.52
C GLU E 287 33.73 -34.77 6.34
N TRP E 288 34.53 -35.35 5.47
CA TRP E 288 34.01 -36.09 4.33
C TRP E 288 34.03 -37.55 4.79
N LYS E 289 32.89 -38.02 5.28
CA LYS E 289 32.80 -39.40 5.82
C LYS E 289 32.87 -40.48 4.74
N GLN E 290 33.84 -41.38 4.88
CA GLN E 290 33.98 -42.49 3.95
C GLN E 290 32.79 -43.44 4.15
N GLU E 291 32.26 -43.44 5.37
CA GLU E 291 31.14 -44.33 5.75
C GLU E 291 29.90 -44.14 4.89
N ASP E 292 29.63 -42.91 4.46
CA ASP E 292 28.44 -42.67 3.62
C ASP E 292 28.73 -41.69 2.47
N ASN E 293 29.98 -41.24 2.34
CA ASN E 293 30.39 -40.31 1.25
C ASN E 293 29.80 -38.90 1.46
N HIS E 294 29.12 -38.67 2.59
CA HIS E 294 28.52 -37.35 2.88
C HIS E 294 29.58 -36.44 3.52
N ILE E 295 29.41 -35.14 3.34
CA ILE E 295 30.35 -34.18 3.93
C ILE E 295 29.57 -33.39 4.96
N TYR E 296 30.11 -33.27 6.16
CA TYR E 296 29.45 -32.52 7.23
C TYR E 296 30.27 -31.26 7.55
N MET E 297 29.56 -30.14 7.68
CA MET E 297 30.20 -28.82 7.91
C MET E 297 29.59 -28.18 9.16
N THR E 298 30.42 -27.83 10.13
CA THR E 298 29.93 -27.21 11.36
C THR E 298 30.53 -25.83 11.49
N GLY E 299 29.66 -24.83 11.69
CA GLY E 299 30.12 -23.47 11.84
C GLY E 299 29.06 -22.58 12.47
N PRO E 300 29.37 -21.30 12.71
CA PRO E 300 28.43 -20.37 13.33
C PRO E 300 27.51 -19.66 12.32
N ALA E 301 26.57 -18.86 12.84
CA ALA E 301 25.63 -18.06 12.04
C ALA E 301 25.02 -17.07 13.03
N GLU E 302 24.98 -15.79 12.68
CA GLU E 302 24.47 -14.77 13.62
C GLU E 302 23.65 -13.71 12.90
N ALA E 303 22.56 -13.30 13.53
CA ALA E 303 21.70 -12.25 13.00
C ALA E 303 22.42 -10.93 13.32
N VAL E 304 22.27 -9.92 12.47
CA VAL E 304 22.97 -8.62 12.68
C VAL E 304 21.97 -7.48 12.80
N PHE E 305 21.00 -7.44 11.90
CA PHE E 305 19.97 -6.39 11.95
C PHE E 305 18.83 -6.82 11.05
N TYR E 306 17.75 -6.07 11.05
CA TYR E 306 16.62 -6.37 10.15
C TYR E 306 16.03 -5.05 9.69
N GLY E 307 15.26 -5.10 8.62
CA GLY E 307 14.67 -3.87 8.11
C GLY E 307 13.84 -4.08 6.87
N SER E 308 13.57 -2.97 6.18
CA SER E 308 12.77 -2.95 4.97
C SER E 308 13.50 -2.12 3.94
N ALA E 309 13.74 -2.70 2.77
CA ALA E 309 14.48 -2.00 1.72
C ALA E 309 13.57 -1.54 0.60
N LEU E 310 13.84 -0.33 0.10
CA LEU E 310 13.07 0.25 -1.01
C LEU E 310 13.46 -0.49 -2.28
N LEU E 311 12.47 -0.90 -3.07
CA LEU E 311 12.77 -1.61 -4.32
C LEU E 311 12.47 -0.68 -5.49
N GLU F 11 -23.84 12.75 4.31
CA GLU F 11 -23.41 11.37 3.90
C GLU F 11 -24.39 10.33 4.41
N LYS F 12 -24.71 9.37 3.56
CA LYS F 12 -25.63 8.31 3.94
C LYS F 12 -24.80 7.08 4.31
N PHE F 13 -25.28 6.36 5.32
CA PHE F 13 -24.63 5.14 5.78
C PHE F 13 -24.94 4.10 4.70
N SER F 14 -23.90 3.56 4.06
CA SER F 14 -24.15 2.60 2.99
C SER F 14 -23.10 1.50 2.97
N PRO F 15 -23.39 0.36 3.62
CA PRO F 15 -22.43 -0.75 3.64
C PRO F 15 -22.11 -1.20 2.20
N ALA F 16 -23.12 -1.19 1.34
CA ALA F 16 -22.97 -1.62 -0.07
C ALA F 16 -21.95 -0.75 -0.79
N SER F 17 -22.10 0.57 -0.73
CA SER F 17 -21.16 1.46 -1.41
C SER F 17 -19.75 1.22 -0.87
N PHE F 18 -19.63 1.14 0.44
CA PHE F 18 -18.34 0.92 1.08
C PHE F 18 -17.64 -0.32 0.52
N LEU F 19 -18.35 -1.45 0.50
CA LEU F 19 -17.75 -2.69 0.02
C LEU F 19 -17.44 -2.63 -1.48
N ASP F 20 -18.30 -1.99 -2.27
CA ASP F 20 -18.03 -1.86 -3.72
C ASP F 20 -16.72 -1.13 -3.88
N LYS F 21 -16.65 0.05 -3.27
CA LYS F 21 -15.46 0.87 -3.35
C LYS F 21 -14.16 0.17 -2.98
N LYS F 22 -14.22 -1.09 -2.56
CA LYS F 22 -13.00 -1.83 -2.19
C LYS F 22 -12.35 -2.40 -3.44
N GLU F 23 -11.68 -1.49 -4.13
CA GLU F 23 -10.96 -1.72 -5.39
C GLU F 23 -10.66 -3.10 -5.98
N THR F 24 -11.70 -3.91 -6.19
CA THR F 24 -11.57 -5.27 -6.75
C THR F 24 -10.23 -5.53 -7.48
N GLY F 25 -10.29 -5.79 -8.78
CA GLY F 25 -9.09 -6.11 -9.55
C GLY F 25 -8.46 -5.14 -10.54
N VAL F 26 -7.54 -5.65 -11.36
CA VAL F 26 -6.83 -4.84 -12.34
C VAL F 26 -6.57 -5.62 -13.65
N LEU F 27 -6.70 -4.93 -14.79
CA LEU F 27 -6.46 -5.53 -16.12
C LEU F 27 -5.27 -4.82 -16.74
N HIS F 28 -4.26 -5.59 -17.14
CA HIS F 28 -3.08 -5.01 -17.79
C HIS F 28 -3.35 -5.10 -19.29
N PHE F 29 -3.01 -4.06 -20.03
CA PHE F 29 -3.31 -4.11 -21.46
C PHE F 29 -2.39 -3.16 -22.19
N VAL F 30 -2.48 -3.18 -23.51
CA VAL F 30 -1.74 -2.26 -24.35
C VAL F 30 -2.76 -1.66 -25.32
N LYS F 31 -2.71 -0.34 -25.50
CA LYS F 31 -3.65 0.35 -26.41
C LYS F 31 -3.03 0.47 -27.81
N TYR F 32 -3.81 0.09 -28.83
CA TYR F 32 -3.36 0.16 -30.23
C TYR F 32 -4.48 0.80 -31.03
N HIS F 33 -4.18 1.19 -32.26
CA HIS F 33 -5.22 1.70 -33.16
C HIS F 33 -4.83 1.38 -34.59
N GLY F 34 -5.84 1.06 -35.40
CA GLY F 34 -5.63 0.80 -36.82
C GLY F 34 -6.44 1.89 -37.50
N LEU F 35 -5.75 2.90 -38.04
CA LEU F 35 -6.41 4.04 -38.73
C LEU F 35 -7.42 4.74 -37.78
N GLY F 36 -7.15 4.75 -36.49
CA GLY F 36 -8.06 5.43 -35.57
C GLY F 36 -9.11 4.56 -34.93
N ASN F 37 -9.25 3.33 -35.41
CA ASN F 37 -10.19 2.34 -34.84
C ASN F 37 -9.32 1.81 -33.71
N ASP F 38 -9.57 2.27 -32.48
CA ASP F 38 -8.69 1.97 -31.35
C ASP F 38 -9.16 0.84 -30.45
N PHE F 39 -8.21 0.06 -29.95
CA PHE F 39 -8.54 -1.11 -29.13
C PHE F 39 -7.66 -1.31 -27.93
N ILE F 40 -8.22 -2.04 -26.97
CA ILE F 40 -7.53 -2.44 -25.76
C ILE F 40 -7.13 -3.90 -26.05
N LEU F 41 -5.82 -4.15 -26.11
CA LEU F 41 -5.34 -5.50 -26.40
C LEU F 41 -4.90 -6.15 -25.11
N VAL F 42 -5.32 -7.40 -24.89
CA VAL F 42 -4.93 -8.08 -23.68
C VAL F 42 -4.31 -9.44 -24.02
N ASP F 43 -3.22 -9.74 -23.31
CA ASP F 43 -2.50 -11.01 -23.48
C ASP F 43 -3.31 -12.05 -22.72
N ASN F 44 -4.07 -12.88 -23.43
CA ASN F 44 -4.95 -13.88 -22.81
C ASN F 44 -4.48 -15.27 -23.29
N ARG F 45 -3.20 -15.38 -23.61
CA ARG F 45 -2.63 -16.63 -24.13
C ARG F 45 -2.63 -17.75 -23.09
N ASP F 46 -2.87 -17.43 -21.83
CA ASP F 46 -2.85 -18.46 -20.78
C ASP F 46 -4.22 -19.08 -20.58
N SER F 47 -5.18 -18.84 -21.47
CA SER F 47 -6.50 -19.45 -21.28
C SER F 47 -7.44 -19.21 -22.45
N SER F 48 -8.40 -20.11 -22.58
CA SER F 48 -9.41 -20.10 -23.64
C SER F 48 -10.58 -19.20 -23.21
N GLU F 49 -10.56 -18.77 -21.96
CA GLU F 49 -11.62 -17.90 -21.49
C GLU F 49 -11.09 -16.47 -21.36
N PRO F 50 -11.86 -15.50 -21.86
CA PRO F 50 -11.45 -14.09 -21.78
C PRO F 50 -11.29 -13.66 -20.32
N LYS F 51 -10.24 -12.89 -20.04
CA LYS F 51 -9.94 -12.43 -18.65
C LYS F 51 -11.05 -11.55 -18.05
N ILE F 52 -11.84 -10.87 -18.88
CA ILE F 52 -12.91 -10.01 -18.33
C ILE F 52 -14.23 -10.37 -19.02
N THR F 53 -15.34 -9.96 -18.41
CA THR F 53 -16.67 -10.22 -18.96
C THR F 53 -17.02 -9.13 -19.99
N GLN F 54 -18.06 -9.40 -20.76
CA GLN F 54 -18.51 -8.46 -21.78
C GLN F 54 -18.95 -7.17 -21.09
N GLU F 55 -19.59 -7.30 -19.93
CA GLU F 55 -20.06 -6.14 -19.18
C GLU F 55 -18.86 -5.29 -18.76
N GLN F 56 -17.78 -5.93 -18.29
CA GLN F 56 -16.59 -5.19 -17.88
C GLN F 56 -15.96 -4.51 -19.09
N ALA F 57 -15.97 -5.18 -20.23
CA ALA F 57 -15.38 -4.59 -21.44
C ALA F 57 -16.12 -3.33 -21.82
N ALA F 58 -17.46 -3.37 -21.76
CA ALA F 58 -18.26 -2.20 -22.12
C ALA F 58 -17.88 -1.04 -21.21
N LYS F 59 -17.68 -1.31 -19.92
CA LYS F 59 -17.32 -0.25 -18.97
C LYS F 59 -15.95 0.33 -19.32
N LEU F 60 -15.00 -0.56 -19.61
CA LEU F 60 -13.63 -0.13 -19.93
C LEU F 60 -13.58 0.69 -21.21
N CYS F 61 -14.48 0.41 -22.15
CA CYS F 61 -14.48 1.14 -23.43
C CYS F 61 -15.11 2.54 -23.29
N ASP F 62 -15.72 2.86 -22.16
CA ASP F 62 -16.33 4.21 -22.02
C ASP F 62 -15.17 5.20 -22.09
N ARG F 63 -15.27 6.19 -22.96
CA ARG F 63 -14.15 7.11 -23.13
C ARG F 63 -13.90 8.08 -21.98
N ASN F 64 -14.91 8.38 -21.18
CA ASN F 64 -14.70 9.35 -20.09
C ASN F 64 -14.56 8.65 -18.74
N PHE F 65 -15.30 7.56 -18.54
CA PHE F 65 -15.29 6.86 -17.26
C PHE F 65 -14.40 5.63 -17.26
N GLY F 66 -13.94 5.21 -18.44
CA GLY F 66 -13.09 4.04 -18.53
C GLY F 66 -11.79 4.35 -19.26
N VAL F 67 -11.22 3.35 -19.93
CA VAL F 67 -9.99 3.54 -20.68
C VAL F 67 -10.32 4.23 -21.98
N GLY F 68 -11.42 3.79 -22.61
CA GLY F 68 -11.84 4.40 -23.87
C GLY F 68 -11.32 3.64 -25.07
N ALA F 69 -12.23 3.03 -25.83
CA ALA F 69 -11.83 2.24 -27.01
C ALA F 69 -13.05 1.80 -27.81
N ASP F 70 -12.83 1.34 -29.04
CA ASP F 70 -13.93 0.85 -29.87
C ASP F 70 -14.17 -0.63 -29.51
N GLY F 71 -13.22 -1.22 -28.79
CA GLY F 71 -13.37 -2.61 -28.40
C GLY F 71 -12.20 -3.17 -27.61
N VAL F 72 -12.35 -4.39 -27.09
CA VAL F 72 -11.29 -5.06 -26.33
C VAL F 72 -10.98 -6.33 -27.12
N ILE F 73 -9.70 -6.57 -27.41
CA ILE F 73 -9.29 -7.72 -28.20
C ILE F 73 -8.38 -8.61 -27.36
N PHE F 74 -8.71 -9.91 -27.32
CA PHE F 74 -7.91 -10.88 -26.54
C PHE F 74 -7.08 -11.78 -27.45
N ALA F 75 -5.80 -11.93 -27.11
CA ALA F 75 -4.90 -12.81 -27.85
C ALA F 75 -4.99 -14.12 -27.07
N MET F 76 -5.62 -15.12 -27.66
CA MET F 76 -5.84 -16.39 -26.96
C MET F 76 -5.02 -17.53 -27.57
N PRO F 77 -5.04 -18.69 -26.91
CA PRO F 77 -4.30 -19.85 -27.41
C PRO F 77 -4.85 -20.37 -28.76
N GLY F 78 -3.95 -20.90 -29.58
CA GLY F 78 -4.34 -21.42 -30.88
C GLY F 78 -5.42 -22.48 -30.77
N VAL F 79 -6.14 -22.69 -31.86
CA VAL F 79 -7.22 -23.67 -31.93
C VAL F 79 -7.00 -24.50 -33.19
N ASN F 80 -6.88 -25.82 -33.03
CA ASN F 80 -6.65 -26.73 -34.16
C ASN F 80 -5.36 -26.43 -34.88
N GLY F 81 -4.31 -26.10 -34.14
CA GLY F 81 -3.04 -25.83 -34.79
C GLY F 81 -2.75 -24.41 -35.21
N THR F 82 -3.71 -23.49 -35.13
CA THR F 82 -3.40 -22.12 -35.49
C THR F 82 -2.43 -21.63 -34.44
N ASP F 83 -1.64 -20.63 -34.78
CA ASP F 83 -0.66 -20.07 -33.85
C ASP F 83 -1.39 -19.45 -32.66
N TYR F 84 -2.50 -18.76 -32.95
CA TYR F 84 -3.29 -18.10 -31.89
C TYR F 84 -4.75 -18.05 -32.28
N ALA F 85 -5.56 -17.55 -31.35
CA ALA F 85 -6.98 -17.36 -31.58
C ALA F 85 -7.25 -15.92 -31.13
N MET F 86 -8.26 -15.28 -31.72
CA MET F 86 -8.58 -13.91 -31.33
C MET F 86 -10.07 -13.79 -31.06
N ARG F 87 -10.41 -13.16 -29.95
CA ARG F 87 -11.80 -12.90 -29.61
C ARG F 87 -11.86 -11.40 -29.33
N ILE F 88 -12.99 -10.78 -29.67
CA ILE F 88 -13.12 -9.34 -29.49
C ILE F 88 -14.51 -9.01 -28.96
N PHE F 89 -14.58 -7.98 -28.12
CA PHE F 89 -15.86 -7.51 -27.58
C PHE F 89 -15.97 -6.06 -28.09
N ASN F 90 -17.11 -5.72 -28.68
CA ASN F 90 -17.32 -4.34 -29.16
C ASN F 90 -17.44 -3.45 -27.91
N SER F 91 -17.41 -2.14 -28.11
CA SER F 91 -17.52 -1.21 -26.99
C SER F 91 -18.90 -1.31 -26.34
N ASP F 92 -19.89 -1.92 -27.00
CA ASP F 92 -21.21 -2.06 -26.38
C ASP F 92 -21.27 -3.41 -25.65
N GLY F 93 -20.17 -4.17 -25.72
CA GLY F 93 -20.13 -5.45 -25.04
C GLY F 93 -20.44 -6.66 -25.90
N SER F 94 -21.04 -6.47 -27.07
CA SER F 94 -21.39 -7.62 -27.92
C SER F 94 -20.11 -8.22 -28.47
N GLU F 95 -20.18 -9.50 -28.87
CA GLU F 95 -18.99 -10.18 -29.43
C GLU F 95 -19.17 -10.44 -30.93
N PRO F 96 -18.45 -9.68 -31.78
CA PRO F 96 -18.50 -9.82 -33.23
C PRO F 96 -17.59 -10.99 -33.65
N GLU F 97 -17.69 -11.46 -34.89
CA GLU F 97 -16.87 -12.62 -35.24
C GLU F 97 -15.51 -12.29 -35.87
N MET F 98 -15.24 -11.02 -36.17
CA MET F 98 -13.91 -10.66 -36.72
C MET F 98 -13.74 -9.15 -36.68
N CYS F 99 -12.51 -8.70 -36.90
CA CYS F 99 -12.19 -7.27 -36.90
C CYS F 99 -10.87 -7.10 -37.65
N GLY F 100 -10.93 -6.42 -38.80
CA GLY F 100 -9.76 -6.20 -39.63
C GLY F 100 -8.71 -5.27 -39.08
N ASN F 101 -9.13 -4.09 -38.62
CA ASN F 101 -8.16 -3.16 -38.07
C ASN F 101 -7.59 -3.81 -36.82
N GLY F 102 -8.43 -4.55 -36.11
CA GLY F 102 -8.01 -5.20 -34.89
C GLY F 102 -6.97 -6.29 -35.10
N VAL F 103 -7.13 -7.10 -36.13
CA VAL F 103 -6.17 -8.19 -36.34
C VAL F 103 -4.83 -7.59 -36.76
N ARG F 104 -4.81 -6.42 -37.40
CA ARG F 104 -3.51 -5.81 -37.76
C ARG F 104 -2.81 -5.39 -36.47
N CYS F 105 -3.58 -4.87 -35.50
CA CYS F 105 -3.02 -4.47 -34.18
C CYS F 105 -2.58 -5.75 -33.46
N PHE F 106 -3.38 -6.80 -33.59
CA PHE F 106 -3.11 -8.10 -32.95
C PHE F 106 -1.73 -8.60 -33.37
N ALA F 107 -1.46 -8.54 -34.66
CA ALA F 107 -0.19 -9.00 -35.22
C ALA F 107 0.98 -8.23 -34.58
N ARG F 108 0.87 -6.91 -34.48
CA ARG F 108 1.97 -6.14 -33.90
C ARG F 108 2.07 -6.44 -32.41
N PHE F 109 0.94 -6.71 -31.77
CA PHE F 109 0.91 -7.03 -30.35
C PHE F 109 1.72 -8.32 -30.13
N ILE F 110 1.50 -9.31 -31.01
CA ILE F 110 2.19 -10.58 -30.89
C ILE F 110 3.69 -10.37 -31.12
N ALA F 111 4.02 -9.68 -32.19
CA ALA F 111 5.41 -9.42 -32.53
C ALA F 111 6.11 -8.74 -31.35
N GLU F 112 5.36 -8.00 -30.55
CA GLU F 112 5.93 -7.29 -29.40
C GLU F 112 6.14 -8.26 -28.25
N LEU F 113 5.12 -9.09 -27.98
CA LEU F 113 5.21 -10.05 -26.91
C LEU F 113 6.28 -11.11 -27.24
N GLU F 114 6.50 -11.38 -28.52
CA GLU F 114 7.48 -12.43 -28.90
C GLU F 114 8.78 -11.84 -29.43
N ASN F 115 8.93 -10.53 -29.33
CA ASN F 115 10.16 -9.90 -29.80
C ASN F 115 10.50 -10.44 -31.19
N LEU F 116 9.53 -10.40 -32.10
CA LEU F 116 9.72 -10.86 -33.46
C LEU F 116 10.09 -9.64 -34.29
N GLN F 117 11.07 -9.78 -35.16
CA GLN F 117 11.50 -8.65 -35.98
C GLN F 117 11.26 -8.98 -37.45
N GLY F 118 11.06 -7.95 -38.25
CA GLY F 118 10.84 -8.14 -39.68
C GLY F 118 9.55 -8.81 -40.08
N LYS F 119 9.52 -9.33 -41.30
CA LYS F 119 8.32 -9.99 -41.83
C LYS F 119 7.99 -11.23 -40.98
N HIS F 120 6.71 -11.36 -40.67
CA HIS F 120 6.20 -12.47 -39.87
C HIS F 120 4.71 -12.61 -40.15
N SER F 121 4.23 -13.84 -40.18
CA SER F 121 2.82 -14.09 -40.41
C SER F 121 2.38 -15.11 -39.35
N PHE F 122 1.14 -15.00 -38.91
CA PHE F 122 0.61 -15.93 -37.91
C PHE F 122 -0.75 -16.36 -38.40
N THR F 123 -1.16 -17.55 -37.99
CA THR F 123 -2.48 -18.04 -38.36
C THR F 123 -3.35 -17.80 -37.13
N ILE F 124 -4.48 -17.12 -37.34
CA ILE F 124 -5.35 -16.80 -36.22
C ILE F 124 -6.72 -17.41 -36.39
N HIS F 125 -7.18 -18.09 -35.35
CA HIS F 125 -8.51 -18.67 -35.36
C HIS F 125 -9.47 -17.58 -34.86
N THR F 126 -10.54 -17.32 -35.61
CA THR F 126 -11.53 -16.29 -35.25
C THR F 126 -12.91 -16.83 -35.52
N GLY F 127 -13.92 -16.06 -35.12
CA GLY F 127 -15.29 -16.48 -35.37
C GLY F 127 -15.62 -16.50 -36.86
N ALA F 128 -14.72 -15.93 -37.67
CA ALA F 128 -14.94 -15.89 -39.13
C ALA F 128 -14.12 -16.99 -39.78
N GLY F 129 -13.44 -17.78 -38.97
CA GLY F 129 -12.59 -18.84 -39.51
C GLY F 129 -11.14 -18.42 -39.45
N LEU F 130 -10.34 -18.92 -40.40
CA LEU F 130 -8.91 -18.64 -40.44
C LEU F 130 -8.63 -17.27 -41.04
N ILE F 131 -7.78 -16.52 -40.35
CA ILE F 131 -7.34 -15.18 -40.78
C ILE F 131 -5.81 -15.22 -40.65
N VAL F 132 -5.11 -14.69 -41.65
CA VAL F 132 -3.66 -14.77 -41.64
C VAL F 132 -2.99 -13.43 -41.91
N PRO F 133 -2.58 -12.71 -40.85
CA PRO F 133 -1.93 -11.41 -41.02
C PRO F 133 -0.45 -11.59 -41.28
N GLU F 134 0.14 -10.68 -42.05
CA GLU F 134 1.56 -10.76 -42.32
C GLU F 134 2.16 -9.37 -42.26
N ILE F 135 3.12 -9.19 -41.37
CA ILE F 135 3.80 -7.92 -41.21
C ILE F 135 4.73 -7.72 -42.40
N GLN F 136 4.53 -6.63 -43.14
CA GLN F 136 5.34 -6.33 -44.33
C GLN F 136 6.67 -5.73 -43.90
N ASP F 137 7.52 -5.49 -44.89
CA ASP F 137 8.85 -4.93 -44.65
C ASP F 137 8.72 -3.49 -44.18
N ASP F 138 7.74 -2.76 -44.73
CA ASP F 138 7.53 -1.36 -44.34
C ASP F 138 6.86 -1.28 -42.99
N GLY F 139 6.55 -2.43 -42.39
CA GLY F 139 5.90 -2.42 -41.09
C GLY F 139 4.38 -2.47 -41.17
N GLN F 140 3.84 -2.33 -42.37
CA GLN F 140 2.40 -2.41 -42.52
C GLN F 140 2.01 -3.85 -42.33
N VAL F 141 0.71 -4.12 -42.33
CA VAL F 141 0.25 -5.48 -42.16
C VAL F 141 -0.74 -5.78 -43.26
N LYS F 142 -0.47 -6.85 -44.00
CA LYS F 142 -1.34 -7.31 -45.08
C LYS F 142 -2.02 -8.54 -44.50
N VAL F 143 -3.34 -8.58 -44.55
CA VAL F 143 -4.06 -9.68 -43.95
C VAL F 143 -4.92 -10.44 -44.95
N ASP F 144 -4.88 -11.77 -44.83
CA ASP F 144 -5.71 -12.63 -45.67
C ASP F 144 -6.99 -12.77 -44.85
N MET F 145 -8.01 -12.03 -45.28
CA MET F 145 -9.29 -11.98 -44.56
C MET F 145 -10.22 -13.13 -44.90
N GLY F 146 -9.70 -14.12 -45.63
CA GLY F 146 -10.53 -15.26 -45.98
C GLY F 146 -11.41 -14.94 -47.18
N THR F 147 -12.47 -15.71 -47.35
CA THR F 147 -13.39 -15.51 -48.48
C THR F 147 -14.68 -14.86 -47.99
N PRO F 148 -15.28 -13.99 -48.80
CA PRO F 148 -16.53 -13.34 -48.38
C PRO F 148 -17.72 -14.26 -48.52
N ILE F 149 -18.70 -14.09 -47.64
CA ILE F 149 -19.91 -14.90 -47.66
C ILE F 149 -21.00 -14.04 -48.29
N LEU F 150 -21.60 -14.54 -49.36
CA LEU F 150 -22.61 -13.77 -50.09
C LEU F 150 -24.00 -14.37 -49.98
N LYS F 151 -24.12 -15.63 -49.57
CA LYS F 151 -25.45 -16.23 -49.47
C LYS F 151 -26.27 -15.44 -48.44
N ALA F 152 -27.38 -14.89 -48.92
CA ALA F 152 -28.27 -14.06 -48.10
C ALA F 152 -28.47 -14.59 -46.68
N GLN F 153 -29.00 -15.80 -46.54
CA GLN F 153 -29.29 -16.31 -45.20
C GLN F 153 -28.06 -16.50 -44.33
N ASP F 154 -26.86 -16.58 -44.92
CA ASP F 154 -25.68 -16.79 -44.09
C ASP F 154 -25.01 -15.47 -43.67
N VAL F 155 -25.44 -14.35 -44.22
CA VAL F 155 -24.83 -13.04 -43.90
C VAL F 155 -24.90 -12.74 -42.38
N PRO F 156 -26.08 -12.85 -41.76
CA PRO F 156 -27.39 -13.22 -42.28
C PRO F 156 -28.28 -11.99 -42.50
N THR F 157 -29.19 -12.10 -43.45
CA THR F 157 -30.16 -11.04 -43.72
C THR F 157 -31.44 -11.73 -44.16
N LYS F 158 -32.58 -11.09 -43.92
CA LYS F 158 -33.85 -11.66 -44.31
C LYS F 158 -34.22 -11.20 -45.72
N LEU F 159 -33.38 -10.36 -46.33
CA LEU F 159 -33.63 -9.90 -47.69
C LEU F 159 -33.46 -11.09 -48.63
N SER F 160 -34.28 -11.14 -49.68
CA SER F 160 -34.23 -12.24 -50.66
C SER F 160 -33.07 -12.03 -51.62
N GLY F 161 -32.37 -13.11 -51.95
CA GLY F 161 -31.28 -13.01 -52.91
C GLY F 161 -31.92 -12.59 -54.22
N ASN F 162 -31.33 -11.61 -54.89
CA ASN F 162 -31.90 -11.11 -56.16
C ASN F 162 -30.87 -11.25 -57.27
N LYS F 163 -29.75 -11.87 -56.95
CA LYS F 163 -28.69 -12.11 -57.91
C LYS F 163 -28.03 -13.39 -57.43
N GLY F 164 -28.66 -14.50 -57.78
CA GLY F 164 -28.17 -15.78 -57.32
C GLY F 164 -28.65 -15.88 -55.89
N GLU F 165 -27.77 -16.26 -54.98
CA GLU F 165 -28.18 -16.36 -53.58
C GLU F 165 -27.73 -15.10 -52.86
N ALA F 166 -27.22 -14.14 -53.61
CA ALA F 166 -26.71 -12.90 -53.03
C ALA F 166 -27.71 -11.74 -53.18
N VAL F 167 -27.60 -10.79 -52.25
CA VAL F 167 -28.43 -9.60 -52.23
C VAL F 167 -27.55 -8.50 -52.80
N VAL F 168 -27.84 -8.10 -54.03
CA VAL F 168 -27.02 -7.10 -54.69
C VAL F 168 -27.88 -5.95 -55.19
N GLU F 169 -27.58 -4.75 -54.71
CA GLU F 169 -28.31 -3.54 -55.08
C GLU F 169 -29.83 -3.81 -54.99
N ALA F 170 -30.26 -4.36 -53.86
CA ALA F 170 -31.68 -4.70 -53.62
C ALA F 170 -32.30 -3.62 -52.74
N GLU F 171 -33.62 -3.49 -52.82
CA GLU F 171 -34.35 -2.47 -52.07
C GLU F 171 -34.47 -2.84 -50.60
N LEU F 172 -34.19 -1.86 -49.74
CA LEU F 172 -34.29 -2.00 -48.26
C LEU F 172 -35.06 -0.76 -47.84
N VAL F 173 -36.23 -0.93 -47.25
CA VAL F 173 -36.99 0.23 -46.83
C VAL F 173 -36.54 0.58 -45.41
N VAL F 174 -35.91 1.75 -45.27
CA VAL F 174 -35.38 2.21 -43.99
C VAL F 174 -36.21 3.39 -43.52
N ASP F 175 -36.97 3.19 -42.44
CA ASP F 175 -37.84 4.22 -41.87
C ASP F 175 -38.71 4.83 -42.98
N GLY F 176 -39.28 3.95 -43.80
CA GLY F 176 -40.17 4.40 -44.86
C GLY F 176 -39.51 4.89 -46.14
N VAL F 177 -38.18 4.95 -46.18
CA VAL F 177 -37.45 5.46 -47.36
C VAL F 177 -36.74 4.28 -48.05
N SER F 178 -36.84 4.20 -49.38
CA SER F 178 -36.21 3.08 -50.13
C SER F 178 -34.76 3.33 -50.49
N TRP F 179 -33.89 2.47 -49.97
CA TRP F 179 -32.48 2.51 -50.25
C TRP F 179 -32.16 1.22 -51.02
N ASN F 180 -31.05 1.21 -51.73
CA ASN F 180 -30.62 0.00 -52.43
C ASN F 180 -29.36 -0.43 -51.66
N VAL F 181 -29.26 -1.72 -51.33
CA VAL F 181 -28.11 -2.19 -50.56
C VAL F 181 -27.62 -3.53 -51.09
N THR F 182 -26.36 -3.84 -50.78
CA THR F 182 -25.74 -5.12 -51.16
C THR F 182 -25.28 -5.70 -49.82
N CYS F 183 -25.50 -7.01 -49.62
CA CYS F 183 -25.14 -7.61 -48.35
C CYS F 183 -23.99 -8.60 -48.51
N VAL F 184 -23.01 -8.49 -47.62
CA VAL F 184 -21.88 -9.42 -47.65
C VAL F 184 -21.36 -9.60 -46.24
N SER F 185 -20.93 -10.81 -45.95
CA SER F 185 -20.39 -11.12 -44.65
C SER F 185 -18.90 -11.41 -44.78
N MET F 186 -18.15 -11.01 -43.77
CA MET F 186 -16.72 -11.26 -43.66
C MET F 186 -16.62 -11.98 -42.32
N GLY F 187 -17.67 -12.75 -42.03
CA GLY F 187 -17.78 -13.44 -40.76
C GLY F 187 -18.83 -12.59 -40.05
N ASN F 188 -18.63 -11.27 -40.09
CA ASN F 188 -19.61 -10.36 -39.51
C ASN F 188 -20.45 -9.81 -40.67
N PRO F 189 -21.66 -9.32 -40.38
CA PRO F 189 -22.54 -8.79 -41.42
C PRO F 189 -22.31 -7.35 -41.84
N HIS F 190 -22.43 -7.10 -43.14
CA HIS F 190 -22.22 -5.76 -43.70
C HIS F 190 -23.33 -5.47 -44.69
N CYS F 191 -23.83 -4.25 -44.62
CA CYS F 191 -24.87 -3.77 -45.50
C CYS F 191 -24.23 -2.57 -46.17
N ILE F 192 -23.96 -2.67 -47.48
CA ILE F 192 -23.28 -1.60 -48.21
C ILE F 192 -24.27 -0.86 -49.12
N THR F 193 -24.22 0.47 -49.12
CA THR F 193 -25.12 1.23 -50.00
C THR F 193 -24.35 2.34 -50.71
N PHE F 194 -24.72 2.57 -51.97
CA PHE F 194 -24.11 3.60 -52.80
C PHE F 194 -25.17 4.67 -53.03
N GLY F 195 -26.29 4.55 -52.30
CA GLY F 195 -27.34 5.53 -52.43
C GLY F 195 -28.76 5.00 -52.33
N LYS F 196 -29.71 5.93 -52.36
CA LYS F 196 -31.12 5.57 -52.26
C LYS F 196 -31.59 5.01 -53.61
N LYS F 197 -32.63 4.20 -53.57
CA LYS F 197 -33.19 3.61 -54.79
C LYS F 197 -33.67 4.77 -55.65
N GLY F 198 -33.23 4.78 -56.92
CA GLY F 198 -33.62 5.84 -57.83
C GLY F 198 -33.04 7.18 -57.44
N GLY F 199 -31.94 7.18 -56.68
CA GLY F 199 -31.34 8.42 -56.25
C GLY F 199 -29.95 8.65 -56.79
N PRO F 200 -29.36 9.83 -56.57
CA PRO F 200 -28.02 10.15 -57.08
C PRO F 200 -26.92 9.49 -56.25
N ASN F 201 -25.67 9.72 -56.64
CA ASN F 201 -24.54 9.17 -55.89
C ASN F 201 -24.50 9.92 -54.56
N LEU F 202 -23.83 9.34 -53.58
CA LEU F 202 -23.74 9.95 -52.26
C LEU F 202 -22.48 10.81 -52.10
N LYS F 203 -22.63 11.82 -51.25
CA LYS F 203 -21.53 12.67 -50.79
C LYS F 203 -21.56 12.21 -49.34
N VAL F 204 -20.80 11.15 -49.02
CA VAL F 204 -20.87 10.56 -47.68
C VAL F 204 -20.66 11.54 -46.55
N ASP F 205 -19.84 12.56 -46.73
CA ASP F 205 -19.61 13.51 -45.64
C ASP F 205 -20.86 14.31 -45.31
N ASP F 206 -21.86 14.30 -46.21
CA ASP F 206 -23.09 15.06 -45.95
C ASP F 206 -24.09 14.22 -45.15
N LEU F 207 -23.82 12.94 -44.95
CA LEU F 207 -24.75 12.08 -44.20
C LEU F 207 -24.70 12.39 -42.71
N ASN F 208 -25.84 12.21 -42.03
CA ASN F 208 -25.93 12.40 -40.58
C ASN F 208 -25.93 10.97 -40.03
N LEU F 209 -24.75 10.42 -39.81
CA LEU F 209 -24.63 9.03 -39.36
C LEU F 209 -25.36 8.71 -38.06
N PRO F 210 -25.23 9.55 -37.03
CA PRO F 210 -25.93 9.23 -35.77
C PRO F 210 -27.43 9.11 -35.95
N GLU F 211 -27.94 9.71 -37.01
CA GLU F 211 -29.38 9.69 -37.28
C GLU F 211 -29.74 8.47 -38.15
N ILE F 212 -29.11 8.33 -39.31
CA ILE F 212 -29.45 7.23 -40.23
C ILE F 212 -28.80 5.89 -39.82
N GLY F 213 -27.59 5.94 -39.28
CA GLY F 213 -26.91 4.70 -38.90
C GLY F 213 -27.70 3.69 -38.09
N PRO F 214 -28.25 4.07 -36.93
CA PRO F 214 -29.01 3.14 -36.09
C PRO F 214 -30.20 2.47 -36.80
N LYS F 215 -30.77 3.15 -37.78
CA LYS F 215 -31.93 2.62 -38.51
C LYS F 215 -31.51 1.42 -39.36
N PHE F 216 -30.25 1.42 -39.80
CA PHE F 216 -29.77 0.29 -40.57
C PHE F 216 -29.29 -0.76 -39.58
N GLU F 217 -28.53 -0.33 -38.57
CA GLU F 217 -27.94 -1.24 -37.60
C GLU F 217 -28.96 -2.21 -36.98
N HIS F 218 -30.10 -1.68 -36.56
CA HIS F 218 -31.12 -2.50 -35.88
C HIS F 218 -32.27 -2.88 -36.81
N HIS F 219 -32.08 -2.74 -38.10
CA HIS F 219 -33.17 -3.05 -39.04
C HIS F 219 -33.65 -4.49 -38.88
N GLU F 220 -34.96 -4.67 -39.00
CA GLU F 220 -35.63 -5.98 -38.87
C GLU F 220 -35.07 -6.98 -39.91
N MET F 221 -34.50 -6.49 -41.01
CA MET F 221 -33.98 -7.40 -42.03
C MET F 221 -32.60 -7.94 -41.66
N PHE F 222 -32.06 -7.52 -40.51
CA PHE F 222 -30.74 -8.01 -40.07
C PHE F 222 -30.89 -8.57 -38.66
N PRO F 223 -31.21 -9.87 -38.57
CA PRO F 223 -31.41 -10.61 -37.30
C PRO F 223 -30.30 -10.45 -36.25
N ALA F 224 -29.06 -10.33 -36.70
CA ALA F 224 -27.94 -10.20 -35.75
C ALA F 224 -27.40 -8.77 -35.82
N ARG F 225 -28.22 -7.85 -36.32
CA ARG F 225 -27.83 -6.44 -36.53
C ARG F 225 -26.83 -6.45 -37.67
N THR F 226 -26.31 -5.28 -38.03
CA THR F 226 -25.37 -5.23 -39.14
C THR F 226 -24.52 -3.97 -39.07
N ASN F 227 -23.37 -4.04 -39.72
CA ASN F 227 -22.48 -2.93 -39.88
C ASN F 227 -22.96 -2.32 -41.19
N THR F 228 -22.83 -1.00 -41.37
CA THR F 228 -23.32 -0.37 -42.59
C THR F 228 -22.25 0.53 -43.17
N GLU F 229 -21.96 0.34 -44.46
CA GLU F 229 -20.97 1.17 -45.12
C GLU F 229 -21.64 2.03 -46.21
N PHE F 230 -21.42 3.34 -46.13
CA PHE F 230 -21.95 4.29 -47.11
C PHE F 230 -20.78 4.61 -48.02
N VAL F 231 -20.96 4.40 -49.32
CA VAL F 231 -19.86 4.54 -50.27
C VAL F 231 -20.07 5.56 -51.37
N GLU F 232 -18.97 6.25 -51.69
CA GLU F 232 -18.88 7.30 -52.72
C GLU F 232 -17.77 6.84 -53.67
N VAL F 233 -18.11 6.48 -54.92
CA VAL F 233 -17.09 6.00 -55.86
C VAL F 233 -16.34 7.21 -56.45
N LEU F 234 -15.01 7.22 -56.29
CA LEU F 234 -14.20 8.32 -56.83
C LEU F 234 -13.65 7.88 -58.20
N SER F 235 -13.35 6.59 -58.34
CA SER F 235 -12.87 6.02 -59.60
C SER F 235 -13.07 4.53 -59.46
N ARG F 236 -12.85 3.75 -60.52
CA ARG F 236 -13.05 2.30 -60.45
C ARG F 236 -12.03 1.65 -59.54
N SER F 237 -11.06 2.39 -59.04
CA SER F 237 -10.05 1.79 -58.16
C SER F 237 -9.87 2.66 -56.92
N HIS F 238 -10.83 3.54 -56.66
CA HIS F 238 -10.72 4.48 -55.53
C HIS F 238 -12.12 4.77 -54.96
N LEU F 239 -12.38 4.28 -53.75
CA LEU F 239 -13.69 4.44 -53.08
C LEU F 239 -13.52 5.21 -51.75
N LYS F 240 -14.49 6.08 -51.46
CA LYS F 240 -14.49 6.86 -50.20
C LYS F 240 -15.69 6.34 -49.38
N MET F 241 -15.53 6.18 -48.08
CA MET F 241 -16.62 5.60 -47.29
C MET F 241 -16.67 6.16 -45.88
N ARG F 242 -17.82 5.93 -45.26
CA ARG F 242 -18.06 6.22 -43.85
C ARG F 242 -18.80 4.99 -43.37
N VAL F 243 -18.66 4.66 -42.09
CA VAL F 243 -19.29 3.44 -41.59
C VAL F 243 -19.99 3.66 -40.25
N TRP F 244 -21.10 2.96 -40.06
CA TRP F 244 -21.80 2.95 -38.78
C TRP F 244 -21.73 1.49 -38.38
N GLU F 245 -20.88 1.20 -37.40
CA GLU F 245 -20.65 -0.18 -36.97
C GLU F 245 -21.64 -0.69 -35.97
N ARG F 246 -21.92 -1.98 -36.12
CA ARG F 246 -22.77 -2.68 -35.19
C ARG F 246 -22.02 -2.58 -33.88
N GLY F 247 -22.73 -2.18 -32.83
CA GLY F 247 -22.15 -2.08 -31.50
C GLY F 247 -20.99 -1.14 -31.23
N ALA F 248 -20.57 -0.33 -32.21
CA ALA F 248 -19.43 0.59 -31.98
C ALA F 248 -19.73 1.97 -32.54
N GLY F 249 -20.71 2.09 -33.43
CA GLY F 249 -21.03 3.41 -33.96
C GLY F 249 -20.21 3.96 -35.10
N ALA F 250 -20.09 5.27 -35.16
CA ALA F 250 -19.34 5.91 -36.26
C ALA F 250 -17.84 5.94 -35.95
N THR F 251 -17.15 4.86 -36.32
CA THR F 251 -15.72 4.73 -36.08
C THR F 251 -14.93 5.40 -37.22
N LEU F 252 -13.63 5.57 -36.99
CA LEU F 252 -12.77 6.22 -37.98
C LEU F 252 -12.39 5.24 -39.09
N ALA F 253 -12.58 3.94 -38.86
CA ALA F 253 -12.23 2.96 -39.91
C ALA F 253 -12.76 1.58 -39.52
N CYS F 254 -12.98 0.74 -40.51
CA CYS F 254 -13.43 -0.63 -40.29
C CYS F 254 -12.84 -1.48 -41.41
N GLY F 255 -11.93 -2.39 -41.05
CA GLY F 255 -11.28 -3.25 -42.02
C GLY F 255 -12.19 -4.26 -42.68
N THR F 256 -13.01 -4.94 -41.90
CA THR F 256 -13.93 -5.91 -42.50
C THR F 256 -14.88 -5.12 -43.39
N GLY F 257 -15.24 -3.90 -42.97
CA GLY F 257 -16.13 -3.08 -43.75
C GLY F 257 -15.54 -2.64 -45.08
N ALA F 258 -14.24 -2.32 -45.08
CA ALA F 258 -13.56 -1.88 -46.30
C ALA F 258 -13.50 -3.08 -47.27
N CYS F 259 -13.32 -4.28 -46.72
CA CYS F 259 -13.28 -5.50 -47.55
C CYS F 259 -14.66 -5.75 -48.15
N ALA F 260 -15.71 -5.64 -47.32
CA ALA F 260 -17.07 -5.91 -47.78
C ALA F 260 -17.53 -4.90 -48.81
N LEU F 261 -17.16 -3.63 -48.68
CA LEU F 261 -17.66 -2.65 -49.63
C LEU F 261 -16.95 -2.79 -50.98
N VAL F 262 -15.73 -3.32 -51.00
CA VAL F 262 -15.06 -3.50 -52.30
C VAL F 262 -15.76 -4.68 -52.99
N VAL F 263 -16.10 -5.70 -52.21
CA VAL F 263 -16.81 -6.86 -52.76
C VAL F 263 -18.13 -6.35 -53.37
N ALA F 264 -18.85 -5.53 -52.62
CA ALA F 264 -20.13 -4.97 -53.07
C ALA F 264 -19.95 -4.11 -54.32
N ALA F 265 -18.91 -3.28 -54.34
CA ALA F 265 -18.66 -2.39 -55.49
C ALA F 265 -18.43 -3.25 -56.76
N VAL F 266 -17.70 -4.36 -56.61
CA VAL F 266 -17.41 -5.25 -57.73
C VAL F 266 -18.71 -5.91 -58.18
N LEU F 267 -19.46 -6.49 -57.25
CA LEU F 267 -20.74 -7.15 -57.57
C LEU F 267 -21.71 -6.19 -58.27
N GLU F 268 -21.69 -4.92 -57.92
CA GLU F 268 -22.62 -3.95 -58.55
C GLU F 268 -22.00 -3.38 -59.82
N GLY F 269 -20.81 -3.84 -60.16
CA GLY F 269 -20.11 -3.37 -61.36
C GLY F 269 -19.61 -1.94 -61.33
N ARG F 270 -19.41 -1.40 -60.12
CA ARG F 270 -18.98 0.00 -59.97
C ARG F 270 -17.46 0.13 -59.81
N ALA F 271 -16.76 -0.95 -59.49
CA ALA F 271 -15.31 -0.83 -59.30
C ALA F 271 -14.62 -2.17 -59.57
N ASP F 272 -13.29 -2.10 -59.66
CA ASP F 272 -12.46 -3.27 -59.92
C ASP F 272 -12.15 -3.97 -58.60
N ARG F 273 -11.53 -5.14 -58.68
CA ARG F 273 -11.20 -5.98 -57.52
C ARG F 273 -10.07 -5.41 -56.66
N LYS F 274 -9.33 -4.44 -57.20
CA LYS F 274 -8.25 -3.81 -56.46
C LYS F 274 -8.63 -2.35 -56.31
N CYS F 275 -8.74 -1.90 -55.07
CA CYS F 275 -9.14 -0.53 -54.79
C CYS F 275 -8.41 0.00 -53.58
N THR F 276 -8.29 1.32 -53.57
CA THR F 276 -7.76 2.04 -52.45
C THR F 276 -9.05 2.53 -51.79
N VAL F 277 -9.25 2.21 -50.52
CA VAL F 277 -10.46 2.65 -49.82
C VAL F 277 -10.08 3.76 -48.85
N ASP F 278 -10.70 4.93 -49.02
CA ASP F 278 -10.44 6.07 -48.13
C ASP F 278 -11.45 6.01 -46.98
N LEU F 279 -10.95 5.79 -45.76
CA LEU F 279 -11.82 5.77 -44.58
C LEU F 279 -11.56 7.08 -43.84
N PRO F 280 -12.45 7.46 -42.91
CA PRO F 280 -12.21 8.72 -42.18
C PRO F 280 -10.81 8.85 -41.58
N GLY F 281 -10.31 7.76 -41.01
CA GLY F 281 -8.98 7.80 -40.40
C GLY F 281 -7.81 7.58 -41.34
N GLY F 282 -8.09 7.24 -42.59
CA GLY F 282 -7.00 7.01 -43.53
C GLY F 282 -7.33 5.96 -44.56
N PRO F 283 -6.38 5.65 -45.46
CA PRO F 283 -6.61 4.65 -46.51
C PRO F 283 -6.16 3.23 -46.21
N LEU F 284 -6.84 2.29 -46.87
CA LEU F 284 -6.53 0.89 -46.77
C LEU F 284 -6.44 0.39 -48.20
N GLU F 285 -5.57 -0.59 -48.46
CA GLU F 285 -5.45 -1.17 -49.81
C GLU F 285 -6.18 -2.50 -49.76
N ILE F 286 -7.19 -2.65 -50.62
CA ILE F 286 -8.01 -3.86 -50.62
C ILE F 286 -7.96 -4.54 -52.00
N GLU F 287 -7.91 -5.85 -52.00
CA GLU F 287 -7.90 -6.61 -53.24
C GLU F 287 -8.67 -7.91 -53.06
N TRP F 288 -9.69 -8.10 -53.88
CA TRP F 288 -10.47 -9.33 -53.86
C TRP F 288 -9.90 -10.18 -55.00
N LYS F 289 -8.94 -11.03 -54.67
CA LYS F 289 -8.26 -11.89 -55.65
C LYS F 289 -9.22 -12.89 -56.27
N GLN F 290 -9.45 -12.75 -57.57
CA GLN F 290 -10.36 -13.64 -58.31
C GLN F 290 -9.76 -15.03 -58.35
N GLU F 291 -8.43 -15.09 -58.43
CA GLU F 291 -7.69 -16.35 -58.48
C GLU F 291 -8.09 -17.32 -57.36
N ASP F 292 -8.27 -16.81 -56.14
CA ASP F 292 -8.61 -17.68 -54.99
C ASP F 292 -9.89 -17.23 -54.28
N ASN F 293 -10.45 -16.11 -54.71
CA ASN F 293 -11.66 -15.55 -54.11
C ASN F 293 -11.37 -15.01 -52.70
N HIS F 294 -10.10 -14.89 -52.35
CA HIS F 294 -9.70 -14.38 -51.03
C HIS F 294 -9.57 -12.86 -51.12
N ILE F 295 -9.71 -12.19 -49.99
CA ILE F 295 -9.60 -10.74 -49.94
C ILE F 295 -8.40 -10.40 -49.08
N TYR F 296 -7.57 -9.48 -49.58
CA TYR F 296 -6.39 -9.05 -48.86
C TYR F 296 -6.54 -7.58 -48.51
N MET F 297 -6.26 -7.25 -47.25
CA MET F 297 -6.37 -5.88 -46.74
C MET F 297 -5.02 -5.47 -46.17
N THR F 298 -4.51 -4.33 -46.61
CA THR F 298 -3.23 -3.87 -46.11
C THR F 298 -3.40 -2.49 -45.48
N GLY F 299 -2.85 -2.32 -44.29
CA GLY F 299 -2.96 -1.04 -43.61
C GLY F 299 -2.05 -0.97 -42.40
N PRO F 300 -2.03 0.19 -41.70
CA PRO F 300 -1.17 0.34 -40.52
C PRO F 300 -1.76 -0.17 -39.22
N ALA F 301 -0.95 -0.09 -38.16
CA ALA F 301 -1.36 -0.49 -36.82
C ALA F 301 -0.30 0.10 -35.91
N GLU F 302 -0.69 0.88 -34.89
CA GLU F 302 0.30 1.52 -34.02
C GLU F 302 -0.04 1.37 -32.54
N ALA F 303 1.00 1.18 -31.74
CA ALA F 303 0.85 1.07 -30.27
C ALA F 303 0.77 2.51 -29.77
N VAL F 304 0.00 2.76 -28.72
CA VAL F 304 -0.17 4.13 -28.22
C VAL F 304 0.35 4.24 -26.81
N PHE F 305 -0.10 3.36 -25.93
CA PHE F 305 0.32 3.37 -24.55
C PHE F 305 -0.02 2.04 -23.94
N TYR F 306 0.51 1.78 -22.75
CA TYR F 306 0.15 0.56 -22.09
C TYR F 306 -0.26 0.93 -20.69
N GLY F 307 -1.07 0.11 -20.05
CA GLY F 307 -1.52 0.48 -18.72
C GLY F 307 -2.22 -0.60 -17.95
N SER F 308 -2.71 -0.21 -16.78
CA SER F 308 -3.40 -1.10 -15.88
C SER F 308 -4.66 -0.39 -15.45
N ALA F 309 -5.80 -1.00 -15.73
CA ALA F 309 -7.10 -0.40 -15.41
C ALA F 309 -7.74 -1.09 -14.21
N LEU F 310 -8.38 -0.29 -13.37
CA LEU F 310 -9.06 -0.81 -12.20
C LEU F 310 -10.32 -1.49 -12.70
N LEU F 311 -10.67 -2.63 -12.11
CA LEU F 311 -11.86 -3.38 -12.54
C LEU F 311 -12.91 -3.37 -11.42
OAE ZDP G . -10.79 27.72 -19.36
CAP ZDP G . -10.73 26.69 -20.10
OAG ZDP G . -10.19 26.74 -21.22
CAS ZDP G . -11.31 25.39 -19.61
NAB ZDP G . -11.45 24.45 -20.73
CAK ZDP G . -10.37 24.81 -18.53
CAJ ZDP G . -10.87 23.49 -17.96
CAM ZDP G . -11.82 23.69 -16.76
CAT ZDP G . -12.39 22.37 -16.14
NAC ZDP G . -13.46 21.81 -17.06
CAQ ZDP G . -13.03 22.63 -14.76
OAH ZDP G . -13.53 21.64 -14.19
OAF ZDP G . -13.03 23.80 -14.24
CAN ZDP G . -11.33 21.24 -16.11
OAE ZDP H . 37.14 14.39 8.24
CAP ZDP H . 36.91 13.14 8.14
OAG ZDP H . 37.44 12.33 8.94
CAS ZDP H . 36.00 12.64 7.06
NAB ZDP H . 36.17 11.18 6.89
CAK ZDP H . 34.52 13.00 7.44
CAJ ZDP H . 33.52 12.50 6.39
CAM ZDP H . 33.24 13.54 5.30
CAT ZDP H . 32.24 13.08 4.20
NAC ZDP H . 32.90 12.06 3.31
CAQ ZDP H . 31.80 14.25 3.30
OAH ZDP H . 31.02 13.96 2.38
OAF ZDP H . 32.24 15.43 3.50
CAN ZDP H . 31.05 12.31 4.81
OAE ZDP I . -11.99 10.11 34.97
CAP ZDP I . -12.70 9.32 34.32
OAG ZDP I . -13.93 9.43 34.29
CAS ZDP I . -12.02 8.21 33.57
NAB ZDP I . -13.00 7.15 33.27
CAK ZDP I . -11.42 8.79 32.27
CAJ ZDP I . -10.70 7.73 31.43
CAM ZDP I . -9.20 7.63 31.79
CAT ZDP I . -8.39 6.56 31.01
NAC ZDP I . -8.80 5.19 31.51
CAQ ZDP I . -6.87 6.70 31.24
OAH ZDP I . -6.17 5.87 30.64
OAF ZDP I . -6.36 7.60 31.99
CAN ZDP I . -8.79 6.56 29.50
OAE ZDP J . -23.00 -23.93 18.52
CAP ZDP J . -22.28 -22.96 18.88
OAG ZDP J . -21.07 -23.13 19.17
CAS ZDP J . -22.90 -21.61 18.97
NAB ZDP J . -22.06 -20.71 19.79
CAK ZDP J . -23.07 -21.03 17.54
CAJ ZDP J . -23.70 -19.63 17.54
CAM ZDP J . -25.25 -19.66 17.52
CAT ZDP J . -25.93 -18.27 17.56
NAC ZDP J . -25.83 -17.71 18.97
CAQ ZDP J . -27.42 -18.36 17.20
OAH ZDP J . -28.05 -17.27 17.20
OAF ZDP J . -27.99 -19.46 16.91
CAN ZDP J . -25.15 -17.24 16.68
OAE ZDP K . 28.43 -21.12 -6.65
CAP ZDP K . 28.39 -19.87 -6.43
OAG ZDP K . 28.13 -19.07 -7.37
CAS ZDP K . 28.68 -19.35 -5.06
NAB ZDP K . 29.07 -17.94 -5.13
CAK ZDP K . 27.39 -19.53 -4.19
CAJ ZDP K . 27.58 -19.03 -2.75
CAM ZDP K . 28.21 -20.11 -1.83
CAT ZDP K . 28.46 -19.67 -0.36
NAC ZDP K . 29.67 -18.76 -0.33
CAQ ZDP K . 28.75 -20.86 0.56
OAH ZDP K . 28.96 -20.59 1.75
OAF ZDP K . 28.77 -22.06 0.12
CAN ZDP K . 27.30 -18.77 0.16
OAE ZDP L . -19.34 -6.74 -36.54
CAP ZDP L . -19.21 -5.88 -35.62
OAG ZDP L . -20.00 -5.86 -34.65
CAS ZDP L . -18.12 -4.88 -35.72
NAB ZDP L . -18.40 -3.75 -34.84
CAK ZDP L . -16.80 -5.57 -35.30
CAJ ZDP L . -15.57 -4.65 -35.37
CAM ZDP L . -14.92 -4.64 -36.77
CAT ZDP L . -13.67 -3.71 -36.92
NAC ZDP L . -14.14 -2.27 -37.04
CAQ ZDP L . -12.88 -4.01 -38.21
OAH ZDP L . -11.87 -3.32 -38.43
OAF ZDP L . -13.24 -4.95 -39.02
CAN ZDP L . -12.80 -3.72 -35.64
#